data_7LT5
#
_entry.id   7LT5
#
_cell.length_a   81.418
_cell.length_b   160.856
_cell.length_c   230.161
_cell.angle_alpha   90.000
_cell.angle_beta   90.000
_cell.angle_gamma   90.000
#
_symmetry.space_group_name_H-M   'P 21 21 21'
#
loop_
_entity.id
_entity.type
_entity.pdbx_description
1 polymer 'Site-specific DNA-methyltransferase (adenine-specific)'
2 polymer 'DNA Strand 2'
3 polymer 'DNA Strand 1'
4 non-polymer S-ADENOSYL-L-HOMOCYSTEINE
5 non-polymer 1,2-ETHANEDIOL
6 water water
#
loop_
_entity_poly.entity_id
_entity_poly.type
_entity_poly.pdbx_seq_one_letter_code
_entity_poly.pdbx_strand_id
1 'polypeptide(L)'
;HMDDISQDNFLLSKEYENSLDVDTKKASGIYYTPKIIVDYIVKKTLKNHDIIKNPYPRILDISCGCGNFLLEVYDILYDL
FEENIYELKKKYDENYWTVDNIHRHILNYCIYGADIDEKAISILKDSLTNKKVVNDLDESDIKINLFCCDSLKKKWRYKF
DYIVGNPPYIGHKKLEKKYKKFLLEKYSEVYKDKADLYFCFYKKIIDILKQGGIGSVITPRYFLESLSGKDLREYIKSNV
NVQEIVDFLGANIFKNIGVSSCILTFDKKKTKETYIDVFKIKNEDICINKFETLEELLKSSKFEHFNINQRLLSDEWILV
NKDDETFYNKIQEKCKYSLEDIAISFQGIITGCDKAFILSKDDVKLNLVDDKFLKCWIKSKNINKYIVDKSEYRLIYSND
IDNENTNKRILDEIIGLYKTKLENRRECKSGIRKWYELQWGREKLFFERKKIMYPYKSNENRFAIDYDNNFSSADVYSFF
IKEEYLDKFSYEYLVGILNSSVYDKYFKITAKKMSKNIYDYYPNKVMKIRIFRDNNYEEIENLSKQIISILLNKSIDKGK
VEKLQIKMDNLIMDSLGI
;
A,B,C
2 'polydeoxyribonucleotide' (DA)(DT)(DG)(DG)(DG)(DA)(DC)(DT)(DT)(DT)(DT)(DT)(DG)(DA) E,G,I
3 'polydeoxyribonucleotide' (DT)(DT)(DC)(DA)(DA)(DA)(DA)(DA)(DG)(DT)(DC)(DC)(DC)(DA) D,F,H
#
loop_
_chem_comp.id
_chem_comp.type
_chem_comp.name
_chem_comp.formula
DA DNA linking 2'-DEOXYADENOSINE-5'-MONOPHOSPHATE 'C10 H14 N5 O6 P'
DC DNA linking 2'-DEOXYCYTIDINE-5'-MONOPHOSPHATE 'C9 H14 N3 O7 P'
DG DNA linking 2'-DEOXYGUANOSINE-5'-MONOPHOSPHATE 'C10 H14 N5 O7 P'
DT DNA linking THYMIDINE-5'-MONOPHOSPHATE 'C10 H15 N2 O8 P'
EDO non-polymer 1,2-ETHANEDIOL 'C2 H6 O2'
#
# COMPACT_ATOMS: atom_id res chain seq x y z
N SER A 6 -59.66 -46.32 -0.57
CA SER A 6 -58.32 -45.88 -0.92
C SER A 6 -58.01 -44.53 -0.28
N GLN A 7 -56.72 -44.26 -0.09
CA GLN A 7 -56.28 -43.08 0.63
C GLN A 7 -56.14 -41.87 -0.29
N ASP A 8 -56.40 -40.69 0.26
CA ASP A 8 -56.22 -39.42 -0.44
C ASP A 8 -54.84 -38.89 -0.07
N ASN A 9 -53.88 -39.04 -0.97
CA ASN A 9 -52.50 -38.64 -0.69
C ASN A 9 -52.31 -37.13 -0.67
N PHE A 10 -53.31 -36.35 -1.07
CA PHE A 10 -53.20 -34.91 -1.17
C PHE A 10 -54.08 -34.16 -0.17
N LEU A 11 -54.50 -34.84 0.90
CA LEU A 11 -55.40 -34.23 1.87
C LEU A 11 -54.65 -33.62 3.05
N LEU A 12 -53.82 -34.43 3.73
CA LEU A 12 -53.04 -33.93 4.84
C LEU A 12 -52.05 -32.86 4.39
N SER A 13 -51.47 -33.03 3.20
CA SER A 13 -50.58 -32.02 2.65
C SER A 13 -51.32 -30.71 2.40
N LYS A 14 -52.55 -30.79 1.88
CA LYS A 14 -53.34 -29.59 1.67
C LYS A 14 -53.68 -28.90 2.99
N GLU A 15 -54.01 -29.69 4.02
CA GLU A 15 -54.27 -29.10 5.33
C GLU A 15 -53.03 -28.40 5.88
N TYR A 16 -51.87 -29.03 5.74
CA TYR A 16 -50.63 -28.41 6.22
C TYR A 16 -50.33 -27.13 5.45
N GLU A 17 -50.59 -27.14 4.14
CA GLU A 17 -50.43 -25.92 3.34
C GLU A 17 -51.35 -24.81 3.85
N ASN A 18 -52.61 -25.15 4.14
CA ASN A 18 -53.55 -24.15 4.65
C ASN A 18 -53.12 -23.62 6.01
N SER A 19 -52.45 -24.44 6.83
CA SER A 19 -52.02 -23.99 8.14
C SER A 19 -51.03 -22.84 8.05
N LEU A 20 -50.10 -22.90 7.11
CA LEU A 20 -49.04 -21.91 7.01
C LEU A 20 -49.59 -20.57 6.50
N ASP A 21 -48.86 -19.50 6.80
CA ASP A 21 -49.17 -18.18 6.28
C ASP A 21 -48.30 -17.89 5.05
N VAL A 22 -48.49 -16.69 4.49
CA VAL A 22 -47.84 -16.35 3.23
C VAL A 22 -46.34 -16.19 3.40
N ASP A 23 -45.90 -15.52 4.48
CA ASP A 23 -44.49 -15.22 4.65
C ASP A 23 -43.66 -16.48 4.83
N THR A 24 -44.13 -17.43 5.64
CA THR A 24 -43.39 -18.67 5.82
C THR A 24 -43.38 -19.50 4.54
N LYS A 25 -44.43 -19.41 3.73
CA LYS A 25 -44.43 -20.07 2.43
C LYS A 25 -43.38 -19.47 1.51
N LYS A 26 -43.33 -18.14 1.42
CA LYS A 26 -42.38 -17.48 0.52
C LYS A 26 -40.94 -17.71 0.97
N ALA A 27 -40.70 -17.70 2.29
CA ALA A 27 -39.34 -17.80 2.79
C ALA A 27 -38.71 -19.16 2.47
N SER A 28 -39.52 -20.20 2.29
CA SER A 28 -39.02 -21.54 2.03
C SER A 28 -39.58 -22.17 0.76
N GLY A 29 -40.39 -21.44 0.00
CA GLY A 29 -40.96 -21.98 -1.22
C GLY A 29 -41.86 -23.17 -0.99
N ILE A 30 -42.74 -23.10 0.01
CA ILE A 30 -43.61 -24.22 0.38
C ILE A 30 -44.89 -24.09 -0.44
N TYR A 31 -44.86 -24.66 -1.65
CA TYR A 31 -46.02 -24.67 -2.55
C TYR A 31 -46.08 -26.06 -3.20
N TYR A 32 -47.00 -26.89 -2.73
CA TYR A 32 -47.05 -28.28 -3.15
C TYR A 32 -47.70 -28.43 -4.52
N THR A 33 -47.30 -29.48 -5.23
CA THR A 33 -47.67 -29.75 -6.63
C THR A 33 -49.06 -30.40 -6.70
N PRO A 34 -49.91 -29.98 -7.64
CA PRO A 34 -51.22 -30.61 -7.79
C PRO A 34 -51.10 -32.04 -8.31
N LYS A 35 -52.20 -32.79 -8.14
CA LYS A 35 -52.17 -34.23 -8.38
C LYS A 35 -51.94 -34.58 -9.84
N ILE A 36 -52.43 -33.75 -10.77
CA ILE A 36 -52.30 -34.09 -12.19
C ILE A 36 -50.83 -34.09 -12.60
N ILE A 37 -50.07 -33.07 -12.19
CA ILE A 37 -48.65 -32.99 -12.50
C ILE A 37 -47.90 -34.13 -11.84
N VAL A 38 -48.24 -34.44 -10.59
CA VAL A 38 -47.58 -35.53 -9.88
C VAL A 38 -47.81 -36.86 -10.59
N ASP A 39 -49.07 -37.11 -10.99
CA ASP A 39 -49.37 -38.34 -11.72
C ASP A 39 -48.56 -38.42 -13.00
N TYR A 40 -48.52 -37.31 -13.76
CA TYR A 40 -47.78 -37.33 -15.02
C TYR A 40 -46.31 -37.64 -14.79
N ILE A 41 -45.68 -36.95 -13.83
CA ILE A 41 -44.25 -37.12 -13.60
C ILE A 41 -43.94 -38.53 -13.11
N VAL A 42 -44.70 -39.01 -12.13
CA VAL A 42 -44.42 -40.32 -11.54
C VAL A 42 -44.61 -41.42 -12.58
N LYS A 43 -45.72 -41.37 -13.32
CA LYS A 43 -45.96 -42.42 -14.31
C LYS A 43 -45.00 -42.29 -15.49
N LYS A 44 -44.52 -41.09 -15.80
CA LYS A 44 -43.52 -40.94 -16.84
C LYS A 44 -42.20 -41.59 -16.42
N THR A 45 -41.81 -41.42 -15.16
CA THR A 45 -40.55 -41.99 -14.71
C THR A 45 -40.63 -43.50 -14.48
N LEU A 46 -41.77 -44.00 -14.01
CA LEU A 46 -41.84 -45.38 -13.52
C LEU A 46 -42.73 -46.31 -14.33
N LYS A 47 -43.29 -45.87 -15.46
CA LYS A 47 -44.18 -46.75 -16.22
C LYS A 47 -43.43 -47.97 -16.76
N ASN A 48 -42.24 -47.75 -17.31
CA ASN A 48 -41.51 -48.81 -18.01
C ASN A 48 -40.42 -49.44 -17.16
N HIS A 49 -40.43 -49.23 -15.85
CA HIS A 49 -39.41 -49.82 -14.99
C HIS A 49 -39.54 -51.34 -15.00
N ASP A 50 -38.40 -52.03 -15.12
CA ASP A 50 -38.36 -53.49 -15.10
C ASP A 50 -38.10 -53.92 -13.66
N ILE A 51 -39.19 -54.14 -12.93
CA ILE A 51 -39.06 -54.45 -11.50
C ILE A 51 -38.44 -55.83 -11.28
N ILE A 52 -38.59 -56.73 -12.25
CA ILE A 52 -37.93 -58.03 -12.15
C ILE A 52 -36.43 -57.89 -12.35
N LYS A 53 -36.02 -57.09 -13.33
CA LYS A 53 -34.60 -56.86 -13.56
C LYS A 53 -33.96 -56.13 -12.38
N ASN A 54 -34.64 -55.12 -11.83
CA ASN A 54 -34.14 -54.35 -10.70
C ASN A 54 -35.26 -54.14 -9.70
N PRO A 55 -35.39 -55.02 -8.71
CA PRO A 55 -36.39 -54.84 -7.65
C PRO A 55 -35.96 -53.92 -6.52
N TYR A 56 -34.85 -53.19 -6.66
CA TYR A 56 -34.39 -52.25 -5.65
C TYR A 56 -34.18 -50.86 -6.25
N PRO A 57 -35.23 -50.24 -6.79
CA PRO A 57 -35.06 -48.91 -7.38
C PRO A 57 -35.08 -47.84 -6.28
N ARG A 58 -34.08 -46.97 -6.29
CA ARG A 58 -33.97 -45.89 -5.32
C ARG A 58 -34.59 -44.63 -5.94
N ILE A 59 -35.71 -44.19 -5.39
CA ILE A 59 -36.49 -43.08 -5.91
C ILE A 59 -36.47 -41.98 -4.85
N LEU A 60 -36.04 -40.79 -5.23
CA LEU A 60 -35.75 -39.70 -4.30
C LEU A 60 -36.55 -38.45 -4.63
N ASP A 61 -36.95 -37.74 -3.56
CA ASP A 61 -37.45 -36.38 -3.67
C ASP A 61 -36.71 -35.55 -2.62
N ILE A 62 -35.81 -34.67 -3.07
CA ILE A 62 -35.01 -33.86 -2.14
C ILE A 62 -35.79 -32.68 -1.58
N SER A 63 -37.02 -32.47 -2.01
CA SER A 63 -37.90 -31.43 -1.47
C SER A 63 -39.29 -32.01 -1.25
N CYS A 64 -39.34 -33.17 -0.57
CA CYS A 64 -40.56 -33.97 -0.54
C CYS A 64 -41.72 -33.25 0.13
N GLY A 65 -41.44 -32.36 1.08
CA GLY A 65 -42.53 -31.72 1.80
C GLY A 65 -43.33 -32.75 2.57
N CYS A 66 -44.66 -32.69 2.42
CA CYS A 66 -45.53 -33.67 3.04
C CYS A 66 -45.64 -34.96 2.23
N GLY A 67 -45.08 -34.99 1.03
CA GLY A 67 -45.02 -36.22 0.26
C GLY A 67 -46.05 -36.35 -0.84
N ASN A 68 -46.31 -35.25 -1.57
CA ASN A 68 -47.21 -35.33 -2.71
C ASN A 68 -46.67 -36.28 -3.77
N PHE A 69 -45.35 -36.32 -3.96
CA PHE A 69 -44.78 -37.24 -4.92
C PHE A 69 -44.55 -38.62 -4.32
N LEU A 70 -44.09 -38.68 -3.08
CA LEU A 70 -43.63 -39.95 -2.52
C LEU A 70 -44.79 -40.91 -2.24
N LEU A 71 -45.97 -40.40 -1.89
CA LEU A 71 -47.10 -41.29 -1.65
C LEU A 71 -47.59 -41.91 -2.96
N GLU A 72 -47.66 -41.12 -4.04
CA GLU A 72 -47.99 -41.67 -5.34
C GLU A 72 -46.93 -42.65 -5.81
N VAL A 73 -45.65 -42.37 -5.52
CA VAL A 73 -44.59 -43.31 -5.81
C VAL A 73 -44.80 -44.61 -5.06
N TYR A 74 -45.21 -44.52 -3.79
CA TYR A 74 -45.51 -45.72 -3.02
C TYR A 74 -46.62 -46.54 -3.66
N ASP A 75 -47.69 -45.86 -4.11
CA ASP A 75 -48.80 -46.57 -4.74
C ASP A 75 -48.33 -47.30 -6.01
N ILE A 76 -47.57 -46.58 -6.85
CA ILE A 76 -47.09 -47.18 -8.10
C ILE A 76 -46.18 -48.36 -7.81
N LEU A 77 -45.28 -48.21 -6.83
CA LEU A 77 -44.36 -49.29 -6.48
C LEU A 77 -45.11 -50.50 -5.93
N TYR A 78 -46.13 -50.27 -5.09
CA TYR A 78 -46.89 -51.38 -4.55
C TYR A 78 -47.58 -52.15 -5.67
N ASP A 79 -48.19 -51.42 -6.62
CA ASP A 79 -48.81 -52.11 -7.75
C ASP A 79 -47.77 -52.90 -8.56
N LEU A 80 -46.61 -52.28 -8.80
CA LEU A 80 -45.55 -52.95 -9.58
C LEU A 80 -45.11 -54.24 -8.91
N PHE A 81 -44.84 -54.19 -7.60
CA PHE A 81 -44.39 -55.38 -6.89
C PHE A 81 -45.50 -56.43 -6.82
N GLU A 82 -46.74 -56.01 -6.58
CA GLU A 82 -47.83 -56.96 -6.43
C GLU A 82 -48.12 -57.68 -7.74
N GLU A 83 -47.95 -57.00 -8.88
CA GLU A 83 -48.24 -57.65 -10.16
C GLU A 83 -47.21 -58.71 -10.54
N ASN A 84 -45.98 -58.63 -10.01
CA ASN A 84 -44.93 -59.57 -10.35
C ASN A 84 -44.35 -60.28 -9.12
N ILE A 85 -45.13 -60.35 -8.04
CA ILE A 85 -44.66 -60.97 -6.81
C ILE A 85 -44.23 -62.42 -7.05
N TYR A 86 -44.98 -63.17 -7.85
CA TYR A 86 -44.63 -64.58 -8.02
C TYR A 86 -43.39 -64.76 -8.89
N GLU A 87 -43.21 -63.92 -9.91
CA GLU A 87 -41.98 -63.97 -10.70
CA GLU A 87 -41.99 -63.99 -10.69
C GLU A 87 -40.78 -63.60 -9.84
N LEU A 88 -40.93 -62.58 -8.99
CA LEU A 88 -39.84 -62.22 -8.09
C LEU A 88 -39.56 -63.35 -7.10
N LYS A 89 -40.60 -64.01 -6.62
CA LYS A 89 -40.44 -65.13 -5.69
C LYS A 89 -39.67 -66.26 -6.34
N LYS A 90 -39.97 -66.58 -7.60
CA LYS A 90 -39.27 -67.66 -8.28
C LYS A 90 -37.84 -67.28 -8.62
N LYS A 91 -37.62 -66.03 -9.06
CA LYS A 91 -36.29 -65.62 -9.52
C LYS A 91 -35.32 -65.38 -8.35
N TYR A 92 -35.83 -64.96 -7.19
CA TYR A 92 -35.01 -64.59 -6.04
C TYR A 92 -35.46 -65.41 -4.83
N ASP A 93 -35.01 -64.98 -3.65
CA ASP A 93 -35.38 -65.61 -2.39
C ASP A 93 -36.89 -65.82 -2.31
N GLU A 94 -37.30 -67.09 -2.18
CA GLU A 94 -38.73 -67.41 -2.16
C GLU A 94 -39.42 -66.87 -0.93
N ASN A 95 -38.72 -66.82 0.21
CA ASN A 95 -39.33 -66.40 1.46
C ASN A 95 -39.37 -64.88 1.61
N TYR A 96 -38.48 -64.16 0.91
CA TYR A 96 -38.48 -62.71 1.01
C TYR A 96 -39.61 -62.07 0.23
N TRP A 97 -39.92 -62.61 -0.95
CA TRP A 97 -40.88 -61.99 -1.86
C TRP A 97 -42.27 -62.57 -1.64
N THR A 98 -43.00 -61.95 -0.72
CA THR A 98 -44.41 -62.22 -0.49
C THR A 98 -45.14 -60.89 -0.50
N VAL A 99 -46.46 -60.96 -0.73
CA VAL A 99 -47.26 -59.73 -0.77
C VAL A 99 -47.20 -59.02 0.58
N ASP A 100 -47.32 -59.77 1.67
CA ASP A 100 -47.33 -59.17 3.00
C ASP A 100 -46.03 -58.45 3.32
N ASN A 101 -44.96 -58.74 2.59
CA ASN A 101 -43.67 -58.10 2.81
C ASN A 101 -43.39 -56.96 1.85
N ILE A 102 -44.30 -56.65 0.93
CA ILE A 102 -44.04 -55.61 -0.06
C ILE A 102 -43.85 -54.26 0.60
N HIS A 103 -44.80 -53.87 1.47
CA HIS A 103 -44.74 -52.59 2.18
C HIS A 103 -43.37 -52.37 2.82
N ARG A 104 -43.00 -53.27 3.74
CA ARG A 104 -41.72 -53.16 4.43
C ARG A 104 -40.56 -53.05 3.45
N HIS A 105 -40.65 -53.72 2.30
CA HIS A 105 -39.57 -53.62 1.32
C HIS A 105 -39.47 -52.20 0.78
N ILE A 106 -40.59 -51.64 0.32
CA ILE A 106 -40.56 -50.33 -0.33
C ILE A 106 -39.91 -49.30 0.60
N LEU A 107 -40.50 -49.10 1.78
CA LEU A 107 -39.99 -48.12 2.73
C LEU A 107 -38.53 -48.38 3.07
N ASN A 108 -38.09 -49.64 3.02
CA ASN A 108 -36.71 -49.92 3.40
C ASN A 108 -35.72 -49.57 2.29
N TYR A 109 -36.11 -49.68 1.03
CA TYR A 109 -35.12 -49.63 -0.04
C TYR A 109 -35.47 -48.73 -1.21
N CYS A 110 -36.70 -48.22 -1.31
CA CYS A 110 -37.14 -47.61 -2.56
C CYS A 110 -37.48 -46.13 -2.47
N ILE A 111 -37.98 -45.65 -1.33
CA ILE A 111 -38.47 -44.29 -1.20
C ILE A 111 -37.54 -43.49 -0.30
N TYR A 112 -37.06 -42.36 -0.83
CA TYR A 112 -36.16 -41.48 -0.10
C TYR A 112 -36.68 -40.05 -0.23
N GLY A 113 -36.72 -39.34 0.90
CA GLY A 113 -37.20 -37.97 0.91
C GLY A 113 -36.34 -37.09 1.80
N ALA A 114 -36.19 -35.84 1.37
CA ALA A 114 -35.43 -34.84 2.12
C ALA A 114 -36.20 -33.54 2.14
N ASP A 115 -36.11 -32.82 3.26
CA ASP A 115 -36.75 -31.51 3.40
C ASP A 115 -36.28 -30.86 4.68
N ILE A 116 -36.16 -29.54 4.66
CA ILE A 116 -35.82 -28.78 5.85
C ILE A 116 -36.98 -28.64 6.83
N ASP A 117 -38.20 -28.94 6.39
CA ASP A 117 -39.40 -28.74 7.20
C ASP A 117 -39.62 -29.98 8.06
N GLU A 118 -39.40 -29.83 9.37
CA GLU A 118 -39.51 -30.97 10.29
C GLU A 118 -40.94 -31.48 10.38
N LYS A 119 -41.92 -30.58 10.50
CA LYS A 119 -43.31 -30.99 10.63
C LYS A 119 -43.80 -31.70 9.38
N ALA A 120 -43.42 -31.20 8.21
CA ALA A 120 -43.81 -31.86 6.96
C ALA A 120 -43.18 -33.25 6.88
N ILE A 121 -41.93 -33.38 7.36
CA ILE A 121 -41.29 -34.70 7.38
C ILE A 121 -42.05 -35.64 8.29
N SER A 122 -42.46 -35.17 9.46
CA SER A 122 -43.21 -36.04 10.38
C SER A 122 -44.55 -36.45 9.79
N ILE A 123 -45.23 -35.52 9.12
CA ILE A 123 -46.52 -35.83 8.49
C ILE A 123 -46.34 -36.86 7.39
N LEU A 124 -45.30 -36.70 6.57
CA LEU A 124 -45.02 -37.68 5.51
C LEU A 124 -44.67 -39.04 6.10
N LYS A 125 -43.90 -39.04 7.20
CA LYS A 125 -43.56 -40.29 7.86
C LYS A 125 -44.81 -41.02 8.36
N ASP A 126 -45.72 -40.28 8.97
CA ASP A 126 -46.97 -40.89 9.44
C ASP A 126 -47.80 -41.40 8.25
N SER A 127 -47.84 -40.64 7.16
CA SER A 127 -48.59 -41.09 5.99
C SER A 127 -48.00 -42.37 5.40
N LEU A 128 -46.67 -42.45 5.33
CA LEU A 128 -46.02 -43.65 4.83
C LEU A 128 -46.26 -44.83 5.77
N THR A 129 -46.20 -44.60 7.08
CA THR A 129 -46.46 -45.67 8.03
C THR A 129 -47.89 -46.18 7.91
N ASN A 130 -48.85 -45.28 7.72
CA ASN A 130 -50.26 -45.64 7.66
C ASN A 130 -50.67 -46.26 6.33
N LYS A 131 -49.74 -46.47 5.41
CA LYS A 131 -50.06 -47.19 4.18
C LYS A 131 -50.44 -48.65 4.44
N LYS A 132 -50.10 -49.17 5.62
CA LYS A 132 -50.45 -50.53 6.00
C LYS A 132 -50.99 -50.53 7.43
N VAL A 133 -51.99 -51.36 7.68
CA VAL A 133 -52.57 -51.46 9.01
C VAL A 133 -52.36 -52.87 9.58
N GLU A 139 -44.59 -55.65 15.57
CA GLU A 139 -43.41 -56.10 14.83
C GLU A 139 -42.28 -55.09 14.93
N SER A 140 -41.23 -55.31 14.15
CA SER A 140 -40.13 -54.36 14.09
C SER A 140 -40.57 -53.07 13.40
N ASP A 141 -40.09 -51.94 13.91
CA ASP A 141 -40.38 -50.65 13.32
C ASP A 141 -39.52 -50.44 12.08
N ILE A 142 -40.17 -50.31 10.92
CA ILE A 142 -39.44 -50.16 9.67
C ILE A 142 -38.71 -48.83 9.64
N LYS A 143 -37.46 -48.86 9.18
CA LYS A 143 -36.66 -47.65 9.05
C LYS A 143 -37.02 -46.94 7.75
N ILE A 144 -37.57 -45.73 7.84
CA ILE A 144 -38.01 -44.96 6.69
C ILE A 144 -36.91 -43.97 6.32
N ASN A 145 -36.60 -43.88 5.03
CA ASN A 145 -35.49 -43.06 4.55
C ASN A 145 -35.96 -41.62 4.30
N LEU A 146 -36.19 -40.91 5.41
CA LEU A 146 -36.56 -39.50 5.38
C LEU A 146 -35.53 -38.69 6.15
N PHE A 147 -34.99 -37.66 5.50
CA PHE A 147 -33.94 -36.83 6.07
C PHE A 147 -34.46 -35.41 6.25
N CYS A 148 -34.32 -34.88 7.48
CA CYS A 148 -34.62 -33.49 7.77
C CYS A 148 -33.30 -32.72 7.69
N CYS A 149 -33.07 -32.09 6.54
CA CYS A 149 -31.77 -31.48 6.27
C CYS A 149 -31.90 -30.49 5.13
N ASP A 150 -30.86 -29.69 4.96
CA ASP A 150 -30.70 -28.85 3.78
C ASP A 150 -30.10 -29.72 2.67
N SER A 151 -30.89 -29.99 1.63
CA SER A 151 -30.43 -30.88 0.56
C SER A 151 -29.21 -30.32 -0.14
N LEU A 152 -29.03 -29.00 -0.13
CA LEU A 152 -27.88 -28.39 -0.78
C LEU A 152 -26.62 -28.43 0.08
N LYS A 153 -26.73 -28.80 1.35
CA LYS A 153 -25.57 -28.99 2.22
C LYS A 153 -25.31 -30.44 2.58
N LYS A 154 -26.30 -31.32 2.40
CA LYS A 154 -26.17 -32.70 2.85
C LYS A 154 -25.10 -33.44 2.06
N LYS A 155 -24.27 -34.19 2.78
CA LYS A 155 -23.32 -35.10 2.14
C LYS A 155 -24.07 -36.38 1.78
N TRP A 156 -24.44 -36.52 0.51
CA TRP A 156 -25.17 -37.69 0.05
C TRP A 156 -24.20 -38.86 -0.14
N ARG A 157 -24.53 -39.99 0.48
CA ARG A 157 -23.64 -41.15 0.49
C ARG A 157 -23.82 -42.07 -0.71
N TYR A 158 -24.88 -41.89 -1.51
CA TYR A 158 -25.07 -42.71 -2.70
C TYR A 158 -26.02 -42.00 -3.65
N LYS A 159 -26.00 -42.45 -4.91
CA LYS A 159 -26.83 -41.85 -5.95
C LYS A 159 -28.15 -42.61 -6.07
N PHE A 160 -29.00 -42.16 -6.99
CA PHE A 160 -30.39 -42.62 -7.04
C PHE A 160 -30.79 -42.99 -8.46
N ASP A 161 -31.70 -43.96 -8.56
CA ASP A 161 -32.21 -44.39 -9.85
C ASP A 161 -33.18 -43.36 -10.44
N TYR A 162 -34.06 -42.80 -9.61
CA TYR A 162 -35.06 -41.85 -10.07
C TYR A 162 -35.14 -40.70 -9.09
N ILE A 163 -35.22 -39.48 -9.62
CA ILE A 163 -35.37 -38.28 -8.81
C ILE A 163 -36.54 -37.47 -9.37
N VAL A 164 -37.59 -37.30 -8.57
CA VAL A 164 -38.76 -36.53 -8.95
C VAL A 164 -39.05 -35.52 -7.83
N GLY A 165 -39.74 -34.47 -8.19
CA GLY A 165 -40.22 -33.52 -7.20
C GLY A 165 -40.29 -32.12 -7.76
N ASN A 166 -40.44 -31.17 -6.83
CA ASN A 166 -40.62 -29.75 -7.11
C ASN A 166 -39.76 -28.95 -6.13
N PRO A 167 -38.69 -28.32 -6.60
CA PRO A 167 -37.78 -27.61 -5.70
C PRO A 167 -38.38 -26.28 -5.26
N PRO A 168 -37.84 -25.68 -4.20
CA PRO A 168 -38.27 -24.32 -3.85
C PRO A 168 -37.70 -23.30 -4.83
N TYR A 169 -38.50 -22.28 -5.13
CA TYR A 169 -38.07 -21.15 -5.95
C TYR A 169 -37.92 -19.94 -5.04
N ILE A 170 -36.70 -19.42 -4.94
CA ILE A 170 -36.43 -18.20 -4.17
C ILE A 170 -35.53 -17.31 -5.01
N GLY A 171 -35.99 -16.07 -5.26
CA GLY A 171 -35.23 -15.13 -6.06
C GLY A 171 -34.11 -14.47 -5.29
N HIS A 172 -33.43 -13.55 -5.98
CA HIS A 172 -32.25 -12.91 -5.42
C HIS A 172 -32.57 -11.89 -4.34
N LYS A 173 -33.82 -11.46 -4.21
CA LYS A 173 -34.19 -10.52 -3.15
C LYS A 173 -34.61 -11.22 -1.86
N LYS A 174 -35.26 -12.38 -1.98
CA LYS A 174 -35.81 -13.07 -0.82
C LYS A 174 -34.81 -14.02 -0.16
N LEU A 175 -33.60 -14.11 -0.69
CA LEU A 175 -32.58 -15.02 -0.18
C LEU A 175 -31.65 -14.28 0.78
N GLU A 176 -31.26 -14.96 1.85
CA GLU A 176 -30.40 -14.34 2.86
C GLU A 176 -29.00 -14.10 2.33
N LYS A 177 -28.30 -13.15 2.94
CA LYS A 177 -26.97 -12.76 2.49
C LYS A 177 -25.96 -13.88 2.70
N LYS A 178 -25.92 -14.46 3.90
CA LYS A 178 -24.94 -15.51 4.19
C LYS A 178 -25.22 -16.76 3.36
N TYR A 179 -26.49 -17.13 3.21
CA TYR A 179 -26.83 -18.29 2.40
C TYR A 179 -26.49 -18.03 0.93
N LYS A 180 -26.71 -16.81 0.45
CA LYS A 180 -26.34 -16.47 -0.92
C LYS A 180 -24.83 -16.56 -1.11
N LYS A 181 -24.06 -16.13 -0.10
CA LYS A 181 -22.61 -16.27 -0.16
C LYS A 181 -22.21 -17.74 -0.25
N PHE A 182 -22.87 -18.59 0.55
CA PHE A 182 -22.60 -20.02 0.48
C PHE A 182 -22.91 -20.57 -0.91
N LEU A 183 -24.05 -20.19 -1.49
CA LEU A 183 -24.42 -20.67 -2.81
C LEU A 183 -23.42 -20.21 -3.87
N LEU A 184 -22.99 -18.95 -3.79
CA LEU A 184 -22.00 -18.45 -4.74
C LEU A 184 -20.67 -19.16 -4.59
N GLU A 185 -20.30 -19.54 -3.36
CA GLU A 185 -19.02 -20.21 -3.14
C GLU A 185 -19.06 -21.65 -3.62
N LYS A 186 -20.16 -22.37 -3.36
CA LYS A 186 -20.19 -23.80 -3.60
C LYS A 186 -20.95 -24.21 -4.86
N TYR A 187 -21.87 -23.39 -5.34
CA TYR A 187 -22.67 -23.70 -6.52
C TYR A 187 -22.39 -22.73 -7.67
N SER A 188 -21.14 -22.27 -7.80
CA SER A 188 -20.80 -21.27 -8.78
C SER A 188 -20.97 -21.75 -10.23
N GLU A 189 -21.09 -23.06 -10.44
CA GLU A 189 -21.29 -23.56 -11.80
C GLU A 189 -22.65 -23.16 -12.38
N VAL A 190 -23.64 -22.90 -11.53
CA VAL A 190 -24.99 -22.62 -12.02
C VAL A 190 -25.56 -21.36 -11.36
N TYR A 191 -24.94 -20.90 -10.28
CA TYR A 191 -25.50 -19.81 -9.48
C TYR A 191 -24.55 -18.62 -9.47
N LYS A 192 -24.91 -17.58 -10.23
CA LYS A 192 -24.22 -16.31 -10.20
C LYS A 192 -25.24 -15.19 -10.32
N ASP A 193 -24.85 -14.00 -9.83
CA ASP A 193 -25.56 -12.74 -10.09
C ASP A 193 -27.03 -12.89 -9.68
N LYS A 194 -27.99 -12.78 -10.59
CA LYS A 194 -29.40 -12.75 -10.24
C LYS A 194 -30.07 -14.11 -10.42
N ALA A 195 -29.35 -15.19 -10.12
CA ALA A 195 -29.86 -16.54 -10.29
C ALA A 195 -30.85 -16.91 -9.18
N ASP A 196 -31.43 -18.10 -9.30
CA ASP A 196 -32.45 -18.58 -8.39
C ASP A 196 -31.98 -19.88 -7.74
N LEU A 197 -32.56 -20.18 -6.58
CA LEU A 197 -32.17 -21.36 -5.80
C LEU A 197 -32.43 -22.66 -6.56
N TYR A 198 -33.50 -22.70 -7.38
CA TYR A 198 -33.79 -23.92 -8.10
C TYR A 198 -32.72 -24.25 -9.14
N PHE A 199 -31.87 -23.29 -9.51
CA PHE A 199 -30.68 -23.62 -10.30
C PHE A 199 -29.80 -24.59 -9.51
N CYS A 200 -29.53 -24.26 -8.25
CA CYS A 200 -28.73 -25.13 -7.40
C CYS A 200 -29.41 -26.46 -7.18
N PHE A 201 -30.74 -26.46 -7.05
CA PHE A 201 -31.45 -27.72 -6.91
C PHE A 201 -31.33 -28.57 -8.16
N TYR A 202 -31.38 -27.95 -9.35
CA TYR A 202 -31.13 -28.67 -10.59
C TYR A 202 -29.74 -29.31 -10.57
N LYS A 203 -28.73 -28.53 -10.17
CA LYS A 203 -27.37 -29.06 -10.14
C LYS A 203 -27.26 -30.24 -9.18
N LYS A 204 -27.85 -30.12 -8.00
CA LYS A 204 -27.79 -31.21 -7.02
C LYS A 204 -28.51 -32.45 -7.52
N ILE A 205 -29.68 -32.28 -8.15
CA ILE A 205 -30.42 -33.42 -8.68
C ILE A 205 -29.59 -34.13 -9.74
N ILE A 206 -28.98 -33.37 -10.64
CA ILE A 206 -28.17 -33.96 -11.70
C ILE A 206 -26.97 -34.70 -11.11
N ASP A 207 -26.33 -34.11 -10.10
CA ASP A 207 -25.08 -34.66 -9.59
C ASP A 207 -25.28 -35.99 -8.87
N ILE A 208 -26.42 -36.20 -8.23
CA ILE A 208 -26.66 -37.43 -7.48
C ILE A 208 -27.58 -38.39 -8.23
N LEU A 209 -27.73 -38.21 -9.54
CA LEU A 209 -28.49 -39.14 -10.36
C LEU A 209 -27.57 -40.24 -10.87
N LYS A 210 -27.98 -41.49 -10.67
CA LYS A 210 -27.15 -42.63 -11.06
C LYS A 210 -26.92 -42.64 -12.57
N GLN A 211 -25.89 -43.37 -12.99
CA GLN A 211 -25.67 -43.59 -14.40
C GLN A 211 -26.81 -44.41 -14.97
N GLY A 212 -27.48 -43.88 -15.98
CA GLY A 212 -28.69 -44.48 -16.49
C GLY A 212 -29.94 -44.13 -15.72
N GLY A 213 -29.85 -43.21 -14.76
CA GLY A 213 -31.02 -42.78 -14.01
C GLY A 213 -31.87 -41.80 -14.78
N ILE A 214 -33.05 -41.52 -14.22
CA ILE A 214 -34.01 -40.61 -14.84
C ILE A 214 -34.45 -39.58 -13.80
N GLY A 215 -34.39 -38.31 -14.17
CA GLY A 215 -34.90 -37.24 -13.33
C GLY A 215 -36.04 -36.53 -14.05
N SER A 216 -37.02 -36.08 -13.26
CA SER A 216 -38.17 -35.39 -13.83
C SER A 216 -38.72 -34.44 -12.78
N VAL A 217 -38.64 -33.14 -13.05
CA VAL A 217 -39.05 -32.13 -12.08
C VAL A 217 -39.87 -31.04 -12.77
N ILE A 218 -40.70 -30.37 -11.99
CA ILE A 218 -41.41 -29.17 -12.44
C ILE A 218 -40.75 -27.97 -11.79
N THR A 219 -40.33 -27.00 -12.60
CA THR A 219 -39.64 -25.81 -12.14
C THR A 219 -40.24 -24.59 -12.83
N PRO A 220 -39.79 -23.37 -12.52
CA PRO A 220 -40.15 -22.23 -13.37
C PRO A 220 -39.58 -22.41 -14.77
N ARG A 221 -40.27 -21.84 -15.75
CA ARG A 221 -39.84 -21.91 -17.14
C ARG A 221 -38.80 -20.86 -17.50
N TYR A 222 -38.50 -19.93 -16.59
CA TYR A 222 -37.73 -18.75 -16.96
C TYR A 222 -36.30 -19.08 -17.35
N PHE A 223 -35.71 -20.12 -16.77
CA PHE A 223 -34.32 -20.45 -17.07
C PHE A 223 -34.11 -20.88 -18.52
N LEU A 224 -35.19 -21.22 -19.23
CA LEU A 224 -35.06 -21.60 -20.63
C LEU A 224 -34.58 -20.45 -21.49
N GLU A 225 -34.93 -19.21 -21.11
CA GLU A 225 -34.58 -18.04 -21.91
C GLU A 225 -33.78 -16.99 -21.16
N SER A 226 -33.83 -16.97 -19.82
CA SER A 226 -33.27 -15.86 -19.06
C SER A 226 -31.75 -15.81 -19.19
N LEU A 227 -31.20 -14.60 -19.00
CA LEU A 227 -29.76 -14.42 -18.98
C LEU A 227 -29.12 -15.17 -17.82
N SER A 228 -29.80 -15.19 -16.67
CA SER A 228 -29.25 -15.88 -15.49
C SER A 228 -29.14 -17.38 -15.71
N GLY A 229 -29.98 -17.95 -16.57
CA GLY A 229 -30.00 -19.38 -16.78
C GLY A 229 -28.97 -19.93 -17.74
N LYS A 230 -28.06 -19.09 -18.25
CA LYS A 230 -27.13 -19.55 -19.27
C LYS A 230 -26.24 -20.68 -18.74
N ASP A 231 -25.63 -20.48 -17.58
CA ASP A 231 -24.75 -21.50 -17.02
C ASP A 231 -25.53 -22.76 -16.65
N LEU A 232 -26.74 -22.60 -16.11
CA LEU A 232 -27.57 -23.75 -15.81
C LEU A 232 -27.93 -24.52 -17.08
N ARG A 233 -28.28 -23.81 -18.15
CA ARG A 233 -28.56 -24.46 -19.42
C ARG A 233 -27.35 -25.22 -19.93
N GLU A 234 -26.16 -24.62 -19.81
CA GLU A 234 -24.94 -25.30 -20.24
C GLU A 234 -24.71 -26.57 -19.43
N TYR A 235 -24.91 -26.49 -18.11
CA TYR A 235 -24.72 -27.65 -17.24
C TYR A 235 -25.67 -28.77 -17.62
N ILE A 236 -26.95 -28.45 -17.81
CA ILE A 236 -27.94 -29.45 -18.18
C ILE A 236 -27.59 -30.07 -19.53
N LYS A 237 -27.25 -29.22 -20.51
CA LYS A 237 -26.97 -29.70 -21.86
C LYS A 237 -25.76 -30.62 -21.88
N SER A 238 -24.73 -30.30 -21.08
CA SER A 238 -23.50 -31.07 -21.11
C SER A 238 -23.46 -32.24 -20.15
N ASN A 239 -24.43 -32.37 -19.24
CA ASN A 239 -24.37 -33.44 -18.25
C ASN A 239 -25.47 -34.48 -18.35
N VAL A 240 -26.63 -34.16 -18.93
CA VAL A 240 -27.72 -35.11 -19.05
C VAL A 240 -28.30 -35.05 -20.46
N ASN A 241 -29.02 -36.10 -20.83
CA ASN A 241 -29.82 -36.13 -22.04
C ASN A 241 -31.22 -35.64 -21.68
N VAL A 242 -31.62 -34.49 -22.23
CA VAL A 242 -32.94 -33.95 -21.98
C VAL A 242 -33.93 -34.74 -22.82
N GLN A 243 -34.80 -35.50 -22.15
CA GLN A 243 -35.79 -36.30 -22.88
C GLN A 243 -36.97 -35.44 -23.32
N GLU A 244 -37.54 -34.66 -22.42
CA GLU A 244 -38.80 -33.99 -22.71
C GLU A 244 -38.90 -32.67 -21.96
N ILE A 245 -39.44 -31.67 -22.64
CA ILE A 245 -39.72 -30.36 -22.07
C ILE A 245 -41.19 -30.03 -22.33
N VAL A 246 -41.97 -29.92 -21.27
CA VAL A 246 -43.35 -29.47 -21.34
C VAL A 246 -43.38 -28.03 -20.87
N ASP A 247 -43.71 -27.11 -21.78
CA ASP A 247 -43.70 -25.68 -21.49
C ASP A 247 -45.15 -25.20 -21.40
N PHE A 248 -45.56 -24.78 -20.21
CA PHE A 248 -46.90 -24.29 -19.98
C PHE A 248 -47.06 -22.81 -20.27
N LEU A 249 -45.98 -22.11 -20.60
CA LEU A 249 -45.99 -20.68 -20.93
C LEU A 249 -46.68 -19.94 -19.77
N GLY A 250 -47.68 -19.11 -20.04
CA GLY A 250 -48.36 -18.33 -19.03
C GLY A 250 -49.51 -19.01 -18.34
N ALA A 251 -49.73 -20.30 -18.58
CA ALA A 251 -50.79 -21.02 -17.90
C ALA A 251 -50.51 -21.11 -16.40
N ASN A 252 -51.57 -21.13 -15.60
CA ASN A 252 -51.47 -21.20 -14.15
C ASN A 252 -51.60 -22.66 -13.72
N ILE A 253 -50.46 -23.29 -13.42
CA ILE A 253 -50.46 -24.66 -12.95
C ILE A 253 -50.72 -24.70 -11.44
N PHE A 254 -50.13 -23.76 -10.70
CA PHE A 254 -50.33 -23.64 -9.27
C PHE A 254 -51.40 -22.58 -9.02
N LYS A 255 -52.48 -22.97 -8.35
CA LYS A 255 -53.58 -22.04 -8.10
C LYS A 255 -53.13 -20.91 -7.19
N ASN A 256 -53.52 -19.69 -7.56
CA ASN A 256 -53.23 -18.46 -6.80
C ASN A 256 -51.74 -18.18 -6.68
N ILE A 257 -50.92 -18.75 -7.56
CA ILE A 257 -49.48 -18.54 -7.56
C ILE A 257 -49.07 -17.91 -8.88
N GLY A 258 -48.40 -16.76 -8.80
CA GLY A 258 -47.99 -16.06 -10.00
C GLY A 258 -46.64 -16.51 -10.55
N VAL A 259 -46.56 -17.78 -10.95
CA VAL A 259 -45.35 -18.33 -11.54
C VAL A 259 -45.73 -19.10 -12.79
N SER A 260 -44.79 -19.21 -13.72
CA SER A 260 -44.96 -19.94 -14.96
C SER A 260 -44.09 -21.18 -14.94
N SER A 261 -44.69 -22.33 -15.23
CA SER A 261 -44.10 -23.62 -14.92
C SER A 261 -43.72 -24.38 -16.18
N CYS A 262 -42.67 -25.19 -16.07
CA CYS A 262 -42.31 -26.17 -17.08
C CYS A 262 -41.92 -27.47 -16.40
N ILE A 263 -42.25 -28.57 -17.06
CA ILE A 263 -41.86 -29.91 -16.61
C ILE A 263 -40.68 -30.37 -17.47
N LEU A 264 -39.65 -30.89 -16.83
CA LEU A 264 -38.43 -31.27 -17.53
C LEU A 264 -38.05 -32.69 -17.12
N THR A 265 -37.87 -33.56 -18.11
CA THR A 265 -37.48 -34.95 -17.91
C THR A 265 -36.17 -35.20 -18.65
N PHE A 266 -35.19 -35.73 -17.93
CA PHE A 266 -33.84 -35.95 -18.44
C PHE A 266 -33.31 -37.27 -17.90
N ASP A 267 -32.21 -37.73 -18.48
CA ASP A 267 -31.62 -38.99 -18.03
C ASP A 267 -30.11 -38.91 -18.20
N LYS A 268 -29.42 -39.88 -17.59
CA LYS A 268 -27.99 -40.09 -17.76
C LYS A 268 -27.70 -41.40 -18.48
N LYS A 269 -28.56 -41.76 -19.43
CA LYS A 269 -28.41 -43.02 -20.16
C LYS A 269 -27.41 -42.86 -21.29
N LYS A 270 -26.54 -43.84 -21.43
CA LYS A 270 -25.59 -43.89 -22.54
C LYS A 270 -26.37 -44.21 -23.81
N THR A 271 -26.59 -43.21 -24.65
CA THR A 271 -27.36 -43.40 -25.87
C THR A 271 -26.84 -42.47 -26.96
N LYS A 272 -26.95 -42.94 -28.20
CA LYS A 272 -26.66 -42.09 -29.36
C LYS A 272 -27.82 -41.17 -29.70
N GLU A 273 -28.97 -41.33 -29.04
CA GLU A 273 -30.12 -40.48 -29.28
C GLU A 273 -29.89 -39.11 -28.66
N THR A 274 -30.14 -38.05 -29.44
CA THR A 274 -29.86 -36.70 -28.99
C THR A 274 -31.06 -35.76 -29.15
N TYR A 275 -32.26 -36.29 -29.38
CA TYR A 275 -33.42 -35.46 -29.66
C TYR A 275 -34.29 -35.28 -28.42
N ILE A 276 -34.97 -34.14 -28.36
CA ILE A 276 -35.80 -33.74 -27.24
C ILE A 276 -37.22 -33.55 -27.75
N ASP A 277 -38.18 -34.21 -27.10
CA ASP A 277 -39.59 -33.91 -27.30
C ASP A 277 -39.93 -32.61 -26.58
N VAL A 278 -40.56 -31.68 -27.30
CA VAL A 278 -40.99 -30.42 -26.73
C VAL A 278 -42.49 -30.29 -26.94
N PHE A 279 -43.22 -30.18 -25.84
CA PHE A 279 -44.65 -29.92 -25.86
C PHE A 279 -44.87 -28.50 -25.35
N LYS A 280 -45.44 -27.65 -26.20
CA LYS A 280 -45.71 -26.26 -25.87
C LYS A 280 -47.21 -26.01 -25.92
N ILE A 281 -47.75 -25.41 -24.87
CA ILE A 281 -49.17 -25.13 -24.82
C ILE A 281 -49.51 -24.05 -25.85
N LYS A 282 -50.68 -24.17 -26.45
CA LYS A 282 -51.12 -23.23 -27.47
C LYS A 282 -52.15 -22.23 -26.97
N ASN A 283 -52.95 -22.59 -25.97
CA ASN A 283 -53.92 -21.72 -25.35
C ASN A 283 -53.63 -21.65 -23.87
N GLU A 284 -53.20 -20.48 -23.40
CA GLU A 284 -52.86 -20.32 -21.99
C GLU A 284 -54.08 -20.26 -21.10
N ASP A 285 -55.26 -19.98 -21.66
CA ASP A 285 -56.51 -19.98 -20.91
C ASP A 285 -57.05 -21.41 -20.87
N ILE A 286 -56.49 -22.21 -19.97
CA ILE A 286 -56.88 -23.61 -19.83
C ILE A 286 -57.03 -23.93 -18.36
N CYS A 287 -58.05 -24.71 -18.03
CA CYS A 287 -58.25 -25.23 -16.68
C CYS A 287 -57.65 -26.63 -16.64
N ILE A 288 -56.36 -26.69 -16.32
CA ILE A 288 -55.64 -27.96 -16.37
C ILE A 288 -56.21 -28.96 -15.38
N ASN A 289 -56.53 -28.48 -14.17
CA ASN A 289 -57.06 -29.36 -13.13
C ASN A 289 -58.41 -29.96 -13.49
N LYS A 290 -59.13 -29.35 -14.43
CA LYS A 290 -60.45 -29.87 -14.81
C LYS A 290 -60.36 -31.20 -15.54
N PHE A 291 -59.25 -31.46 -16.22
CA PHE A 291 -59.08 -32.67 -17.02
C PHE A 291 -58.55 -33.82 -16.18
N GLU A 292 -58.79 -35.04 -16.67
CA GLU A 292 -58.42 -36.22 -15.91
C GLU A 292 -56.91 -36.40 -15.82
N THR A 293 -56.22 -36.30 -16.95
CA THR A 293 -54.78 -36.53 -17.01
C THR A 293 -54.10 -35.43 -17.81
N LEU A 294 -52.82 -35.21 -17.52
CA LEU A 294 -52.02 -34.31 -18.34
C LEU A 294 -51.64 -34.96 -19.66
N GLU A 295 -51.52 -36.29 -19.68
CA GLU A 295 -51.12 -37.00 -20.89
C GLU A 295 -52.14 -36.81 -22.01
N GLU A 296 -53.43 -36.86 -21.68
CA GLU A 296 -54.46 -36.61 -22.68
C GLU A 296 -54.39 -35.17 -23.17
N LEU A 297 -54.08 -34.22 -22.27
CA LEU A 297 -54.00 -32.82 -22.67
C LEU A 297 -52.84 -32.58 -23.63
N LEU A 298 -51.71 -33.25 -23.41
CA LEU A 298 -50.55 -33.06 -24.27
C LEU A 298 -50.82 -33.54 -25.69
N LYS A 299 -51.57 -34.64 -25.83
CA LYS A 299 -51.88 -35.18 -27.14
C LYS A 299 -53.04 -34.47 -27.83
N SER A 300 -53.70 -33.53 -27.15
CA SER A 300 -54.82 -32.81 -27.74
C SER A 300 -54.32 -31.67 -28.61
N SER A 301 -55.27 -30.93 -29.20
CA SER A 301 -54.94 -29.75 -29.98
C SER A 301 -54.49 -28.58 -29.10
N LYS A 302 -54.71 -28.66 -27.79
CA LYS A 302 -54.28 -27.60 -26.89
C LYS A 302 -52.76 -27.47 -26.81
N PHE A 303 -52.03 -28.52 -27.18
CA PHE A 303 -50.58 -28.52 -27.16
C PHE A 303 -50.05 -28.80 -28.56
N GLU A 304 -48.88 -28.24 -28.86
CA GLU A 304 -48.13 -28.58 -30.06
C GLU A 304 -46.87 -29.33 -29.65
N HIS A 305 -46.45 -30.26 -30.50
CA HIS A 305 -45.26 -31.06 -30.25
C HIS A 305 -44.26 -30.88 -31.38
N PHE A 306 -42.99 -30.74 -31.02
CA PHE A 306 -41.91 -30.77 -32.00
C PHE A 306 -40.67 -31.36 -31.36
N ASN A 307 -39.63 -31.55 -32.17
CA ASN A 307 -38.39 -32.16 -31.72
C ASN A 307 -37.24 -31.18 -31.90
N ILE A 308 -36.32 -31.19 -30.93
CA ILE A 308 -35.16 -30.32 -30.95
C ILE A 308 -33.90 -31.16 -30.77
N ASN A 309 -32.91 -30.96 -31.63
CA ASN A 309 -31.65 -31.68 -31.52
C ASN A 309 -30.81 -31.03 -30.43
N GLN A 310 -30.58 -31.76 -29.34
CA GLN A 310 -29.83 -31.21 -28.20
C GLN A 310 -28.41 -30.83 -28.61
N ARG A 311 -27.82 -31.58 -29.54
CA ARG A 311 -26.48 -31.25 -30.02
C ARG A 311 -26.42 -29.92 -30.75
N LEU A 312 -27.58 -29.39 -31.18
CA LEU A 312 -27.64 -28.12 -31.88
C LEU A 312 -28.03 -26.96 -30.97
N LEU A 313 -28.06 -27.17 -29.66
CA LEU A 313 -28.35 -26.10 -28.72
C LEU A 313 -27.12 -25.22 -28.53
N SER A 314 -27.30 -23.92 -28.72
CA SER A 314 -26.28 -22.94 -28.36
C SER A 314 -26.47 -22.56 -26.89
N ASP A 315 -25.82 -21.48 -26.45
CA ASP A 315 -26.09 -20.98 -25.12
C ASP A 315 -27.55 -20.56 -24.96
N GLU A 316 -28.23 -20.24 -26.06
CA GLU A 316 -29.66 -19.98 -26.07
C GLU A 316 -30.38 -21.20 -26.60
N TRP A 317 -31.45 -21.61 -25.92
CA TRP A 317 -32.28 -22.73 -26.34
C TRP A 317 -33.48 -22.18 -27.12
N ILE A 318 -33.43 -22.30 -28.44
CA ILE A 318 -34.50 -21.82 -29.30
C ILE A 318 -35.43 -23.00 -29.56
N LEU A 319 -36.52 -23.06 -28.80
CA LEU A 319 -37.46 -24.19 -28.86
C LEU A 319 -38.70 -23.77 -29.65
N VAL A 320 -38.60 -23.88 -30.97
CA VAL A 320 -39.69 -23.55 -31.88
C VAL A 320 -39.82 -24.65 -32.92
N ASN A 321 -40.98 -24.70 -33.57
CA ASN A 321 -41.22 -25.70 -34.59
C ASN A 321 -40.47 -25.33 -35.86
N LYS A 322 -40.63 -26.17 -36.90
CA LYS A 322 -39.86 -26.01 -38.13
C LYS A 322 -40.19 -24.70 -38.84
N ASP A 323 -41.48 -24.34 -38.89
CA ASP A 323 -41.87 -23.10 -39.56
C ASP A 323 -41.26 -21.88 -38.87
N ASP A 324 -41.39 -21.81 -37.55
CA ASP A 324 -40.83 -20.67 -36.82
C ASP A 324 -39.31 -20.68 -36.85
N GLU A 325 -38.69 -21.87 -36.86
CA GLU A 325 -37.23 -21.94 -37.00
C GLU A 325 -36.79 -21.39 -38.35
N THR A 326 -37.50 -21.75 -39.43
CA THR A 326 -37.18 -21.20 -40.74
C THR A 326 -37.36 -19.69 -40.77
N PHE A 327 -38.45 -19.20 -40.18
CA PHE A 327 -38.70 -17.77 -40.07
C PHE A 327 -37.55 -17.05 -39.37
N TYR A 328 -37.17 -17.55 -38.19
CA TYR A 328 -36.10 -16.95 -37.41
C TYR A 328 -34.78 -16.98 -38.16
N ASN A 329 -34.45 -18.11 -38.80
CA ASN A 329 -33.19 -18.22 -39.52
C ASN A 329 -33.15 -17.28 -40.72
N LYS A 330 -34.27 -17.15 -41.44
CA LYS A 330 -34.32 -16.19 -42.55
C LYS A 330 -34.05 -14.78 -42.05
N ILE A 331 -34.71 -14.38 -40.97
CA ILE A 331 -34.53 -13.02 -40.47
C ILE A 331 -33.10 -12.81 -39.99
N GLN A 332 -32.53 -13.81 -39.30
CA GLN A 332 -31.15 -13.69 -38.81
C GLN A 332 -30.16 -13.56 -39.98
N GLU A 333 -30.34 -14.38 -41.01
CA GLU A 333 -29.39 -14.36 -42.13
C GLU A 333 -29.49 -13.08 -42.93
N LYS A 334 -30.71 -12.57 -43.14
CA LYS A 334 -30.87 -11.37 -43.97
C LYS A 334 -30.30 -10.14 -43.29
N CYS A 335 -30.48 -10.00 -41.97
CA CYS A 335 -30.15 -8.76 -41.28
C CYS A 335 -28.66 -8.72 -40.94
N LYS A 336 -28.00 -7.63 -41.34
CA LYS A 336 -26.57 -7.45 -41.11
C LYS A 336 -26.24 -6.56 -39.90
N TYR A 337 -27.25 -5.95 -39.28
CA TYR A 337 -27.05 -5.12 -38.11
C TYR A 337 -27.96 -5.58 -36.99
N SER A 338 -27.51 -5.36 -35.76
CA SER A 338 -28.34 -5.52 -34.57
C SER A 338 -28.53 -4.16 -33.92
N LEU A 339 -29.53 -4.07 -33.03
CA LEU A 339 -29.76 -2.83 -32.31
C LEU A 339 -28.54 -2.45 -31.45
N GLU A 340 -27.85 -3.45 -30.91
CA GLU A 340 -26.66 -3.17 -30.11
C GLU A 340 -25.57 -2.50 -30.95
N ASP A 341 -25.48 -2.87 -32.23
CA ASP A 341 -24.45 -2.30 -33.09
C ASP A 341 -24.67 -0.81 -33.32
N ILE A 342 -25.93 -0.38 -33.44
CA ILE A 342 -26.25 0.98 -33.89
C ILE A 342 -26.77 1.88 -32.78
N ALA A 343 -27.06 1.36 -31.59
CA ALA A 343 -27.76 2.13 -30.58
C ALA A 343 -27.07 2.02 -29.23
N ILE A 344 -27.35 3.02 -28.39
CA ILE A 344 -26.92 3.05 -27.00
C ILE A 344 -28.17 2.89 -26.15
N SER A 345 -28.16 1.89 -25.27
CA SER A 345 -29.32 1.51 -24.47
C SER A 345 -29.07 1.82 -22.99
N PHE A 346 -30.16 2.16 -22.28
CA PHE A 346 -30.04 2.37 -20.84
C PHE A 346 -31.38 2.15 -20.15
N GLN A 347 -31.27 1.71 -18.89
CA GLN A 347 -32.40 1.57 -17.99
C GLN A 347 -32.76 2.93 -17.38
N GLY A 348 -34.01 3.06 -16.97
CA GLY A 348 -34.51 4.30 -16.44
C GLY A 348 -34.02 4.59 -15.03
N ILE A 349 -34.48 5.72 -14.51
CA ILE A 349 -34.11 6.14 -13.16
C ILE A 349 -34.58 5.13 -12.14
N ILE A 350 -33.74 4.85 -11.14
CA ILE A 350 -34.13 4.09 -9.97
C ILE A 350 -33.97 5.03 -8.78
N THR A 351 -35.09 5.63 -8.35
CA THR A 351 -35.01 6.59 -7.25
C THR A 351 -34.72 5.91 -5.92
N GLY A 352 -35.22 4.68 -5.73
CA GLY A 352 -35.13 4.00 -4.46
C GLY A 352 -36.34 4.19 -3.57
N CYS A 353 -37.11 5.27 -3.77
CA CYS A 353 -38.39 5.44 -3.10
C CYS A 353 -39.21 6.40 -3.97
N ASP A 354 -40.11 5.84 -4.78
CA ASP A 354 -40.83 6.65 -5.75
C ASP A 354 -41.76 7.66 -5.08
N LYS A 355 -42.36 7.29 -3.95
CA LYS A 355 -43.30 8.18 -3.27
C LYS A 355 -42.63 9.48 -2.83
N ALA A 356 -41.31 9.44 -2.60
CA ALA A 356 -40.62 10.64 -2.15
C ALA A 356 -40.37 11.64 -3.29
N PHE A 357 -40.11 11.15 -4.51
CA PHE A 357 -39.67 12.01 -5.59
C PHE A 357 -40.68 12.17 -6.73
N ILE A 358 -41.68 11.31 -6.82
CA ILE A 358 -42.65 11.36 -7.90
C ILE A 358 -43.92 12.02 -7.39
N LEU A 359 -44.35 13.08 -8.06
CA LEU A 359 -45.54 13.82 -7.67
C LEU A 359 -46.45 13.99 -8.88
N SER A 360 -47.74 14.14 -8.61
CA SER A 360 -48.66 14.50 -9.68
C SER A 360 -48.34 15.90 -10.19
N LYS A 361 -48.44 16.09 -11.50
CA LYS A 361 -48.11 17.40 -12.06
C LYS A 361 -49.10 18.48 -11.63
N ASP A 362 -50.24 18.09 -11.05
CA ASP A 362 -51.19 19.02 -10.46
C ASP A 362 -51.04 19.11 -8.95
N ASP A 363 -50.05 18.45 -8.36
CA ASP A 363 -49.84 18.53 -6.93
C ASP A 363 -49.42 19.93 -6.53
N VAL A 364 -49.98 20.43 -5.43
CA VAL A 364 -49.66 21.78 -4.98
C VAL A 364 -48.22 21.87 -4.50
N LYS A 365 -47.67 20.77 -3.98
CA LYS A 365 -46.30 20.79 -3.47
C LYS A 365 -45.28 21.15 -4.53
N LEU A 366 -45.61 20.96 -5.81
CA LEU A 366 -44.68 21.34 -6.88
C LEU A 366 -44.49 22.86 -6.98
N ASN A 367 -45.34 23.65 -6.32
CA ASN A 367 -45.07 25.08 -6.22
C ASN A 367 -43.86 25.36 -5.35
N LEU A 368 -43.51 24.45 -4.44
CA LEU A 368 -42.31 24.61 -3.64
C LEU A 368 -41.03 24.32 -4.44
N VAL A 369 -41.14 23.56 -5.53
CA VAL A 369 -39.99 23.10 -6.29
C VAL A 369 -39.83 23.97 -7.53
N ASP A 370 -38.63 24.54 -7.70
CA ASP A 370 -38.32 25.27 -8.92
C ASP A 370 -38.33 24.32 -10.10
N ASP A 371 -38.76 24.84 -11.26
CA ASP A 371 -38.91 24.00 -12.44
C ASP A 371 -37.59 23.45 -12.96
N LYS A 372 -36.46 24.02 -12.50
CA LYS A 372 -35.16 23.48 -12.89
C LYS A 372 -34.96 22.06 -12.36
N PHE A 373 -35.59 21.73 -11.23
CA PHE A 373 -35.46 20.41 -10.62
C PHE A 373 -36.50 19.41 -11.11
N LEU A 374 -37.46 19.83 -11.93
CA LEU A 374 -38.59 19.00 -12.30
C LEU A 374 -38.38 18.37 -13.67
N LYS A 375 -38.65 17.07 -13.77
CA LYS A 375 -38.59 16.34 -15.03
C LYS A 375 -39.92 15.65 -15.29
N CYS A 376 -40.25 15.46 -16.56
CA CYS A 376 -41.46 14.72 -16.90
C CYS A 376 -41.25 13.23 -16.65
N TRP A 377 -42.29 12.57 -16.15
CA TRP A 377 -42.21 11.20 -15.67
C TRP A 377 -43.33 10.38 -16.30
N ILE A 378 -42.97 9.27 -16.94
CA ILE A 378 -43.94 8.41 -17.61
C ILE A 378 -43.83 7.00 -17.04
N LYS A 379 -44.91 6.25 -17.19
CA LYS A 379 -44.98 4.86 -16.79
C LYS A 379 -45.00 3.97 -18.03
N SER A 380 -44.86 2.66 -17.79
CA SER A 380 -44.85 1.71 -18.91
C SER A 380 -46.16 1.75 -19.68
N LYS A 381 -47.27 2.03 -19.01
CA LYS A 381 -48.56 2.12 -19.69
C LYS A 381 -48.70 3.40 -20.51
N ASN A 382 -47.86 4.40 -20.26
CA ASN A 382 -47.89 5.60 -21.08
C ASN A 382 -47.30 5.38 -22.47
N ILE A 383 -46.64 4.26 -22.71
CA ILE A 383 -45.98 4.00 -23.98
C ILE A 383 -46.93 3.20 -24.87
N ASN A 384 -47.26 3.76 -26.03
CA ASN A 384 -48.01 3.10 -27.07
C ASN A 384 -47.07 2.80 -28.23
N LYS A 385 -47.64 2.34 -29.34
CA LYS A 385 -46.87 2.23 -30.57
C LYS A 385 -46.60 3.62 -31.14
N TYR A 386 -45.33 3.89 -31.43
CA TYR A 386 -44.83 5.05 -32.17
C TYR A 386 -44.84 6.37 -31.41
N ILE A 387 -45.55 6.46 -30.28
CA ILE A 387 -45.65 7.71 -29.53
C ILE A 387 -45.93 7.40 -28.07
N VAL A 388 -45.70 8.40 -27.22
CA VAL A 388 -45.91 8.30 -25.78
C VAL A 388 -47.05 9.21 -25.37
N ASP A 389 -47.87 8.74 -24.44
CA ASP A 389 -48.90 9.59 -23.86
C ASP A 389 -48.28 10.74 -23.09
N LYS A 390 -49.02 11.84 -22.99
CA LYS A 390 -48.55 12.99 -22.22
C LYS A 390 -48.31 12.59 -20.78
N SER A 391 -47.19 13.05 -20.22
CA SER A 391 -46.82 12.67 -18.87
C SER A 391 -47.77 13.27 -17.85
N GLU A 392 -48.11 12.48 -16.83
CA GLU A 392 -48.95 12.93 -15.74
C GLU A 392 -48.18 13.24 -14.46
N TYR A 393 -46.90 12.86 -14.40
CA TYR A 393 -46.13 12.94 -13.17
C TYR A 393 -44.84 13.72 -13.38
N ARG A 394 -44.33 14.26 -12.29
CA ARG A 394 -43.08 15.00 -12.25
C ARG A 394 -42.11 14.31 -11.30
N LEU A 395 -40.86 14.22 -11.72
CA LEU A 395 -39.76 13.71 -10.91
C LEU A 395 -38.96 14.89 -10.37
N ILE A 396 -38.69 14.87 -9.07
CA ILE A 396 -37.81 15.86 -8.45
C ILE A 396 -36.39 15.30 -8.57
N TYR A 397 -35.61 15.87 -9.48
CA TYR A 397 -34.22 15.45 -9.64
C TYR A 397 -33.42 16.05 -8.48
N SER A 398 -33.54 15.39 -7.33
CA SER A 398 -32.95 15.90 -6.09
C SER A 398 -31.44 15.87 -6.09
N ASN A 399 -30.81 15.17 -7.05
CA ASN A 399 -29.36 15.18 -7.13
C ASN A 399 -28.82 16.59 -7.37
N ASP A 400 -29.57 17.42 -8.09
CA ASP A 400 -29.17 18.79 -8.38
C ASP A 400 -29.45 19.73 -7.22
N ILE A 401 -30.02 19.24 -6.12
CA ILE A 401 -30.18 20.05 -4.90
C ILE A 401 -28.88 19.88 -4.12
N ASP A 402 -27.87 20.65 -4.52
CA ASP A 402 -26.58 20.58 -3.84
C ASP A 402 -26.60 21.32 -2.51
N ASN A 403 -27.31 22.44 -2.45
CA ASN A 403 -27.37 23.26 -1.24
C ASN A 403 -28.46 22.72 -0.33
N GLU A 404 -28.07 22.04 0.74
CA GLU A 404 -29.05 21.55 1.70
C GLU A 404 -29.58 22.67 2.58
N ASN A 405 -28.79 23.74 2.77
CA ASN A 405 -29.26 24.87 3.58
C ASN A 405 -30.45 25.55 2.91
N THR A 406 -30.37 25.80 1.61
CA THR A 406 -31.51 26.28 0.86
C THR A 406 -32.34 25.09 0.37
N ASN A 407 -33.49 25.40 -0.22
CA ASN A 407 -34.48 24.40 -0.62
C ASN A 407 -34.89 23.52 0.56
N LYS A 408 -34.75 24.03 1.79
CA LYS A 408 -35.15 23.27 2.97
C LYS A 408 -36.64 23.01 2.99
N ARG A 409 -37.43 23.84 2.31
CA ARG A 409 -38.86 23.55 2.17
C ARG A 409 -39.09 22.26 1.42
N ILE A 410 -38.35 22.05 0.33
CA ILE A 410 -38.48 20.83 -0.46
C ILE A 410 -38.11 19.60 0.38
N LEU A 411 -36.99 19.68 1.09
CA LEU A 411 -36.54 18.55 1.89
C LEU A 411 -37.48 18.27 3.05
N ASP A 412 -37.96 19.31 3.73
CA ASP A 412 -38.75 19.12 4.94
C ASP A 412 -40.18 18.72 4.63
N GLU A 413 -40.76 19.25 3.55
CA GLU A 413 -42.18 19.08 3.30
C GLU A 413 -42.50 18.04 2.22
N ILE A 414 -41.53 17.63 1.41
CA ILE A 414 -41.80 16.67 0.34
C ILE A 414 -40.96 15.42 0.51
N ILE A 415 -39.63 15.58 0.40
CA ILE A 415 -38.76 14.42 0.38
C ILE A 415 -38.56 13.83 1.78
N GLY A 416 -38.52 14.69 2.80
CA GLY A 416 -38.26 14.23 4.15
C GLY A 416 -39.37 13.41 4.75
N LEU A 417 -40.58 13.46 4.17
CA LEU A 417 -41.70 12.67 4.70
C LEU A 417 -41.42 11.18 4.66
N TYR A 418 -40.45 10.74 3.86
CA TYR A 418 -40.04 9.35 3.80
C TYR A 418 -38.57 9.16 4.20
N LYS A 419 -38.02 10.14 4.92
CA LYS A 419 -36.57 10.16 5.16
C LYS A 419 -36.08 8.85 5.74
N THR A 420 -36.78 8.32 6.75
CA THR A 420 -36.37 7.06 7.37
C THR A 420 -36.20 5.97 6.32
N LYS A 421 -37.21 5.78 5.47
CA LYS A 421 -37.08 4.77 4.43
C LYS A 421 -35.94 5.11 3.48
N LEU A 422 -35.80 6.39 3.13
CA LEU A 422 -34.70 6.82 2.28
C LEU A 422 -33.35 6.50 2.93
N GLU A 423 -33.31 6.49 4.26
CA GLU A 423 -32.06 6.20 4.95
C GLU A 423 -31.71 4.72 4.96
N ASN A 424 -32.64 3.84 4.63
CA ASN A 424 -32.36 2.42 4.61
C ASN A 424 -31.87 1.91 3.25
N ARG A 425 -31.81 2.79 2.26
CA ARG A 425 -31.23 2.41 0.98
C ARG A 425 -29.74 2.12 1.13
N ARG A 426 -29.24 1.21 0.28
CA ARG A 426 -27.89 0.68 0.46
C ARG A 426 -26.84 1.79 0.37
N GLU A 427 -26.97 2.68 -0.61
CA GLU A 427 -25.95 3.71 -0.82
C GLU A 427 -26.02 4.81 0.24
N CYS A 428 -27.16 4.98 0.91
CA CYS A 428 -27.22 5.93 2.01
C CYS A 428 -26.56 5.37 3.27
N LYS A 429 -26.70 4.07 3.51
CA LYS A 429 -26.05 3.45 4.66
C LYS A 429 -24.54 3.45 4.54
N SER A 430 -24.02 3.42 3.31
CA SER A 430 -22.58 3.44 3.06
C SER A 430 -22.05 4.85 2.85
N GLY A 431 -22.91 5.87 2.86
CA GLY A 431 -22.46 7.24 2.70
C GLY A 431 -22.23 7.68 1.26
N ILE A 432 -22.52 6.83 0.28
CA ILE A 432 -22.33 7.21 -1.12
C ILE A 432 -23.35 8.25 -1.54
N ARG A 433 -24.59 8.11 -1.08
CA ARG A 433 -25.67 9.03 -1.42
C ARG A 433 -26.11 9.80 -0.18
N LYS A 434 -26.46 11.06 -0.36
CA LYS A 434 -27.17 11.80 0.68
C LYS A 434 -28.58 11.23 0.82
N TRP A 435 -29.19 11.47 1.98
CA TRP A 435 -30.47 10.84 2.28
C TRP A 435 -31.56 11.30 1.32
N TYR A 436 -31.42 12.49 0.73
CA TYR A 436 -32.43 13.03 -0.17
C TYR A 436 -32.11 12.81 -1.64
N GLU A 437 -30.98 12.19 -1.96
CA GLU A 437 -30.60 12.02 -3.35
C GLU A 437 -31.26 10.79 -3.97
N LEU A 438 -31.37 10.80 -5.29
CA LEU A 438 -31.82 9.63 -6.02
C LEU A 438 -30.79 8.51 -5.89
N GLN A 439 -31.27 7.28 -5.75
CA GLN A 439 -30.35 6.15 -5.60
C GLN A 439 -29.53 5.94 -6.87
N TRP A 440 -30.19 5.87 -8.03
CA TRP A 440 -29.52 5.74 -9.32
C TRP A 440 -30.12 6.78 -10.26
N GLY A 441 -29.57 8.00 -10.22
CA GLY A 441 -30.04 9.10 -11.04
C GLY A 441 -29.56 9.10 -12.46
N ARG A 442 -28.68 8.16 -12.83
CA ARG A 442 -28.19 7.98 -14.20
C ARG A 442 -27.57 9.30 -14.68
N GLU A 443 -27.64 9.56 -15.98
CA GLU A 443 -27.18 10.80 -16.58
C GLU A 443 -28.38 11.51 -17.20
N LYS A 444 -28.55 12.79 -16.85
CA LYS A 444 -29.68 13.55 -17.36
C LYS A 444 -29.61 13.70 -18.88
N LEU A 445 -28.41 13.91 -19.41
CA LEU A 445 -28.25 14.13 -20.85
C LEU A 445 -28.72 12.94 -21.68
N PHE A 446 -28.72 11.73 -21.12
CA PHE A 446 -29.22 10.58 -21.86
C PHE A 446 -30.72 10.65 -22.06
N PHE A 447 -31.46 11.18 -21.09
CA PHE A 447 -32.92 11.26 -21.21
C PHE A 447 -33.36 12.48 -22.01
N GLU A 448 -32.67 13.61 -21.84
CA GLU A 448 -33.11 14.87 -22.43
C GLU A 448 -32.65 14.98 -23.89
N ARG A 449 -33.16 14.06 -24.70
CA ARG A 449 -32.85 14.01 -26.12
C ARG A 449 -33.88 13.16 -26.82
N LYS A 450 -33.91 13.26 -28.15
CA LYS A 450 -34.73 12.36 -28.94
C LYS A 450 -34.24 10.92 -28.76
N LYS A 451 -35.17 10.01 -28.49
CA LYS A 451 -34.81 8.64 -28.19
C LYS A 451 -36.03 7.76 -28.43
N ILE A 452 -35.85 6.45 -28.25
CA ILE A 452 -36.92 5.47 -28.38
C ILE A 452 -37.07 4.78 -27.03
N MET A 453 -38.33 4.67 -26.57
CA MET A 453 -38.64 4.06 -25.30
C MET A 453 -39.61 2.89 -25.50
N TYR A 454 -39.47 1.88 -24.64
CA TYR A 454 -40.36 0.73 -24.69
C TYR A 454 -40.60 0.22 -23.27
N PRO A 455 -41.78 -0.33 -22.99
CA PRO A 455 -42.05 -0.89 -21.67
C PRO A 455 -41.24 -2.15 -21.41
N TYR A 456 -40.92 -2.38 -20.13
CA TYR A 456 -40.10 -3.52 -19.75
C TYR A 456 -40.88 -4.84 -19.76
N LYS A 457 -42.20 -4.78 -19.68
CA LYS A 457 -43.06 -5.96 -19.75
C LYS A 457 -44.29 -5.59 -20.58
N SER A 458 -44.63 -6.43 -21.55
CA SER A 458 -45.72 -6.10 -22.45
C SER A 458 -46.22 -7.37 -23.14
N ASN A 459 -47.43 -7.26 -23.70
CA ASN A 459 -48.00 -8.32 -24.52
C ASN A 459 -47.56 -8.25 -25.97
N GLU A 460 -46.98 -7.13 -26.40
CA GLU A 460 -46.63 -6.92 -27.79
C GLU A 460 -45.52 -5.88 -27.86
N ASN A 461 -44.90 -5.78 -29.04
CA ASN A 461 -43.91 -4.74 -29.28
C ASN A 461 -44.56 -3.37 -29.20
N ARG A 462 -44.03 -2.52 -28.31
CA ARG A 462 -44.49 -1.14 -28.15
CA ARG A 462 -44.49 -1.14 -28.15
C ARG A 462 -43.24 -0.26 -28.08
N PHE A 463 -42.77 0.19 -29.24
CA PHE A 463 -41.60 1.06 -29.33
C PHE A 463 -42.07 2.44 -29.78
N ALA A 464 -41.76 3.46 -28.98
CA ALA A 464 -42.23 4.80 -29.25
C ALA A 464 -41.06 5.77 -29.37
N ILE A 465 -41.22 6.79 -30.20
CA ILE A 465 -40.29 7.90 -30.26
C ILE A 465 -40.71 8.92 -29.21
N ASP A 466 -39.77 9.31 -28.35
CA ASP A 466 -40.04 10.31 -27.32
C ASP A 466 -39.52 11.67 -27.79
N TYR A 467 -40.43 12.61 -27.97
CA TYR A 467 -40.08 13.96 -28.38
C TYR A 467 -40.03 14.95 -27.22
N ASP A 468 -40.35 14.52 -26.00
CA ASP A 468 -40.60 15.43 -24.89
C ASP A 468 -39.62 15.27 -23.74
N ASN A 469 -38.47 14.63 -23.97
CA ASN A 469 -37.43 14.47 -22.96
C ASN A 469 -37.98 13.82 -21.68
N ASN A 470 -38.77 12.77 -21.88
CA ASN A 470 -39.40 12.10 -20.75
C ASN A 470 -38.41 11.28 -19.95
N PHE A 471 -38.50 11.37 -18.63
CA PHE A 471 -37.81 10.46 -17.73
C PHE A 471 -38.75 9.32 -17.35
N SER A 472 -38.17 8.25 -16.79
CA SER A 472 -38.97 7.10 -16.42
C SER A 472 -38.21 6.29 -15.37
N SER A 473 -38.92 5.37 -14.74
CA SER A 473 -38.32 4.41 -13.84
C SER A 473 -37.78 3.23 -14.66
N ALA A 474 -37.43 2.14 -13.98
CA ALA A 474 -36.88 0.97 -14.66
C ALA A 474 -37.94 0.12 -15.34
N ASP A 475 -39.22 0.51 -15.25
CA ASP A 475 -40.26 -0.15 -16.01
C ASP A 475 -40.30 0.30 -17.47
N VAL A 476 -39.40 1.21 -17.86
CA VAL A 476 -39.27 1.69 -19.22
C VAL A 476 -37.80 1.71 -19.58
N TYR A 477 -37.46 1.18 -20.75
CA TYR A 477 -36.08 1.19 -21.25
C TYR A 477 -35.97 2.14 -22.42
N SER A 478 -34.79 2.72 -22.60
CA SER A 478 -34.58 3.72 -23.66
C SER A 478 -33.33 3.39 -24.45
N PHE A 479 -33.31 3.83 -25.71
CA PHE A 479 -32.09 3.80 -26.50
C PHE A 479 -32.11 4.93 -27.52
N PHE A 480 -30.92 5.37 -27.89
CA PHE A 480 -30.77 6.36 -28.95
C PHE A 480 -29.73 5.90 -29.96
N ILE A 481 -29.88 6.35 -31.20
CA ILE A 481 -29.03 5.90 -32.29
C ILE A 481 -27.68 6.59 -32.19
N LYS A 482 -26.61 5.81 -32.42
CA LYS A 482 -25.27 6.38 -32.48
C LYS A 482 -25.15 7.35 -33.64
N GLU A 483 -24.27 8.34 -33.49
CA GLU A 483 -24.11 9.36 -34.52
C GLU A 483 -23.64 8.75 -35.84
N GLU A 484 -22.71 7.79 -35.77
CA GLU A 484 -22.17 7.20 -37.00
C GLU A 484 -23.21 6.38 -37.77
N TYR A 485 -24.31 6.01 -37.14
CA TYR A 485 -25.37 5.24 -37.81
C TYR A 485 -26.62 6.07 -38.08
N LEU A 486 -26.57 7.38 -37.85
CA LEU A 486 -27.75 8.22 -38.09
C LEU A 486 -28.06 8.33 -39.58
N ASP A 487 -27.04 8.32 -40.44
CA ASP A 487 -27.28 8.40 -41.89
C ASP A 487 -27.78 7.09 -42.47
N LYS A 488 -27.70 5.98 -41.72
CA LYS A 488 -28.21 4.69 -42.19
C LYS A 488 -29.53 4.30 -41.57
N PHE A 489 -29.82 4.76 -40.36
CA PHE A 489 -31.07 4.42 -39.68
C PHE A 489 -31.65 5.67 -39.02
N SER A 490 -32.95 5.88 -39.21
CA SER A 490 -33.68 6.95 -38.55
C SER A 490 -34.64 6.35 -37.52
N TYR A 491 -35.01 7.17 -36.53
CA TYR A 491 -35.91 6.70 -35.49
C TYR A 491 -37.25 6.28 -36.06
N GLU A 492 -37.74 7.00 -37.09
CA GLU A 492 -39.03 6.67 -37.69
C GLU A 492 -39.00 5.29 -38.35
N TYR A 493 -37.94 5.00 -39.10
CA TYR A 493 -37.81 3.69 -39.73
C TYR A 493 -37.69 2.58 -38.67
N LEU A 494 -36.94 2.85 -37.60
CA LEU A 494 -36.76 1.85 -36.55
C LEU A 494 -38.09 1.52 -35.88
N VAL A 495 -38.86 2.54 -35.51
CA VAL A 495 -40.14 2.25 -34.87
C VAL A 495 -41.11 1.62 -35.86
N GLY A 496 -40.96 1.94 -37.15
CA GLY A 496 -41.79 1.28 -38.15
C GLY A 496 -41.56 -0.22 -38.21
N ILE A 497 -40.30 -0.63 -38.30
CA ILE A 497 -40.02 -2.07 -38.43
C ILE A 497 -40.23 -2.77 -37.09
N LEU A 498 -39.87 -2.12 -35.98
CA LEU A 498 -39.92 -2.79 -34.68
C LEU A 498 -41.34 -3.03 -34.21
N ASN A 499 -42.29 -2.18 -34.61
CA ASN A 499 -43.68 -2.32 -34.21
C ASN A 499 -44.48 -3.21 -35.15
N SER A 500 -43.85 -3.75 -36.20
CA SER A 500 -44.56 -4.59 -37.14
C SER A 500 -44.85 -5.96 -36.53
N SER A 501 -45.88 -6.62 -37.08
CA SER A 501 -46.21 -7.97 -36.65
C SER A 501 -45.07 -8.94 -36.91
N VAL A 502 -44.33 -8.72 -38.01
CA VAL A 502 -43.17 -9.56 -38.32
C VAL A 502 -42.18 -9.53 -37.17
N TYR A 503 -41.81 -8.32 -36.72
CA TYR A 503 -40.84 -8.22 -35.64
C TYR A 503 -41.43 -8.57 -34.29
N ASP A 504 -42.75 -8.42 -34.11
CA ASP A 504 -43.38 -8.92 -32.90
C ASP A 504 -43.18 -10.43 -32.77
N LYS A 505 -43.52 -11.17 -33.82
CA LYS A 505 -43.30 -12.62 -33.82
C LYS A 505 -41.82 -12.95 -33.69
N TYR A 506 -40.97 -12.23 -34.42
CA TYR A 506 -39.53 -12.49 -34.40
C TYR A 506 -38.94 -12.32 -33.01
N PHE A 507 -39.32 -11.25 -32.31
CA PHE A 507 -38.84 -11.06 -30.94
C PHE A 507 -39.41 -12.11 -30.01
N LYS A 508 -40.69 -12.44 -30.15
CA LYS A 508 -41.28 -13.44 -29.27
C LYS A 508 -40.74 -14.84 -29.52
N ILE A 509 -40.02 -15.06 -30.62
CA ILE A 509 -39.39 -16.36 -30.84
C ILE A 509 -38.46 -16.72 -29.68
N THR A 510 -37.65 -15.76 -29.23
CA THR A 510 -36.65 -16.01 -28.20
C THR A 510 -36.89 -15.20 -26.93
N ALA A 511 -37.99 -14.47 -26.83
CA ALA A 511 -38.22 -13.60 -25.69
C ALA A 511 -38.53 -14.41 -24.43
N LYS A 512 -38.29 -13.78 -23.28
CA LYS A 512 -38.52 -14.41 -21.99
C LYS A 512 -39.99 -14.28 -21.63
N LYS A 513 -40.70 -15.42 -21.62
CA LYS A 513 -42.13 -15.44 -21.32
C LYS A 513 -42.34 -15.41 -19.82
N MET A 514 -42.97 -14.34 -19.31
CA MET A 514 -43.08 -14.13 -17.87
C MET A 514 -44.39 -14.68 -17.30
N SER A 515 -45.51 -14.17 -17.77
CA SER A 515 -46.83 -14.61 -17.31
C SER A 515 -47.79 -14.51 -18.48
N LYS A 516 -49.07 -14.76 -18.22
CA LYS A 516 -50.05 -14.79 -19.29
C LYS A 516 -50.10 -13.45 -20.02
N ASN A 517 -49.74 -13.48 -21.31
CA ASN A 517 -49.72 -12.30 -22.17
C ASN A 517 -48.72 -11.25 -21.70
N ILE A 518 -47.62 -11.68 -21.07
CA ILE A 518 -46.56 -10.77 -20.65
C ILE A 518 -45.22 -11.37 -21.07
N TYR A 519 -44.46 -10.62 -21.87
CA TYR A 519 -43.09 -10.95 -22.20
C TYR A 519 -42.16 -9.91 -21.58
N ASP A 520 -40.97 -10.34 -21.19
CA ASP A 520 -39.95 -9.40 -20.75
C ASP A 520 -39.35 -8.70 -21.96
N TYR A 521 -39.34 -7.37 -21.92
CA TYR A 521 -38.67 -6.55 -22.92
C TYR A 521 -37.50 -5.86 -22.22
N TYR A 522 -36.39 -6.58 -22.11
CA TYR A 522 -35.18 -6.09 -21.45
C TYR A 522 -34.06 -5.97 -22.47
N PRO A 523 -33.10 -5.07 -22.24
CA PRO A 523 -32.03 -4.88 -23.24
C PRO A 523 -31.25 -6.14 -23.55
N ASN A 524 -31.09 -7.05 -22.60
CA ASN A 524 -30.29 -8.25 -22.84
C ASN A 524 -30.85 -9.10 -23.97
N LYS A 525 -32.11 -8.91 -24.34
CA LYS A 525 -32.68 -9.52 -25.53
C LYS A 525 -33.15 -8.50 -26.57
N VAL A 526 -33.60 -7.32 -26.15
CA VAL A 526 -34.06 -6.32 -27.10
C VAL A 526 -32.90 -5.84 -27.98
N MET A 527 -31.72 -5.62 -27.38
CA MET A 527 -30.59 -5.13 -28.14
C MET A 527 -30.00 -6.18 -29.08
N LYS A 528 -30.41 -7.44 -28.94
CA LYS A 528 -29.98 -8.48 -29.87
C LYS A 528 -30.88 -8.58 -31.09
N ILE A 529 -31.96 -7.80 -31.15
CA ILE A 529 -32.82 -7.80 -32.33
C ILE A 529 -32.04 -7.32 -33.53
N ARG A 530 -32.08 -8.09 -34.61
CA ARG A 530 -31.36 -7.73 -35.82
C ARG A 530 -32.26 -6.96 -36.76
N ILE A 531 -31.65 -6.03 -37.51
CA ILE A 531 -32.38 -5.12 -38.38
C ILE A 531 -31.70 -5.07 -39.74
N PHE A 532 -32.48 -4.63 -40.74
CA PHE A 532 -32.04 -4.59 -42.12
C PHE A 532 -32.32 -3.22 -42.72
N ARG A 533 -31.67 -2.94 -43.84
CA ARG A 533 -32.02 -1.79 -44.66
C ARG A 533 -31.83 -2.17 -46.12
N ASP A 534 -32.84 -1.90 -46.94
CA ASP A 534 -32.81 -2.27 -48.36
C ASP A 534 -33.67 -1.28 -49.13
N ASN A 535 -34.08 -1.67 -50.34
CA ASN A 535 -34.83 -0.78 -51.22
C ASN A 535 -36.16 -0.34 -50.64
N ASN A 536 -36.69 -1.04 -49.65
CA ASN A 536 -37.97 -0.68 -49.04
C ASN A 536 -37.82 0.33 -47.92
N TYR A 537 -36.61 0.84 -47.68
CA TYR A 537 -36.37 1.74 -46.55
C TYR A 537 -37.24 3.00 -46.65
N GLU A 538 -37.25 3.64 -47.83
CA GLU A 538 -37.97 4.91 -47.97
C GLU A 538 -39.46 4.73 -47.72
N GLU A 539 -40.06 3.69 -48.30
CA GLU A 539 -41.50 3.49 -48.17
C GLU A 539 -41.89 3.14 -46.73
N ILE A 540 -41.09 2.31 -46.07
CA ILE A 540 -41.34 1.97 -44.67
C ILE A 540 -41.25 3.22 -43.80
N GLU A 541 -40.22 4.03 -44.02
CA GLU A 541 -40.07 5.26 -43.25
C GLU A 541 -41.23 6.21 -43.49
N ASN A 542 -41.68 6.32 -44.75
CA ASN A 542 -42.79 7.21 -45.07
C ASN A 542 -44.08 6.73 -44.41
N LEU A 543 -44.34 5.42 -44.44
CA LEU A 543 -45.52 4.88 -43.78
C LEU A 543 -45.46 5.12 -42.28
N SER A 544 -44.29 4.92 -41.67
CA SER A 544 -44.15 5.18 -40.24
C SER A 544 -44.41 6.64 -39.92
N LYS A 545 -43.91 7.56 -40.74
CA LYS A 545 -44.15 8.98 -40.50
C LYS A 545 -45.62 9.33 -40.68
N GLN A 546 -46.30 8.72 -41.65
CA GLN A 546 -47.74 8.93 -41.79
C GLN A 546 -48.48 8.44 -40.55
N ILE A 547 -48.10 7.27 -40.04
CA ILE A 547 -48.73 6.74 -38.82
C ILE A 547 -48.51 7.68 -37.64
N ILE A 548 -47.29 8.19 -37.49
CA ILE A 548 -46.98 9.09 -36.39
C ILE A 548 -47.80 10.38 -36.52
N SER A 549 -47.89 10.93 -37.74
CA SER A 549 -48.66 12.14 -37.96
C SER A 549 -50.13 11.93 -37.61
N ILE A 550 -50.69 10.79 -38.02
CA ILE A 550 -52.09 10.50 -37.68
C ILE A 550 -52.25 10.39 -36.17
N LEU A 551 -51.32 9.69 -35.51
CA LEU A 551 -51.46 9.48 -34.06
C LEU A 551 -51.32 10.77 -33.27
N LEU A 552 -50.54 11.74 -33.78
CA LEU A 552 -50.30 12.96 -33.02
C LEU A 552 -51.41 13.99 -33.16
N ASN A 553 -52.33 13.83 -34.11
CA ASN A 553 -53.44 14.77 -34.23
C ASN A 553 -54.42 14.59 -33.08
N LYS A 554 -54.87 15.73 -32.52
CA LYS A 554 -55.78 15.68 -31.39
C LYS A 554 -57.12 15.06 -31.78
N SER A 555 -57.74 15.57 -32.84
CA SER A 555 -58.99 15.03 -33.37
C SER A 555 -58.64 14.14 -34.55
N ILE A 556 -58.64 12.83 -34.32
CA ILE A 556 -58.18 11.88 -35.32
C ILE A 556 -58.79 10.52 -35.01
N ASP A 557 -58.80 9.63 -36.01
CA ASP A 557 -59.25 8.27 -35.85
C ASP A 557 -58.13 7.31 -36.24
N LYS A 558 -57.99 6.23 -35.47
CA LYS A 558 -56.90 5.29 -35.64
C LYS A 558 -57.14 4.27 -36.75
N GLY A 559 -58.26 4.37 -37.47
CA GLY A 559 -58.59 3.33 -38.43
C GLY A 559 -57.58 3.20 -39.54
N LYS A 560 -57.17 4.32 -40.14
CA LYS A 560 -56.22 4.28 -41.24
C LYS A 560 -54.84 3.81 -40.81
N VAL A 561 -54.51 3.96 -39.52
CA VAL A 561 -53.23 3.49 -39.01
C VAL A 561 -53.10 1.98 -39.21
N GLU A 562 -54.19 1.25 -39.02
CA GLU A 562 -54.16 -0.20 -39.20
C GLU A 562 -53.87 -0.56 -40.65
N LYS A 563 -54.48 0.15 -41.60
CA LYS A 563 -54.22 -0.12 -43.02
C LYS A 563 -52.77 0.19 -43.38
N LEU A 564 -52.26 1.33 -42.89
CA LEU A 564 -50.85 1.66 -43.12
C LEU A 564 -49.94 0.61 -42.52
N GLN A 565 -50.29 0.10 -41.34
CA GLN A 565 -49.50 -0.95 -40.70
C GLN A 565 -49.51 -2.23 -41.52
N ILE A 566 -50.67 -2.58 -42.09
CA ILE A 566 -50.75 -3.77 -42.94
C ILE A 566 -49.85 -3.61 -44.16
N LYS A 567 -49.88 -2.44 -44.78
CA LYS A 567 -49.00 -2.19 -45.93
C LYS A 567 -47.53 -2.28 -45.53
N MET A 568 -47.17 -1.73 -44.38
CA MET A 568 -45.79 -1.81 -43.92
C MET A 568 -45.38 -3.24 -43.61
N ASP A 569 -46.28 -4.03 -43.04
CA ASP A 569 -46.00 -5.44 -42.79
C ASP A 569 -45.77 -6.19 -44.09
N ASN A 570 -46.58 -5.89 -45.12
CA ASN A 570 -46.34 -6.48 -46.43
C ASN A 570 -44.97 -6.12 -46.96
N LEU A 571 -44.57 -4.85 -46.83
CA LEU A 571 -43.25 -4.42 -47.28
C LEU A 571 -42.15 -5.16 -46.54
N ILE A 572 -42.28 -5.29 -45.23
CA ILE A 572 -41.26 -5.97 -44.43
C ILE A 572 -41.17 -7.44 -44.79
N MET A 573 -42.32 -8.10 -44.97
CA MET A 573 -42.30 -9.51 -45.36
C MET A 573 -41.67 -9.69 -46.74
N ASP A 574 -41.94 -8.77 -47.67
CA ASP A 574 -41.26 -8.83 -48.96
C ASP A 574 -39.76 -8.64 -48.82
N SER A 575 -39.35 -7.70 -47.96
CA SER A 575 -37.92 -7.44 -47.77
C SER A 575 -37.20 -8.65 -47.19
N LEU A 576 -37.82 -9.31 -46.20
CA LEU A 576 -37.19 -10.45 -45.54
C LEU A 576 -37.44 -11.77 -46.23
N GLY A 577 -38.22 -11.77 -47.32
CA GLY A 577 -38.45 -13.00 -48.06
C GLY A 577 -39.17 -14.08 -47.28
N ILE A 578 -40.19 -13.71 -46.54
CA ILE A 578 -40.95 -14.65 -45.73
C ILE A 578 -42.39 -14.74 -46.21
N ASP B 3 24.02 27.52 36.73
CA ASP B 3 24.41 26.15 37.05
C ASP B 3 23.21 25.22 36.99
N ASP B 4 22.76 24.92 35.78
CA ASP B 4 21.58 24.11 35.56
C ASP B 4 21.89 22.91 34.68
N ILE B 5 21.01 21.91 34.74
CA ILE B 5 21.08 20.75 33.85
C ILE B 5 20.41 21.02 32.51
N SER B 6 19.81 22.19 32.34
CA SER B 6 19.02 22.48 31.15
C SER B 6 19.86 22.39 29.88
N GLN B 7 19.31 21.70 28.88
CA GLN B 7 19.92 21.56 27.56
C GLN B 7 19.34 22.60 26.61
N ASP B 8 19.84 22.59 25.38
CA ASP B 8 19.21 23.36 24.32
C ASP B 8 17.84 22.76 24.00
N ASN B 9 16.87 23.63 23.65
CA ASN B 9 15.51 23.18 23.47
C ASN B 9 15.38 22.19 22.32
N PHE B 10 16.23 22.30 21.30
CA PHE B 10 16.09 21.49 20.09
C PHE B 10 17.16 20.41 19.97
N LEU B 11 17.89 20.12 21.05
CA LEU B 11 18.93 19.09 21.00
C LEU B 11 18.33 17.68 21.09
N LEU B 12 17.65 17.40 22.20
CA LEU B 12 17.13 16.05 22.44
C LEU B 12 16.07 15.67 21.42
N SER B 13 15.23 16.62 21.02
CA SER B 13 14.21 16.34 20.01
C SER B 13 14.84 15.95 18.68
N LYS B 14 15.88 16.67 18.27
CA LYS B 14 16.55 16.34 17.01
C LYS B 14 17.26 14.99 17.12
N GLU B 15 17.85 14.69 18.27
CA GLU B 15 18.47 13.38 18.46
C GLU B 15 17.44 12.27 18.34
N TYR B 16 16.27 12.45 18.97
CA TYR B 16 15.22 11.45 18.88
C TYR B 16 14.73 11.28 17.45
N GLU B 17 14.59 12.39 16.72
CA GLU B 17 14.22 12.31 15.31
C GLU B 17 15.25 11.49 14.54
N ASN B 18 16.53 11.77 14.75
CA ASN B 18 17.58 11.03 14.06
C ASN B 18 17.60 9.56 14.45
N SER B 19 17.06 9.21 15.62
CA SER B 19 17.01 7.81 16.03
C SER B 19 15.93 7.01 15.29
N LEU B 20 15.02 7.66 14.57
CA LEU B 20 13.90 7.00 13.92
C LEU B 20 14.15 6.81 12.44
N ASP B 21 13.60 5.72 11.90
CA ASP B 21 13.71 5.44 10.47
C ASP B 21 12.52 6.04 9.71
N VAL B 22 12.61 5.98 8.38
CA VAL B 22 11.65 6.69 7.53
C VAL B 22 10.24 6.14 7.71
N ASP B 23 10.09 4.82 7.78
CA ASP B 23 8.76 4.22 7.83
C ASP B 23 8.00 4.63 9.09
N THR B 24 8.69 4.65 10.24
CA THR B 24 8.03 5.07 11.47
C THR B 24 7.59 6.53 11.39
N LYS B 25 8.46 7.39 10.87
CA LYS B 25 8.13 8.81 10.74
C LYS B 25 6.92 9.00 9.83
N LYS B 26 6.88 8.31 8.70
CA LYS B 26 5.72 8.41 7.81
C LYS B 26 4.46 7.88 8.47
N ALA B 27 4.56 6.74 9.15
CA ALA B 27 3.39 6.10 9.73
C ALA B 27 2.80 6.88 10.90
N SER B 28 3.60 7.71 11.57
CA SER B 28 3.07 8.52 12.65
C SER B 28 3.22 10.02 12.42
N GLY B 29 3.73 10.43 11.26
CA GLY B 29 3.91 11.85 10.97
C GLY B 29 4.87 12.54 11.91
N ILE B 30 5.96 11.85 12.27
CA ILE B 30 6.90 12.36 13.28
C ILE B 30 7.93 13.21 12.55
N TYR B 31 7.64 14.50 12.44
CA TYR B 31 8.54 15.46 11.81
C TYR B 31 8.43 16.77 12.58
N TYR B 32 9.50 17.15 13.28
CA TYR B 32 9.45 18.27 14.21
C TYR B 32 9.73 19.59 13.49
N THR B 33 9.13 20.66 14.03
CA THR B 33 9.08 22.00 13.45
C THR B 33 10.42 22.73 13.65
N PRO B 34 10.89 23.46 12.63
CA PRO B 34 12.09 24.28 12.79
C PRO B 34 11.89 25.38 13.81
N LYS B 35 13.02 25.83 14.40
CA LYS B 35 12.96 26.81 15.48
C LYS B 35 12.38 28.14 15.01
N ILE B 36 12.62 28.54 13.77
CA ILE B 36 12.14 29.84 13.31
C ILE B 36 10.61 29.86 13.27
N ILE B 37 10.00 28.78 12.76
CA ILE B 37 8.55 28.69 12.73
C ILE B 37 7.98 28.68 14.15
N VAL B 38 8.60 27.91 15.04
CA VAL B 38 8.15 27.84 16.43
C VAL B 38 8.21 29.21 17.08
N ASP B 39 9.32 29.93 16.86
CA ASP B 39 9.44 31.28 17.41
C ASP B 39 8.33 32.17 16.90
N TYR B 40 8.08 32.15 15.59
CA TYR B 40 7.04 32.99 15.02
C TYR B 40 5.68 32.68 15.65
N ILE B 41 5.32 31.39 15.70
CA ILE B 41 3.99 31.03 16.18
C ILE B 41 3.83 31.36 17.65
N VAL B 42 4.82 30.98 18.48
CA VAL B 42 4.72 31.19 19.92
C VAL B 42 4.69 32.67 20.24
N LYS B 43 5.54 33.47 19.60
CA LYS B 43 5.54 34.90 19.87
C LYS B 43 4.32 35.59 19.28
N LYS B 44 3.68 35.02 18.25
CA LYS B 44 2.46 35.61 17.73
C LYS B 44 1.27 35.36 18.66
N THR B 45 1.13 34.14 19.17
CA THR B 45 -0.03 33.85 20.02
C THR B 45 0.09 34.51 21.38
N LEU B 46 1.28 34.49 21.98
CA LEU B 46 1.51 34.99 23.32
C LEU B 46 2.06 36.41 23.34
N LYS B 47 1.96 37.13 22.21
CA LYS B 47 2.54 38.47 22.12
C LYS B 47 1.91 39.42 23.14
N ASN B 48 0.59 39.50 23.13
CA ASN B 48 -0.14 40.53 23.86
C ASN B 48 -0.96 39.96 25.02
N HIS B 49 -0.52 38.84 25.58
CA HIS B 49 -1.25 38.26 26.70
C HIS B 49 -1.07 39.10 27.95
N ASP B 50 -2.17 39.36 28.65
CA ASP B 50 -2.16 40.13 29.89
C ASP B 50 -2.02 39.15 31.05
N ILE B 51 -0.78 38.98 31.54
CA ILE B 51 -0.54 38.02 32.61
C ILE B 51 -1.10 38.51 33.94
N ILE B 52 -1.26 39.83 34.11
CA ILE B 52 -1.87 40.34 35.34
C ILE B 52 -3.35 40.01 35.37
N LYS B 53 -4.05 40.23 34.25
CA LYS B 53 -5.48 39.95 34.20
C LYS B 53 -5.77 38.46 34.26
N ASN B 54 -4.97 37.65 33.55
CA ASN B 54 -5.13 36.20 33.53
C ASN B 54 -3.77 35.55 33.74
N PRO B 55 -3.40 35.27 34.99
CA PRO B 55 -2.16 34.55 35.27
C PRO B 55 -2.26 33.03 35.13
N TYR B 56 -3.37 32.51 34.59
CA TYR B 56 -3.54 31.07 34.39
C TYR B 56 -3.91 30.77 32.94
N PRO B 57 -3.02 31.06 31.99
CA PRO B 57 -3.32 30.75 30.59
C PRO B 57 -2.97 29.30 30.28
N ARG B 58 -3.93 28.57 29.70
CA ARG B 58 -3.72 27.19 29.30
C ARG B 58 -3.22 27.16 27.86
N ILE B 59 -1.99 26.70 27.68
CA ILE B 59 -1.39 26.57 26.35
C ILE B 59 -1.19 25.08 26.08
N LEU B 60 -1.75 24.61 24.96
CA LEU B 60 -1.80 23.19 24.64
C LEU B 60 -1.14 22.89 23.31
N ASP B 61 -0.40 21.79 23.27
CA ASP B 61 0.07 21.18 22.02
C ASP B 61 -0.44 19.75 21.99
N ILE B 62 -1.43 19.48 21.12
CA ILE B 62 -2.04 18.15 21.07
C ILE B 62 -1.17 17.11 20.38
N SER B 63 -0.11 17.51 19.71
CA SER B 63 0.82 16.59 19.06
C SER B 63 2.25 17.02 19.39
N CYS B 64 2.52 17.23 20.67
CA CYS B 64 3.70 17.97 21.12
C CYS B 64 5.01 17.29 20.77
N GLY B 65 5.03 15.98 20.59
CA GLY B 65 6.30 15.30 20.34
C GLY B 65 7.24 15.47 21.53
N CYS B 66 8.50 15.79 21.23
CA CYS B 66 9.48 16.02 22.28
C CYS B 66 9.42 17.43 22.86
N GLY B 67 8.63 18.33 22.27
CA GLY B 67 8.39 19.61 22.88
C GLY B 67 9.06 20.81 22.22
N ASN B 68 9.15 20.80 20.89
CA ASN B 68 9.72 21.94 20.18
C ASN B 68 8.92 23.22 20.45
N PHE B 69 7.59 23.10 20.48
CA PHE B 69 6.76 24.26 20.80
C PHE B 69 6.70 24.52 22.29
N LEU B 70 6.51 23.48 23.10
CA LEU B 70 6.20 23.68 24.51
C LEU B 70 7.39 24.19 25.30
N LEU B 71 8.62 23.83 24.92
CA LEU B 71 9.79 24.37 25.63
C LEU B 71 9.94 25.87 25.37
N GLU B 72 9.73 26.29 24.13
CA GLU B 72 9.73 27.72 23.82
C GLU B 72 8.60 28.42 24.56
N VAL B 73 7.44 27.77 24.65
CA VAL B 73 6.33 28.31 25.44
C VAL B 73 6.74 28.48 26.89
N TYR B 74 7.46 27.51 27.44
CA TYR B 74 7.93 27.60 28.82
C TYR B 74 8.84 28.81 28.99
N ASP B 75 9.78 29.01 28.07
CA ASP B 75 10.69 30.16 28.19
C ASP B 75 9.92 31.47 28.13
N ILE B 76 9.00 31.60 27.19
CA ILE B 76 8.21 32.82 27.06
C ILE B 76 7.41 33.07 28.32
N LEU B 77 6.74 32.03 28.84
CA LEU B 77 5.93 32.17 30.04
C LEU B 77 6.78 32.53 31.26
N TYR B 78 7.98 31.93 31.36
CA TYR B 78 8.83 32.24 32.50
C TYR B 78 9.25 33.70 32.48
N ASP B 79 9.63 34.21 31.31
CA ASP B 79 9.95 35.64 31.23
C ASP B 79 8.74 36.50 31.58
N LEU B 80 7.56 36.09 31.08
CA LEU B 80 6.34 36.86 31.32
C LEU B 80 6.01 36.94 32.80
N PHE B 81 6.14 35.82 33.52
CA PHE B 81 5.89 35.83 34.96
C PHE B 81 6.97 36.58 35.72
N GLU B 82 8.23 36.40 35.32
CA GLU B 82 9.33 37.03 36.06
C GLU B 82 9.27 38.54 35.95
N GLU B 83 8.82 39.08 34.82
CA GLU B 83 8.81 40.53 34.66
C GLU B 83 7.59 41.20 35.29
N ASN B 84 6.62 40.43 35.80
CA ASN B 84 5.44 40.99 36.46
C ASN B 84 5.18 40.32 37.80
N ILE B 85 6.19 39.65 38.36
CA ILE B 85 6.01 38.90 39.60
C ILE B 85 5.54 39.81 40.73
N TYR B 86 6.04 41.04 40.80
CA TYR B 86 5.66 41.90 41.92
C TYR B 86 4.23 42.42 41.79
N GLU B 87 3.80 42.72 40.55
CA GLU B 87 2.41 43.07 40.34
C GLU B 87 1.49 41.92 40.69
N LEU B 88 1.86 40.70 40.29
CA LEU B 88 1.06 39.53 40.66
C LEU B 88 1.05 39.32 42.17
N LYS B 89 2.19 39.53 42.81
CA LYS B 89 2.30 39.40 44.27
C LYS B 89 1.37 40.37 44.97
N LYS B 90 1.32 41.62 44.49
CA LYS B 90 0.45 42.61 45.13
C LYS B 90 -1.02 42.31 44.86
N LYS B 91 -1.36 41.93 43.61
CA LYS B 91 -2.75 41.73 43.23
C LYS B 91 -3.33 40.43 43.77
N TYR B 92 -2.49 39.43 44.01
CA TYR B 92 -2.90 38.09 44.41
C TYR B 92 -2.18 37.70 45.70
N ASP B 93 -2.26 36.42 46.04
CA ASP B 93 -1.65 35.90 47.26
C ASP B 93 -0.16 36.23 47.30
N GLU B 94 0.26 36.95 48.34
CA GLU B 94 1.64 37.42 48.44
C GLU B 94 2.61 36.26 48.55
N ASN B 95 2.24 35.20 49.28
CA ASN B 95 3.14 34.08 49.49
C ASN B 95 3.30 33.23 48.24
N TYR B 96 2.25 33.12 47.43
CA TYR B 96 2.30 32.24 46.27
C TYR B 96 3.23 32.79 45.19
N TRP B 97 3.11 34.07 44.88
CA TRP B 97 3.78 34.64 43.71
C TRP B 97 5.19 35.07 44.09
N THR B 98 6.12 34.12 43.96
CA THR B 98 7.55 34.37 44.07
C THR B 98 8.23 33.83 42.83
N VAL B 99 9.44 34.32 42.55
CA VAL B 99 10.19 33.85 41.40
C VAL B 99 10.43 32.35 41.50
N ASP B 100 10.86 31.89 42.67
CA ASP B 100 11.14 30.47 42.88
C ASP B 100 9.92 29.59 42.63
N ASN B 101 8.72 30.14 42.74
CA ASN B 101 7.50 29.38 42.53
C ASN B 101 6.99 29.44 41.09
N ILE B 102 7.65 30.20 40.21
CA ILE B 102 7.16 30.32 38.83
C ILE B 102 7.17 28.97 38.14
N HIS B 103 8.31 28.27 38.19
CA HIS B 103 8.48 27.00 37.52
C HIS B 103 7.30 26.06 37.76
N ARG B 104 7.09 25.69 39.03
CA ARG B 104 5.99 24.81 39.38
C ARG B 104 4.68 25.33 38.83
N HIS B 105 4.41 26.63 39.01
CA HIS B 105 3.17 27.20 38.52
C HIS B 105 3.00 26.94 37.03
N ILE B 106 4.05 27.18 36.25
CA ILE B 106 3.97 26.97 34.81
C ILE B 106 3.64 25.51 34.51
N LEU B 107 4.27 24.59 35.24
CA LEU B 107 4.01 23.18 34.99
C LEU B 107 2.66 22.74 35.55
N ASN B 108 2.08 23.49 36.48
CA ASN B 108 0.83 23.06 37.09
C ASN B 108 -0.39 23.47 36.28
N TYR B 109 -0.41 24.71 35.75
CA TYR B 109 -1.62 25.28 35.20
C TYR B 109 -1.51 25.73 33.75
N CYS B 110 -0.31 25.87 33.20
CA CYS B 110 -0.14 26.58 31.94
C CYS B 110 0.25 25.72 30.75
N ILE B 111 1.04 24.68 30.94
CA ILE B 111 1.57 23.89 29.83
C ILE B 111 0.83 22.56 29.79
N TYR B 112 0.28 22.23 28.61
CA TYR B 112 -0.42 20.97 28.38
C TYR B 112 0.09 20.36 27.08
N GLY B 113 0.41 19.08 27.12
CA GLY B 113 0.88 18.40 25.94
C GLY B 113 0.28 17.02 25.77
N ALA B 114 0.02 16.63 24.52
CA ALA B 114 -0.49 15.30 24.20
C ALA B 114 0.26 14.74 23.01
N ASP B 115 0.45 13.42 23.02
CA ASP B 115 1.08 12.72 21.90
C ASP B 115 0.96 11.22 22.13
N ILE B 116 0.79 10.48 21.04
CA ILE B 116 0.76 9.02 21.14
C ILE B 116 2.14 8.41 21.30
N ASP B 117 3.20 9.19 21.11
CA ASP B 117 4.57 8.68 21.19
C ASP B 117 5.01 8.74 22.65
N GLU B 118 5.03 7.57 23.30
CA GLU B 118 5.34 7.51 24.73
C GLU B 118 6.76 7.94 25.02
N LYS B 119 7.72 7.51 24.18
CA LYS B 119 9.11 7.89 24.39
C LYS B 119 9.30 9.40 24.26
N ALA B 120 8.65 10.01 23.26
CA ALA B 120 8.72 11.46 23.11
C ALA B 120 8.12 12.16 24.32
N ILE B 121 7.03 11.62 24.87
CA ILE B 121 6.42 12.21 26.06
C ILE B 121 7.37 12.13 27.24
N SER B 122 8.08 11.00 27.40
CA SER B 122 9.03 10.90 28.49
C SER B 122 10.19 11.88 28.32
N ILE B 123 10.67 12.06 27.08
CA ILE B 123 11.75 13.01 26.82
C ILE B 123 11.29 14.43 27.16
N LEU B 124 10.08 14.79 26.72
CA LEU B 124 9.56 16.13 27.03
C LEU B 124 9.36 16.32 28.52
N LYS B 125 8.90 15.27 29.22
CA LYS B 125 8.75 15.35 30.67
C LYS B 125 10.09 15.62 31.33
N ASP B 126 11.14 14.92 30.88
CA ASP B 126 12.47 15.15 31.44
C ASP B 126 12.95 16.58 31.17
N SER B 127 12.71 17.09 29.95
CA SER B 127 13.14 18.44 29.64
C SER B 127 12.42 19.48 30.50
N LEU B 128 11.10 19.34 30.62
CA LEU B 128 10.32 20.28 31.44
C LEU B 128 10.73 20.20 32.91
N THR B 129 11.02 18.99 33.39
CA THR B 129 11.52 18.84 34.76
C THR B 129 12.87 19.52 34.92
N ASN B 130 13.74 19.40 33.93
CA ASN B 130 15.09 19.94 33.99
C ASN B 130 15.14 21.43 33.69
N LYS B 131 14.00 22.05 33.38
CA LYS B 131 13.97 23.52 33.28
C LYS B 131 14.38 24.22 34.57
N LYS B 132 14.29 23.57 35.73
CA LYS B 132 14.67 24.16 37.00
C LYS B 132 15.87 23.43 37.59
N VAL B 133 16.90 24.20 37.96
CA VAL B 133 18.14 23.62 38.45
C VAL B 133 17.95 23.01 39.83
N VAL B 134 17.14 23.66 40.68
CA VAL B 134 17.02 23.24 42.08
C VAL B 134 16.47 21.82 42.14
N ASN B 135 17.16 20.97 42.90
CA ASN B 135 16.79 19.57 43.05
C ASN B 135 16.02 19.37 44.35
N ASP B 136 14.81 18.83 44.24
CA ASP B 136 13.95 18.57 45.40
C ASP B 136 13.70 19.85 46.20
N LEU B 137 13.24 20.90 45.49
CA LEU B 137 12.90 22.15 46.16
C LEU B 137 11.71 21.96 47.11
N ASP B 138 10.71 21.19 46.68
CA ASP B 138 9.55 20.88 47.51
C ASP B 138 9.37 19.37 47.65
N GLU B 139 10.47 18.62 47.57
CA GLU B 139 10.47 17.16 47.70
C GLU B 139 9.59 16.50 46.64
N SER B 140 9.82 16.88 45.38
CA SER B 140 9.19 16.26 44.20
C SER B 140 7.66 16.34 44.29
N ASP B 141 7.17 17.58 44.24
CA ASP B 141 5.73 17.81 44.24
C ASP B 141 5.30 18.59 42.99
N ILE B 142 5.81 18.18 41.83
CA ILE B 142 5.59 18.89 40.58
C ILE B 142 4.68 18.05 39.69
N LYS B 143 3.51 18.61 39.37
CA LYS B 143 2.60 17.99 38.42
C LYS B 143 2.83 18.56 37.03
N ILE B 144 2.87 17.67 36.04
CA ILE B 144 3.05 18.05 34.64
C ILE B 144 1.88 17.51 33.85
N ASN B 145 1.31 18.34 32.98
CA ASN B 145 0.12 17.98 32.22
C ASN B 145 0.51 17.45 30.84
N LEU B 146 1.09 16.26 30.85
CA LEU B 146 1.43 15.54 29.63
C LEU B 146 0.57 14.29 29.53
N PHE B 147 -0.09 14.12 28.39
CA PHE B 147 -1.00 13.00 28.17
C PHE B 147 -0.46 12.15 27.03
N CYS B 148 -0.17 10.89 27.31
CA CYS B 148 0.21 9.93 26.28
C CYS B 148 -1.07 9.22 25.83
N CYS B 149 -1.66 9.72 24.73
CA CYS B 149 -2.96 9.23 24.30
C CYS B 149 -3.17 9.63 22.85
N ASP B 150 -4.26 9.12 22.28
CA ASP B 150 -4.72 9.56 20.96
C ASP B 150 -5.52 10.84 21.16
N SER B 151 -4.96 11.97 20.73
CA SER B 151 -5.62 13.26 20.94
C SER B 151 -6.98 13.32 20.25
N LEU B 152 -7.17 12.54 19.19
CA LEU B 152 -8.45 12.50 18.50
C LEU B 152 -9.47 11.62 19.19
N LYS B 153 -9.06 10.82 20.18
CA LYS B 153 -9.99 9.99 20.94
C LYS B 153 -10.17 10.45 22.37
N LYS B 154 -9.28 11.28 22.90
CA LYS B 154 -9.34 11.68 24.30
C LYS B 154 -10.60 12.49 24.58
N LYS B 155 -11.19 12.24 25.75
CA LYS B 155 -12.34 13.00 26.23
C LYS B 155 -11.78 14.22 26.99
N TRP B 156 -11.71 15.35 26.29
CA TRP B 156 -11.14 16.56 26.87
C TRP B 156 -12.13 17.19 27.83
N ARG B 157 -11.71 17.42 29.08
CA ARG B 157 -12.60 17.89 30.12
C ARG B 157 -12.78 19.41 30.10
N TYR B 158 -11.83 20.16 29.55
CA TYR B 158 -11.92 21.62 29.52
C TYR B 158 -11.23 22.15 28.28
N LYS B 159 -11.54 23.40 27.94
CA LYS B 159 -10.97 24.06 26.77
C LYS B 159 -9.73 24.85 27.16
N PHE B 160 -9.02 25.34 26.13
CA PHE B 160 -7.70 25.91 26.29
C PHE B 160 -7.64 27.32 25.73
N ASP B 161 -6.87 28.18 26.41
CA ASP B 161 -6.73 29.57 25.97
C ASP B 161 -5.93 29.69 24.69
N TYR B 162 -4.84 28.93 24.58
CA TYR B 162 -4.00 28.95 23.39
C TYR B 162 -3.69 27.52 22.97
N ILE B 163 -3.71 27.29 21.65
CA ILE B 163 -3.36 26.00 21.08
C ILE B 163 -2.40 26.25 19.92
N VAL B 164 -1.21 25.65 19.99
CA VAL B 164 -0.19 25.80 18.95
C VAL B 164 0.41 24.43 18.66
N GLY B 165 1.02 24.31 17.48
CA GLY B 165 1.80 23.13 17.18
C GLY B 165 1.77 22.81 15.71
N ASN B 166 1.98 21.53 15.42
CA ASN B 166 2.15 21.02 14.06
C ASN B 166 1.64 19.58 14.05
N PRO B 167 0.45 19.35 13.52
CA PRO B 167 -0.16 18.01 13.58
C PRO B 167 0.54 17.05 12.64
N PRO B 168 0.35 15.74 12.81
CA PRO B 168 0.90 14.80 11.83
C PRO B 168 0.12 14.87 10.53
N TYR B 169 0.85 14.75 9.41
CA TYR B 169 0.24 14.68 8.08
C TYR B 169 0.33 13.24 7.62
N ILE B 170 -0.82 12.58 7.51
CA ILE B 170 -0.88 11.20 7.02
C ILE B 170 -2.02 11.10 6.01
N GLY B 171 -1.70 10.67 4.79
CA GLY B 171 -2.68 10.58 3.73
C GLY B 171 -3.46 9.28 3.73
N HIS B 172 -4.33 9.14 2.72
CA HIS B 172 -5.24 8.00 2.67
C HIS B 172 -4.54 6.68 2.39
N LYS B 173 -3.32 6.71 1.83
CA LYS B 173 -2.57 5.49 1.58
C LYS B 173 -1.72 5.06 2.78
N LYS B 174 -1.34 5.99 3.65
CA LYS B 174 -0.49 5.65 4.79
C LYS B 174 -1.28 5.35 6.06
N LEU B 175 -2.53 5.79 6.16
CA LEU B 175 -3.35 5.44 7.31
C LEU B 175 -3.83 4.00 7.20
N GLU B 176 -4.08 3.38 8.34
CA GLU B 176 -4.64 2.05 8.39
C GLU B 176 -6.17 2.10 8.30
N LYS B 177 -6.74 1.04 7.73
CA LYS B 177 -8.15 1.09 7.31
C LYS B 177 -9.10 1.17 8.51
N LYS B 178 -8.81 0.44 9.58
CA LYS B 178 -9.67 0.50 10.76
C LYS B 178 -9.67 1.90 11.38
N TYR B 179 -8.48 2.51 11.47
CA TYR B 179 -8.40 3.88 11.97
C TYR B 179 -9.15 4.84 11.06
N LYS B 180 -9.11 4.60 9.76
CA LYS B 180 -9.87 5.43 8.83
C LYS B 180 -11.37 5.23 9.00
N LYS B 181 -11.81 4.02 9.34
CA LYS B 181 -13.22 3.82 9.67
C LYS B 181 -13.61 4.64 10.90
N PHE B 182 -12.75 4.64 11.91
CA PHE B 182 -13.01 5.47 13.10
C PHE B 182 -13.10 6.94 12.72
N LEU B 183 -12.16 7.42 11.89
CA LEU B 183 -12.17 8.82 11.49
C LEU B 183 -13.41 9.17 10.68
N LEU B 184 -13.80 8.28 9.76
CA LEU B 184 -14.98 8.52 8.93
C LEU B 184 -16.25 8.56 9.77
N GLU B 185 -16.33 7.74 10.82
CA GLU B 185 -17.52 7.81 11.67
C GLU B 185 -17.52 9.06 12.54
N LYS B 186 -16.38 9.38 13.16
CA LYS B 186 -16.34 10.41 14.19
C LYS B 186 -15.94 11.79 13.69
N TYR B 187 -15.29 11.89 12.53
CA TYR B 187 -14.83 13.17 12.02
C TYR B 187 -15.35 13.44 10.61
N SER B 188 -16.55 12.93 10.30
CA SER B 188 -17.09 13.08 8.96
C SER B 188 -17.37 14.52 8.58
N GLU B 189 -17.42 15.43 9.56
CA GLU B 189 -17.64 16.84 9.25
C GLU B 189 -16.49 17.43 8.45
N VAL B 190 -15.29 16.86 8.55
CA VAL B 190 -14.13 17.40 7.83
C VAL B 190 -13.36 16.31 7.10
N TYR B 191 -13.60 15.05 7.45
CA TYR B 191 -12.83 13.93 6.92
C TYR B 191 -13.74 13.02 6.11
N LYS B 192 -13.48 12.96 4.80
CA LYS B 192 -14.16 12.04 3.89
C LYS B 192 -13.23 11.73 2.72
N ASP B 193 -13.45 10.56 2.11
CA ASP B 193 -12.74 10.15 0.91
C ASP B 193 -11.22 10.21 1.08
N LYS B 194 -10.56 11.04 0.27
CA LYS B 194 -9.10 11.13 0.26
C LYS B 194 -8.55 12.23 1.16
N ALA B 195 -9.26 12.54 2.25
CA ALA B 195 -8.83 13.59 3.16
C ALA B 195 -7.58 13.16 3.93
N ASP B 196 -7.04 14.09 4.71
CA ASP B 196 -5.83 13.87 5.49
C ASP B 196 -6.13 14.01 6.97
N LEU B 197 -5.29 13.35 7.79
CA LEU B 197 -5.48 13.32 9.23
C LEU B 197 -5.44 14.70 9.87
N TYR B 198 -4.62 15.61 9.31
CA TYR B 198 -4.55 16.93 9.91
C TYR B 198 -5.85 17.71 9.75
N PHE B 199 -6.76 17.27 8.87
CA PHE B 199 -8.11 17.81 8.88
C PHE B 199 -8.77 17.56 10.23
N CYS B 200 -8.71 16.31 10.70
CA CYS B 200 -9.28 15.97 11.99
C CYS B 200 -8.56 16.71 13.11
N PHE B 201 -7.24 16.89 12.99
CA PHE B 201 -6.55 17.67 14.01
C PHE B 201 -7.02 19.13 14.02
N TYR B 202 -7.25 19.72 12.85
CA TYR B 202 -7.83 21.06 12.77
C TYR B 202 -9.17 21.10 13.50
N LYS B 203 -10.02 20.12 13.22
CA LYS B 203 -11.35 20.10 13.85
C LYS B 203 -11.22 19.99 15.37
N LYS B 204 -10.33 19.13 15.87
CA LYS B 204 -10.17 18.98 17.31
C LYS B 204 -9.63 20.24 17.95
N ILE B 205 -8.67 20.90 17.30
CA ILE B 205 -8.14 22.17 17.82
C ILE B 205 -9.26 23.20 17.93
N ILE B 206 -10.06 23.32 16.87
CA ILE B 206 -11.15 24.31 16.88
C ILE B 206 -12.16 23.98 17.98
N ASP B 207 -12.45 22.69 18.18
CA ASP B 207 -13.51 22.31 19.11
C ASP B 207 -13.13 22.60 20.56
N ILE B 208 -11.89 22.39 20.94
CA ILE B 208 -11.49 22.51 22.34
C ILE B 208 -10.77 23.83 22.60
N LEU B 209 -10.91 24.81 21.70
CA LEU B 209 -10.35 26.13 21.92
C LEU B 209 -11.33 26.97 22.75
N LYS B 210 -10.82 27.63 23.79
CA LYS B 210 -11.68 28.42 24.66
C LYS B 210 -12.30 29.58 23.90
N GLN B 211 -13.44 30.03 24.38
CA GLN B 211 -14.06 31.23 23.82
C GLN B 211 -13.13 32.43 24.04
N GLY B 212 -12.82 33.13 22.96
CA GLY B 212 -11.80 34.17 23.02
C GLY B 212 -10.38 33.67 22.88
N GLY B 213 -10.18 32.36 22.75
CA GLY B 213 -8.84 31.82 22.62
C GLY B 213 -8.25 32.02 21.23
N ILE B 214 -6.96 31.70 21.12
CA ILE B 214 -6.21 31.87 19.88
C ILE B 214 -5.51 30.55 19.56
N GLY B 215 -5.64 30.10 18.32
CA GLY B 215 -4.90 28.96 17.82
C GLY B 215 -4.01 29.37 16.66
N SER B 216 -2.87 28.70 16.54
CA SER B 216 -1.95 28.97 15.43
C SER B 216 -1.16 27.70 15.16
N VAL B 217 -1.26 27.19 13.93
CA VAL B 217 -0.61 25.94 13.56
C VAL B 217 0.06 26.08 12.20
N ILE B 218 0.97 25.16 11.92
CA ILE B 218 1.58 25.02 10.60
C ILE B 218 1.16 23.66 10.05
N THR B 219 0.54 23.66 8.87
CA THR B 219 0.01 22.46 8.25
C THR B 219 0.42 22.44 6.78
N PRO B 220 0.10 21.40 6.02
CA PRO B 220 0.20 21.52 4.56
C PRO B 220 -0.76 22.58 4.06
N ARG B 221 -0.37 23.24 2.97
CA ARG B 221 -1.20 24.26 2.37
C ARG B 221 -2.24 23.69 1.40
N TYR B 222 -2.22 22.39 1.16
CA TYR B 222 -3.04 21.81 0.11
C TYR B 222 -4.54 21.95 0.39
N PHE B 223 -4.92 21.96 1.67
CA PHE B 223 -6.35 22.08 1.99
C PHE B 223 -6.94 23.41 1.56
N LEU B 224 -6.10 24.43 1.35
CA LEU B 224 -6.59 25.72 0.89
C LEU B 224 -7.20 25.65 -0.50
N GLU B 225 -6.82 24.64 -1.29
CA GLU B 225 -7.28 24.52 -2.67
C GLU B 225 -7.79 23.14 -3.04
N SER B 226 -7.44 22.09 -2.31
CA SER B 226 -7.77 20.74 -2.74
C SER B 226 -9.27 20.48 -2.64
N LEU B 227 -9.74 19.55 -3.48
CA LEU B 227 -11.14 19.14 -3.43
C LEU B 227 -11.47 18.50 -2.09
N SER B 228 -10.52 17.75 -1.52
CA SER B 228 -10.76 17.09 -0.24
C SER B 228 -10.98 18.10 0.88
N GLY B 229 -10.38 19.28 0.79
CA GLY B 229 -10.44 20.28 1.83
C GLY B 229 -11.68 21.14 1.86
N LYS B 230 -12.68 20.84 1.04
CA LYS B 230 -13.89 21.67 0.97
C LYS B 230 -14.59 21.74 2.34
N ASP B 231 -14.86 20.57 2.93
CA ASP B 231 -15.54 20.54 4.22
C ASP B 231 -14.69 21.18 5.31
N LEU B 232 -13.38 20.95 5.29
CA LEU B 232 -12.50 21.56 6.28
C LEU B 232 -12.50 23.07 6.16
N ARG B 233 -12.45 23.59 4.93
CA ARG B 233 -12.50 25.03 4.72
C ARG B 233 -13.83 25.60 5.24
N GLU B 234 -14.93 24.91 4.96
CA GLU B 234 -16.22 25.38 5.45
C GLU B 234 -16.26 25.40 6.98
N TYR B 235 -15.73 24.34 7.61
CA TYR B 235 -15.71 24.28 9.06
C TYR B 235 -14.88 25.41 9.67
N ILE B 236 -13.69 25.64 9.12
CA ILE B 236 -12.83 26.71 9.61
C ILE B 236 -13.51 28.06 9.44
N LYS B 237 -14.09 28.30 8.26
CA LYS B 237 -14.74 29.57 8.00
C LYS B 237 -15.93 29.79 8.93
N SER B 238 -16.67 28.72 9.24
CA SER B 238 -17.88 28.85 10.03
C SER B 238 -17.65 28.86 11.54
N ASN B 239 -16.48 28.42 12.02
CA ASN B 239 -16.31 28.27 13.45
C ASN B 239 -15.23 29.13 14.09
N VAL B 240 -14.30 29.71 13.31
CA VAL B 240 -13.28 30.58 13.86
C VAL B 240 -13.12 31.82 12.97
N ASN B 241 -12.50 32.84 13.54
CA ASN B 241 -12.10 34.04 12.80
C ASN B 241 -10.63 33.86 12.40
N VAL B 242 -10.38 33.68 11.10
CA VAL B 242 -9.03 33.47 10.62
C VAL B 242 -8.29 34.81 10.68
N GLN B 243 -7.36 34.95 11.63
CA GLN B 243 -6.59 36.17 11.73
C GLN B 243 -5.61 36.30 10.57
N GLU B 244 -4.89 35.23 10.26
CA GLU B 244 -3.75 35.35 9.36
C GLU B 244 -3.48 34.03 8.67
N ILE B 245 -3.11 34.10 7.39
CA ILE B 245 -2.66 32.96 6.60
C ILE B 245 -1.32 33.33 5.99
N VAL B 246 -0.30 32.54 6.28
CA VAL B 246 1.02 32.68 5.66
C VAL B 246 1.20 31.49 4.73
N ASP B 247 1.29 31.77 3.43
CA ASP B 247 1.39 30.74 2.40
C ASP B 247 2.79 30.77 1.82
N PHE B 248 3.55 29.69 2.04
CA PHE B 248 4.89 29.57 1.52
C PHE B 248 4.93 28.98 0.12
N LEU B 249 3.78 28.64 -0.46
CA LEU B 249 3.66 28.07 -1.80
C LEU B 249 4.57 26.85 -1.88
N GLY B 250 5.41 26.71 -2.90
CA GLY B 250 6.29 25.57 -3.06
C GLY B 250 7.58 25.62 -2.29
N ALA B 251 7.81 26.67 -1.50
CA ALA B 251 9.04 26.75 -0.72
C ALA B 251 9.11 25.63 0.29
N ASN B 252 10.33 25.17 0.55
CA ASN B 252 10.58 24.03 1.44
C ASN B 252 10.91 24.56 2.82
N ILE B 253 9.94 24.49 3.72
CA ILE B 253 10.13 24.93 5.10
C ILE B 253 10.71 23.81 5.96
N PHE B 254 10.37 22.56 5.67
CA PHE B 254 10.93 21.39 6.36
C PHE B 254 12.02 20.79 5.48
N LYS B 255 13.23 20.69 6.02
CA LYS B 255 14.38 20.25 5.24
C LYS B 255 14.26 18.76 4.90
N ASN B 256 14.53 18.43 3.64
CA ASN B 256 14.48 17.05 3.12
C ASN B 256 13.07 16.45 3.26
N ILE B 257 12.05 17.29 3.28
CA ILE B 257 10.66 16.86 3.34
C ILE B 257 9.94 17.38 2.11
N GLY B 258 9.27 16.48 1.39
CA GLY B 258 8.56 16.85 0.19
C GLY B 258 7.13 17.30 0.46
N VAL B 259 6.98 18.42 1.18
CA VAL B 259 5.68 18.96 1.51
C VAL B 259 5.74 20.48 1.40
N SER B 260 4.58 21.09 1.16
CA SER B 260 4.45 22.55 1.12
C SER B 260 3.59 23.00 2.29
N SER B 261 4.03 24.06 2.96
CA SER B 261 3.51 24.42 4.26
C SER B 261 2.75 25.74 4.23
N CYS B 262 1.89 25.92 5.23
CA CYS B 262 1.22 27.18 5.49
C CYS B 262 1.01 27.32 6.99
N ILE B 263 0.91 28.57 7.44
CA ILE B 263 0.67 28.88 8.85
C ILE B 263 -0.70 29.55 8.95
N LEU B 264 -1.56 28.99 9.79
CA LEU B 264 -2.90 29.52 10.03
C LEU B 264 -2.99 30.00 11.47
N THR B 265 -3.42 31.25 11.65
CA THR B 265 -3.69 31.82 12.97
C THR B 265 -5.14 32.28 13.00
N PHE B 266 -5.89 31.78 13.98
CA PHE B 266 -7.32 32.01 14.10
C PHE B 266 -7.66 32.24 15.57
N ASP B 267 -8.86 32.76 15.83
CA ASP B 267 -9.29 33.05 17.19
C ASP B 267 -10.78 32.79 17.31
N LYS B 268 -11.29 32.95 18.53
CA LYS B 268 -12.72 32.84 18.84
C LYS B 268 -13.20 34.07 19.61
N LYS B 269 -12.76 35.25 19.19
CA LYS B 269 -13.13 36.50 19.85
C LYS B 269 -14.44 37.04 19.27
N LYS B 270 -15.02 38.01 20.00
CA LYS B 270 -16.16 38.74 19.49
C LYS B 270 -15.81 39.37 18.16
N THR B 271 -16.55 38.99 17.11
CA THR B 271 -16.04 39.09 15.75
C THR B 271 -15.80 40.54 15.33
N LYS B 272 -16.81 41.41 15.49
CA LYS B 272 -16.85 42.71 14.82
C LYS B 272 -16.75 42.42 13.32
N GLU B 273 -15.75 42.90 12.61
CA GLU B 273 -15.50 42.53 11.23
C GLU B 273 -14.17 41.79 11.14
N THR B 274 -14.15 40.66 10.46
CA THR B 274 -12.96 39.83 10.35
C THR B 274 -12.37 39.96 8.94
N TYR B 275 -11.17 40.53 8.87
CA TYR B 275 -10.35 40.52 7.67
C TYR B 275 -9.14 39.64 7.91
N ILE B 276 -8.73 38.91 6.89
CA ILE B 276 -7.61 37.99 6.96
C ILE B 276 -6.40 38.68 6.36
N ASP B 277 -5.34 38.80 7.14
CA ASP B 277 -4.02 39.13 6.61
C ASP B 277 -3.48 37.92 5.87
N VAL B 278 -3.14 38.08 4.60
CA VAL B 278 -2.60 37.00 3.79
C VAL B 278 -1.22 37.43 3.34
N PHE B 279 -0.21 36.64 3.71
CA PHE B 279 1.15 36.81 3.24
C PHE B 279 1.46 35.67 2.29
N LYS B 280 1.73 36.00 1.04
CA LYS B 280 2.10 35.03 0.02
C LYS B 280 3.54 35.26 -0.39
N ILE B 281 4.33 34.19 -0.40
CA ILE B 281 5.73 34.32 -0.78
C ILE B 281 5.83 34.66 -2.27
N LYS B 282 6.76 35.56 -2.61
CA LYS B 282 6.89 35.98 -4.00
C LYS B 282 7.80 35.05 -4.78
N ASN B 283 8.83 34.51 -4.15
CA ASN B 283 9.77 33.61 -4.81
C ASN B 283 9.92 32.35 -3.96
N GLU B 284 9.58 31.20 -4.54
CA GLU B 284 9.69 29.93 -3.82
C GLU B 284 11.14 29.49 -3.64
N ASP B 285 12.06 30.04 -4.42
CA ASP B 285 13.48 29.68 -4.32
C ASP B 285 14.19 30.49 -3.24
N ILE B 286 13.66 30.42 -2.02
CA ILE B 286 14.16 31.19 -0.89
C ILE B 286 14.45 30.24 0.25
N CYS B 287 15.40 30.61 1.10
CA CYS B 287 15.76 29.87 2.30
C CYS B 287 15.43 30.74 3.49
N ILE B 288 14.30 30.45 4.15
CA ILE B 288 13.90 31.24 5.31
C ILE B 288 14.83 30.99 6.49
N ASN B 289 15.46 29.81 6.52
CA ASN B 289 16.39 29.50 7.61
C ASN B 289 17.62 30.39 7.59
N LYS B 290 18.01 30.89 6.41
CA LYS B 290 19.17 31.76 6.30
C LYS B 290 18.98 33.09 7.01
N PHE B 291 17.77 33.43 7.41
CA PHE B 291 17.45 34.68 8.09
C PHE B 291 17.16 34.42 9.56
N GLU B 292 17.19 35.50 10.35
CA GLU B 292 17.07 35.36 11.80
C GLU B 292 15.64 35.01 12.21
N THR B 293 14.66 35.74 11.69
CA THR B 293 13.27 35.54 12.08
C THR B 293 12.39 35.49 10.84
N LEU B 294 11.21 34.87 10.99
CA LEU B 294 10.22 34.86 9.92
C LEU B 294 9.53 36.21 9.79
N GLU B 295 9.40 36.94 10.90
CA GLU B 295 8.70 38.21 10.88
C GLU B 295 9.40 39.22 9.98
N GLU B 296 10.74 39.21 9.99
CA GLU B 296 11.48 40.10 9.10
C GLU B 296 11.23 39.76 7.64
N LEU B 297 11.06 38.47 7.32
CA LEU B 297 10.74 38.08 5.95
C LEU B 297 9.34 38.54 5.57
N LEU B 298 8.37 38.36 6.47
CA LEU B 298 6.99 38.69 6.14
C LEU B 298 6.81 40.17 5.84
N LYS B 299 7.58 41.04 6.51
CA LYS B 299 7.49 42.48 6.29
C LYS B 299 8.42 42.99 5.21
N SER B 300 9.21 42.11 4.59
CA SER B 300 10.13 42.52 3.55
C SER B 300 9.45 42.47 2.19
N SER B 301 10.21 42.67 1.12
CA SER B 301 9.69 42.59 -0.24
C SER B 301 9.62 41.16 -0.75
N LYS B 302 10.05 40.18 0.05
CA LYS B 302 9.97 38.78 -0.32
C LYS B 302 8.58 38.19 -0.13
N PHE B 303 7.68 38.92 0.54
CA PHE B 303 6.30 38.50 0.74
C PHE B 303 5.35 39.60 0.31
N GLU B 304 4.24 39.22 -0.30
CA GLU B 304 3.17 40.13 -0.65
C GLU B 304 2.04 39.98 0.36
N HIS B 305 1.55 41.12 0.86
CA HIS B 305 0.47 41.12 1.84
C HIS B 305 -0.79 41.68 1.22
N PHE B 306 -1.92 41.06 1.52
CA PHE B 306 -3.21 41.63 1.15
C PHE B 306 -4.29 41.09 2.09
N ASN B 307 -5.40 41.79 2.13
CA ASN B 307 -6.50 41.45 3.02
C ASN B 307 -7.62 40.74 2.26
N ILE B 308 -8.22 39.74 2.92
CA ILE B 308 -9.35 39.01 2.37
C ILE B 308 -10.50 39.08 3.36
N ASN B 309 -11.68 39.51 2.90
CA ASN B 309 -12.85 39.52 3.76
C ASN B 309 -13.37 38.10 3.94
N GLN B 310 -13.33 37.60 5.17
CA GLN B 310 -13.75 36.22 5.43
C GLN B 310 -15.24 36.03 5.19
N ARG B 311 -16.05 37.06 5.43
CA ARG B 311 -17.49 36.95 5.21
C ARG B 311 -17.81 36.71 3.74
N LEU B 312 -16.94 37.14 2.83
CA LEU B 312 -17.15 37.00 1.40
C LEU B 312 -16.59 35.71 0.84
N LEU B 313 -16.02 34.83 1.67
CA LEU B 313 -15.47 33.57 1.19
C LEU B 313 -16.60 32.62 0.80
N SER B 314 -16.43 31.97 -0.35
CA SER B 314 -17.32 30.93 -0.83
C SER B 314 -16.80 29.57 -0.37
N ASP B 315 -17.33 28.49 -0.96
CA ASP B 315 -16.81 27.16 -0.66
C ASP B 315 -15.36 27.01 -1.08
N GLU B 316 -14.88 27.83 -2.02
CA GLU B 316 -13.48 27.89 -2.41
C GLU B 316 -12.85 29.16 -1.87
N TRP B 317 -11.58 29.07 -1.48
CA TRP B 317 -10.82 30.21 -0.98
C TRP B 317 -9.90 30.69 -2.09
N ILE B 318 -10.30 31.74 -2.79
CA ILE B 318 -9.48 32.36 -3.82
C ILE B 318 -8.78 33.52 -3.15
N LEU B 319 -7.59 33.24 -2.59
CA LEU B 319 -6.82 34.23 -1.84
C LEU B 319 -5.89 34.94 -2.81
N VAL B 320 -6.42 35.98 -3.48
CA VAL B 320 -5.67 36.73 -4.48
C VAL B 320 -5.91 38.22 -4.25
N ASN B 321 -5.05 39.04 -4.86
CA ASN B 321 -5.18 40.48 -4.76
C ASN B 321 -6.27 40.97 -5.71
N LYS B 322 -6.50 42.29 -5.70
CA LYS B 322 -7.58 42.86 -6.51
C LYS B 322 -7.34 42.66 -8.01
N ASP B 323 -6.08 42.80 -8.45
CA ASP B 323 -5.78 42.63 -9.87
C ASP B 323 -6.14 41.22 -10.34
N ASP B 324 -5.68 40.21 -9.60
CA ASP B 324 -5.98 38.83 -9.97
C ASP B 324 -7.47 38.54 -9.84
N GLU B 325 -8.13 39.10 -8.83
CA GLU B 325 -9.57 38.89 -8.66
C GLU B 325 -10.34 39.44 -9.86
N THR B 326 -10.00 40.65 -10.30
CA THR B 326 -10.68 41.25 -11.44
C THR B 326 -10.37 40.48 -12.73
N PHE B 327 -9.11 40.07 -12.91
CA PHE B 327 -8.74 39.25 -14.06
C PHE B 327 -9.56 37.96 -14.12
N TYR B 328 -9.62 37.25 -12.99
CA TYR B 328 -10.38 36.00 -12.90
C TYR B 328 -11.86 36.23 -13.16
N ASN B 329 -12.43 37.28 -12.57
CA ASN B 329 -13.85 37.57 -12.78
C ASN B 329 -14.14 37.88 -14.25
N LYS B 330 -13.27 38.66 -14.89
CA LYS B 330 -13.46 38.98 -16.30
C LYS B 330 -13.46 37.71 -17.14
N ILE B 331 -12.48 36.84 -16.92
CA ILE B 331 -12.42 35.62 -17.72
C ILE B 331 -13.63 34.73 -17.46
N GLN B 332 -14.02 34.59 -16.19
CA GLN B 332 -15.16 33.75 -15.86
C GLN B 332 -16.45 34.26 -16.49
N GLU B 333 -16.66 35.59 -16.46
CA GLU B 333 -17.88 36.16 -17.03
C GLU B 333 -17.89 36.07 -18.54
N LYS B 334 -16.72 36.25 -19.18
CA LYS B 334 -16.69 36.28 -20.64
C LYS B 334 -16.98 34.90 -21.24
N CYS B 335 -16.52 33.83 -20.59
CA CYS B 335 -16.64 32.49 -21.14
C CYS B 335 -17.99 31.87 -20.79
N LYS B 336 -18.69 31.37 -21.81
CA LYS B 336 -20.02 30.80 -21.63
C LYS B 336 -20.00 29.26 -21.56
N TYR B 337 -18.84 28.63 -21.66
CA TYR B 337 -18.73 27.18 -21.62
C TYR B 337 -17.63 26.79 -20.65
N SER B 338 -17.67 25.52 -20.25
CA SER B 338 -16.58 24.90 -19.49
C SER B 338 -16.17 23.62 -20.18
N LEU B 339 -14.92 23.19 -19.92
CA LEU B 339 -14.44 21.95 -20.49
C LEU B 339 -15.31 20.76 -20.09
N GLU B 340 -15.85 20.79 -18.87
CA GLU B 340 -16.75 19.73 -18.43
C GLU B 340 -17.99 19.64 -19.32
N ASP B 341 -18.47 20.79 -19.81
CA ASP B 341 -19.65 20.79 -20.67
C ASP B 341 -19.39 20.08 -21.99
N ILE B 342 -18.23 20.30 -22.60
CA ILE B 342 -17.99 19.90 -23.98
C ILE B 342 -17.14 18.64 -24.12
N ALA B 343 -16.57 18.13 -23.03
CA ALA B 343 -15.56 17.08 -23.13
C ALA B 343 -15.88 15.91 -22.22
N ILE B 344 -15.47 14.72 -22.66
CA ILE B 344 -15.40 13.53 -21.83
C ILE B 344 -13.96 13.37 -21.38
N SER B 345 -13.76 13.36 -20.07
CA SER B 345 -12.45 13.32 -19.44
C SER B 345 -12.21 11.96 -18.78
N PHE B 346 -10.95 11.54 -18.75
CA PHE B 346 -10.63 10.29 -18.08
C PHE B 346 -9.15 10.23 -17.68
N GLN B 347 -8.90 9.49 -16.61
CA GLN B 347 -7.58 9.17 -16.10
C GLN B 347 -6.97 8.03 -16.89
N GLY B 348 -5.65 7.95 -16.87
CA GLY B 348 -4.94 6.93 -17.62
C GLY B 348 -5.11 5.54 -17.02
N ILE B 349 -4.43 4.58 -17.65
CA ILE B 349 -4.44 3.20 -17.19
C ILE B 349 -3.76 3.12 -15.82
N ILE B 350 -4.29 2.26 -14.96
CA ILE B 350 -3.63 1.90 -13.70
C ILE B 350 -3.43 0.39 -13.74
N THR B 351 -2.21 -0.03 -14.10
CA THR B 351 -1.92 -1.45 -14.18
C THR B 351 -1.95 -2.11 -12.81
N GLY B 352 -1.45 -1.42 -11.80
CA GLY B 352 -1.25 -1.99 -10.48
C GLY B 352 0.16 -2.47 -10.23
N CYS B 353 0.90 -2.80 -11.29
CA CYS B 353 2.34 -3.07 -11.19
C CYS B 353 2.93 -2.78 -12.56
N ASP B 354 3.55 -1.61 -12.72
CA ASP B 354 4.00 -1.18 -14.04
C ASP B 354 5.13 -2.06 -14.57
N LYS B 355 6.00 -2.55 -13.70
CA LYS B 355 7.12 -3.37 -14.15
C LYS B 355 6.67 -4.67 -14.80
N ALA B 356 5.46 -5.14 -14.48
CA ALA B 356 4.96 -6.39 -15.05
C ALA B 356 4.36 -6.21 -16.44
N PHE B 357 3.99 -4.99 -16.82
CA PHE B 357 3.30 -4.75 -18.09
C PHE B 357 3.98 -3.76 -19.01
N ILE B 358 4.88 -2.91 -18.51
CA ILE B 358 5.51 -1.87 -19.31
C ILE B 358 6.90 -2.34 -19.70
N LEU B 359 7.19 -2.31 -20.99
CA LEU B 359 8.48 -2.76 -21.51
C LEU B 359 9.10 -1.66 -22.35
N SER B 360 10.43 -1.61 -22.33
CA SER B 360 11.13 -0.69 -23.21
C SER B 360 10.91 -1.08 -24.67
N LYS B 361 10.86 -0.06 -25.53
CA LYS B 361 10.63 -0.32 -26.95
C LYS B 361 11.71 -1.22 -27.54
N ASP B 362 12.91 -1.19 -26.97
CA ASP B 362 14.02 -2.02 -27.42
C ASP B 362 14.13 -3.34 -26.66
N ASP B 363 13.24 -3.59 -25.70
CA ASP B 363 13.32 -4.81 -24.91
C ASP B 363 13.08 -6.03 -25.79
N VAL B 364 13.92 -7.06 -25.61
CA VAL B 364 13.82 -8.25 -26.44
C VAL B 364 12.61 -9.10 -26.08
N LYS B 365 12.10 -8.98 -24.84
CA LYS B 365 10.93 -9.76 -24.45
C LYS B 365 9.71 -9.40 -25.29
N LEU B 366 9.71 -8.24 -25.94
CA LEU B 366 8.61 -7.86 -26.83
C LEU B 366 8.50 -8.83 -28.02
N ASN B 367 9.56 -9.59 -28.32
CA ASN B 367 9.45 -10.60 -29.35
C ASN B 367 8.46 -11.69 -28.98
N LEU B 368 8.19 -11.89 -27.69
CA LEU B 368 7.25 -12.91 -27.25
C LEU B 368 5.81 -12.42 -27.24
N VAL B 369 5.56 -11.13 -27.48
CA VAL B 369 4.23 -10.54 -27.39
C VAL B 369 3.74 -10.22 -28.80
N ASP B 370 2.58 -10.77 -29.14
CA ASP B 370 1.94 -10.40 -30.40
C ASP B 370 1.59 -8.92 -30.40
N ASP B 371 1.70 -8.29 -31.58
CA ASP B 371 1.44 -6.86 -31.68
C ASP B 371 -0.02 -6.52 -31.39
N LYS B 372 -0.91 -7.51 -31.39
CA LYS B 372 -2.31 -7.27 -31.03
C LYS B 372 -2.44 -6.82 -29.58
N PHE B 373 -1.49 -7.22 -28.72
CA PHE B 373 -1.52 -6.87 -27.31
C PHE B 373 -0.76 -5.58 -26.98
N LEU B 374 -0.02 -5.03 -27.94
CA LEU B 374 0.94 -3.96 -27.65
C LEU B 374 0.30 -2.60 -27.94
N LYS B 375 0.47 -1.67 -27.00
CA LYS B 375 0.03 -0.29 -27.14
C LYS B 375 1.22 0.64 -26.89
N CYS B 376 1.18 1.80 -27.52
CA CYS B 376 2.18 2.82 -27.23
C CYS B 376 1.93 3.42 -25.85
N TRP B 377 3.01 3.69 -25.12
CA TRP B 377 2.93 4.10 -23.72
C TRP B 377 3.78 5.35 -23.53
N ILE B 378 3.18 6.41 -22.99
CA ILE B 378 3.88 7.67 -22.80
C ILE B 378 3.79 8.06 -21.33
N LYS B 379 4.81 8.80 -20.88
CA LYS B 379 4.85 9.34 -19.54
C LYS B 379 4.51 10.83 -19.57
N SER B 380 4.43 11.43 -18.38
CA SER B 380 4.07 12.85 -18.29
C SER B 380 5.09 13.74 -18.97
N LYS B 381 6.37 13.33 -18.99
CA LYS B 381 7.40 14.16 -19.60
C LYS B 381 7.35 14.15 -21.13
N ASN B 382 6.53 13.29 -21.72
CA ASN B 382 6.40 13.26 -23.18
C ASN B 382 5.45 14.33 -23.71
N ILE B 383 4.68 14.98 -22.86
CA ILE B 383 3.68 15.95 -23.29
C ILE B 383 4.33 17.31 -23.40
N ASN B 384 4.34 17.86 -24.62
CA ASN B 384 4.74 19.24 -24.88
C ASN B 384 3.48 20.05 -25.18
N LYS B 385 3.67 21.31 -25.56
CA LYS B 385 2.56 22.09 -26.10
C LYS B 385 2.24 21.62 -27.52
N TYR B 386 0.97 21.33 -27.76
CA TYR B 386 0.38 21.04 -29.06
C TYR B 386 0.71 19.66 -29.64
N ILE B 387 1.68 18.93 -29.07
CA ILE B 387 2.09 17.64 -29.62
C ILE B 387 2.74 16.81 -28.53
N VAL B 388 2.79 15.50 -28.77
CA VAL B 388 3.36 14.53 -27.86
C VAL B 388 4.63 13.96 -28.47
N ASP B 389 5.66 13.80 -27.65
CA ASP B 389 6.89 13.15 -28.09
C ASP B 389 6.63 11.69 -28.44
N LYS B 390 7.50 11.15 -29.30
CA LYS B 390 7.40 9.75 -29.68
C LYS B 390 7.52 8.85 -28.46
N SER B 391 6.65 7.84 -28.39
CA SER B 391 6.65 6.93 -27.25
C SER B 391 7.86 6.01 -27.30
N GLU B 392 8.46 5.77 -26.13
CA GLU B 392 9.59 4.86 -26.01
C GLU B 392 9.24 3.63 -25.18
N TYR B 393 7.97 3.41 -24.86
CA TYR B 393 7.55 2.27 -24.05
C TYR B 393 6.34 1.61 -24.66
N ARG B 394 6.20 0.32 -24.40
CA ARG B 394 5.07 -0.48 -24.87
C ARG B 394 4.33 -1.08 -23.68
N LEU B 395 3.01 -1.01 -23.74
CA LEU B 395 2.13 -1.59 -22.74
C LEU B 395 1.55 -2.89 -23.29
N ILE B 396 1.58 -3.93 -22.46
CA ILE B 396 0.93 -5.20 -22.77
C ILE B 396 -0.49 -5.13 -22.21
N TYR B 397 -1.47 -4.95 -23.09
CA TYR B 397 -2.87 -4.89 -22.66
C TYR B 397 -3.32 -6.32 -22.37
N SER B 398 -2.93 -6.80 -21.19
CA SER B 398 -3.14 -8.19 -20.81
C SER B 398 -4.61 -8.53 -20.59
N ASN B 399 -5.50 -7.54 -20.55
CA ASN B 399 -6.93 -7.82 -20.45
C ASN B 399 -7.44 -8.59 -21.67
N ASP B 400 -6.75 -8.49 -22.80
CA ASP B 400 -7.13 -9.18 -24.02
C ASP B 400 -6.55 -10.58 -24.12
N ILE B 401 -5.71 -10.98 -23.17
CA ILE B 401 -5.25 -12.37 -23.08
C ILE B 401 -6.41 -13.18 -22.51
N ASP B 402 -7.15 -13.85 -23.39
CA ASP B 402 -8.38 -14.52 -22.96
C ASP B 402 -8.09 -15.72 -22.07
N ASN B 403 -7.10 -16.53 -22.43
CA ASN B 403 -6.86 -17.78 -21.74
C ASN B 403 -5.43 -17.85 -21.22
N GLU B 404 -5.29 -18.52 -20.06
CA GLU B 404 -3.96 -18.79 -19.51
C GLU B 404 -3.19 -19.75 -20.42
N ASN B 405 -3.90 -20.63 -21.14
CA ASN B 405 -3.24 -21.68 -21.91
C ASN B 405 -2.71 -21.18 -23.25
N THR B 406 -3.47 -20.34 -23.96
CA THR B 406 -3.12 -20.00 -25.32
C THR B 406 -1.96 -19.02 -25.43
N ASN B 407 -1.66 -18.27 -24.36
CA ASN B 407 -0.58 -17.30 -24.34
C ASN B 407 0.35 -17.56 -23.16
N LYS B 408 0.76 -18.83 -23.01
CA LYS B 408 1.50 -19.23 -21.82
C LYS B 408 2.86 -18.55 -21.72
N ARG B 409 3.52 -18.30 -22.86
CA ARG B 409 4.86 -17.75 -22.83
C ARG B 409 4.88 -16.35 -22.20
N ILE B 410 3.93 -15.51 -22.59
CA ILE B 410 3.86 -14.14 -22.06
C ILE B 410 3.64 -14.16 -20.56
N LEU B 411 2.74 -15.02 -20.10
CA LEU B 411 2.44 -15.08 -18.66
C LEU B 411 3.61 -15.63 -17.88
N ASP B 412 4.33 -16.62 -18.44
CA ASP B 412 5.39 -17.28 -17.67
C ASP B 412 6.73 -16.57 -17.75
N GLU B 413 6.95 -15.69 -18.72
CA GLU B 413 8.25 -15.06 -18.87
C GLU B 413 8.24 -13.54 -18.74
N ILE B 414 7.07 -12.89 -18.74
CA ILE B 414 7.02 -11.44 -18.66
C ILE B 414 6.18 -10.99 -17.47
N ILE B 415 4.91 -11.41 -17.44
CA ILE B 415 4.00 -10.91 -16.41
C ILE B 415 4.14 -11.71 -15.12
N GLY B 416 4.32 -13.03 -15.22
CA GLY B 416 4.41 -13.88 -14.05
C GLY B 416 5.57 -13.55 -13.14
N LEU B 417 6.57 -12.84 -13.65
CA LEU B 417 7.73 -12.46 -12.84
C LEU B 417 7.33 -11.64 -11.62
N TYR B 418 6.15 -11.02 -11.64
CA TYR B 418 5.64 -10.24 -10.52
C TYR B 418 4.33 -10.79 -9.99
N LYS B 419 4.02 -12.06 -10.31
CA LYS B 419 2.69 -12.61 -10.04
C LYS B 419 2.26 -12.38 -8.60
N THR B 420 3.15 -12.68 -7.64
CA THR B 420 2.82 -12.51 -6.24
C THR B 420 2.30 -11.11 -5.96
N LYS B 421 3.06 -10.09 -6.37
CA LYS B 421 2.62 -8.72 -6.15
C LYS B 421 1.32 -8.45 -6.86
N LEU B 422 1.18 -8.97 -8.10
CA LEU B 422 -0.09 -8.82 -8.81
C LEU B 422 -1.24 -9.44 -8.03
N GLU B 423 -0.98 -10.58 -7.38
CA GLU B 423 -2.04 -11.22 -6.62
C GLU B 423 -2.40 -10.45 -5.36
N ASN B 424 -1.55 -9.52 -4.93
CA ASN B 424 -1.85 -8.75 -3.73
C ASN B 424 -2.78 -7.57 -4.00
N ARG B 425 -3.08 -7.28 -5.26
CA ARG B 425 -4.00 -6.20 -5.58
C ARG B 425 -5.42 -6.53 -5.12
N ARG B 426 -6.15 -5.49 -4.73
CA ARG B 426 -7.44 -5.68 -4.06
C ARG B 426 -8.42 -6.45 -4.93
N GLU B 427 -8.51 -6.11 -6.22
CA GLU B 427 -9.49 -6.74 -7.09
C GLU B 427 -9.14 -8.19 -7.40
N CYS B 428 -7.84 -8.53 -7.34
CA CYS B 428 -7.45 -9.93 -7.51
C CYS B 428 -7.83 -10.76 -6.29
N LYS B 429 -7.66 -10.20 -5.09
CA LYS B 429 -8.03 -10.92 -3.88
C LYS B 429 -9.53 -11.10 -3.76
N SER B 430 -10.32 -10.14 -4.26
CA SER B 430 -11.76 -10.30 -4.28
C SER B 430 -12.23 -11.27 -5.37
N GLY B 431 -11.35 -11.63 -6.30
CA GLY B 431 -11.67 -12.61 -7.32
C GLY B 431 -12.29 -12.06 -8.59
N ILE B 432 -12.57 -10.76 -8.66
CA ILE B 432 -13.17 -10.18 -9.85
C ILE B 432 -12.16 -9.82 -10.93
N ARG B 433 -10.87 -9.94 -10.63
CA ARG B 433 -9.81 -9.62 -11.58
C ARG B 433 -8.80 -10.75 -11.59
N LYS B 434 -8.42 -11.21 -12.77
CA LYS B 434 -7.40 -12.24 -12.88
C LYS B 434 -6.04 -11.68 -12.47
N TRP B 435 -5.14 -12.58 -12.07
CA TRP B 435 -3.84 -12.14 -11.56
C TRP B 435 -3.02 -11.44 -12.63
N TYR B 436 -3.19 -11.82 -13.91
CA TYR B 436 -2.42 -11.23 -14.98
C TYR B 436 -3.13 -10.08 -15.68
N GLU B 437 -4.35 -9.74 -15.27
CA GLU B 437 -5.07 -8.65 -15.89
C GLU B 437 -4.66 -7.31 -15.31
N LEU B 438 -4.86 -6.25 -16.09
CA LEU B 438 -4.65 -4.90 -15.59
C LEU B 438 -5.69 -4.56 -14.53
N GLN B 439 -5.26 -3.90 -13.46
CA GLN B 439 -6.17 -3.61 -12.36
C GLN B 439 -7.31 -2.70 -12.82
N TRP B 440 -6.97 -1.61 -13.51
CA TRP B 440 -7.97 -0.70 -14.10
C TRP B 440 -7.55 -0.45 -15.54
N GLY B 441 -7.98 -1.32 -16.45
CA GLY B 441 -7.64 -1.22 -17.85
C GLY B 441 -8.44 -0.20 -18.63
N ARG B 442 -9.43 0.43 -18.00
CA ARG B 442 -10.22 1.53 -18.58
C ARG B 442 -10.90 1.01 -19.85
N GLU B 443 -11.07 1.89 -20.83
CA GLU B 443 -11.77 1.57 -22.08
C GLU B 443 -10.85 1.90 -23.25
N LYS B 444 -10.51 0.88 -24.05
CA LYS B 444 -9.60 1.08 -25.17
C LYS B 444 -10.18 2.04 -26.21
N LEU B 445 -11.50 2.05 -26.37
CA LEU B 445 -12.12 2.95 -27.33
C LEU B 445 -11.88 4.41 -26.97
N PHE B 446 -11.65 4.71 -25.69
CA PHE B 446 -11.38 6.08 -25.28
C PHE B 446 -9.94 6.50 -25.61
N PHE B 447 -8.99 5.57 -25.54
CA PHE B 447 -7.60 5.90 -25.81
C PHE B 447 -7.26 5.87 -27.30
N GLU B 448 -7.90 4.96 -28.05
CA GLU B 448 -7.55 4.75 -29.46
C GLU B 448 -8.43 5.65 -30.34
N ARG B 449 -8.18 6.95 -30.22
CA ARG B 449 -8.92 7.98 -30.94
C ARG B 449 -8.15 9.28 -30.80
N LYS B 450 -8.53 10.26 -31.61
CA LYS B 450 -7.98 11.61 -31.46
C LYS B 450 -8.46 12.21 -30.15
N LYS B 451 -7.52 12.75 -29.37
CA LYS B 451 -7.85 13.28 -28.06
C LYS B 451 -6.79 14.29 -27.65
N ILE B 452 -7.03 14.95 -26.52
CA ILE B 452 -6.10 15.89 -25.94
C ILE B 452 -5.57 15.29 -24.64
N MET B 453 -4.26 15.30 -24.48
CA MET B 453 -3.58 14.75 -23.32
C MET B 453 -2.78 15.85 -22.62
N TYR B 454 -2.69 15.75 -21.30
CA TYR B 454 -1.92 16.72 -20.53
C TYR B 454 -1.32 16.04 -19.31
N PRO B 455 -0.14 16.48 -18.85
CA PRO B 455 0.47 15.87 -17.67
C PRO B 455 -0.28 16.21 -16.40
N TYR B 456 -0.25 15.27 -15.45
CA TYR B 456 -1.00 15.45 -14.20
C TYR B 456 -0.32 16.44 -13.25
N LYS B 457 0.99 16.65 -13.40
CA LYS B 457 1.72 17.61 -12.60
C LYS B 457 2.69 18.34 -13.51
N SER B 458 2.69 19.67 -13.46
CA SER B 458 3.51 20.45 -14.39
C SER B 458 3.69 21.85 -13.84
N ASN B 459 4.67 22.55 -14.43
CA ASN B 459 4.93 23.95 -14.14
C ASN B 459 4.09 24.90 -14.99
N GLU B 460 3.45 24.40 -16.05
CA GLU B 460 2.75 25.25 -17.00
C GLU B 460 1.75 24.40 -17.77
N ASN B 461 0.86 25.08 -18.49
CA ASN B 461 -0.14 24.40 -19.32
C ASN B 461 0.56 23.69 -20.47
N ARG B 462 0.34 22.37 -20.57
CA ARG B 462 0.86 21.54 -21.65
C ARG B 462 -0.26 20.63 -22.13
N PHE B 463 -1.06 21.11 -23.07
CA PHE B 463 -2.14 20.34 -23.66
C PHE B 463 -1.76 20.00 -25.09
N ALA B 464 -1.83 18.72 -25.44
CA ALA B 464 -1.35 18.26 -26.74
C ALA B 464 -2.39 17.40 -27.42
N ILE B 465 -2.47 17.52 -28.74
CA ILE B 465 -3.30 16.62 -29.55
C ILE B 465 -2.52 15.34 -29.78
N ASP B 466 -3.12 14.21 -29.43
CA ASP B 466 -2.51 12.90 -29.62
C ASP B 466 -3.12 12.27 -30.86
N TYR B 467 -2.29 12.06 -31.89
CA TYR B 467 -2.71 11.41 -33.12
C TYR B 467 -2.34 9.92 -33.15
N ASP B 468 -1.63 9.43 -32.14
CA ASP B 468 -0.95 8.14 -32.24
C ASP B 468 -1.58 7.06 -31.35
N ASN B 469 -2.79 7.30 -30.85
CA ASN B 469 -3.49 6.33 -29.98
C ASN B 469 -2.64 5.97 -28.76
N ASN B 470 -1.99 6.97 -28.18
CA ASN B 470 -1.12 6.73 -27.05
C ASN B 470 -1.92 6.36 -25.80
N PHE B 471 -1.46 5.32 -25.10
CA PHE B 471 -1.92 5.00 -23.77
C PHE B 471 -0.97 5.60 -22.74
N SER B 472 -1.44 5.72 -21.51
CA SER B 472 -0.61 6.30 -20.46
C SER B 472 -1.11 5.85 -19.11
N SER B 473 -0.28 6.04 -18.09
CA SER B 473 -0.68 5.80 -16.71
C SER B 473 -1.44 7.02 -16.19
N ALA B 474 -1.66 7.05 -14.88
CA ALA B 474 -2.42 8.14 -14.27
C ALA B 474 -1.61 9.41 -14.10
N ASP B 475 -0.38 9.45 -14.60
CA ASP B 475 0.38 10.69 -14.64
C ASP B 475 0.05 11.54 -15.87
N VAL B 476 -0.82 11.05 -16.74
CA VAL B 476 -1.31 11.80 -17.89
C VAL B 476 -2.83 11.65 -17.94
N TYR B 477 -3.53 12.77 -18.05
CA TYR B 477 -4.97 12.75 -18.21
C TYR B 477 -5.34 13.02 -19.66
N SER B 478 -6.53 12.56 -20.06
CA SER B 478 -6.97 12.74 -21.43
C SER B 478 -8.42 13.21 -21.44
N PHE B 479 -8.80 13.86 -22.54
CA PHE B 479 -10.20 14.10 -22.81
C PHE B 479 -10.42 14.19 -24.31
N PHE B 480 -11.64 13.90 -24.73
CA PHE B 480 -12.05 14.15 -26.10
C PHE B 480 -13.33 14.97 -26.10
N ILE B 481 -13.63 15.56 -27.25
CA ILE B 481 -14.78 16.44 -27.38
C ILE B 481 -16.03 15.62 -27.64
N LYS B 482 -17.12 15.98 -26.97
CA LYS B 482 -18.39 15.31 -27.21
C LYS B 482 -18.85 15.55 -28.64
N GLU B 483 -19.62 14.59 -29.17
CA GLU B 483 -20.10 14.71 -30.55
C GLU B 483 -20.99 15.94 -30.72
N GLU B 484 -21.77 16.29 -29.68
CA GLU B 484 -22.69 17.41 -29.80
C GLU B 484 -21.98 18.76 -29.85
N TYR B 485 -20.70 18.82 -29.47
CA TYR B 485 -19.95 20.07 -29.48
C TYR B 485 -18.87 20.12 -30.54
N LEU B 486 -18.82 19.11 -31.43
CA LEU B 486 -17.79 19.11 -32.47
C LEU B 486 -17.99 20.23 -33.48
N ASP B 487 -19.24 20.63 -33.71
CA ASP B 487 -19.52 21.74 -34.61
C ASP B 487 -19.24 23.10 -33.99
N LYS B 488 -18.97 23.16 -32.69
CA LYS B 488 -18.64 24.41 -32.01
C LYS B 488 -17.17 24.54 -31.64
N PHE B 489 -16.52 23.45 -31.25
CA PHE B 489 -15.14 23.49 -30.80
C PHE B 489 -14.33 22.37 -31.46
N SER B 490 -13.14 22.72 -31.92
CA SER B 490 -12.19 21.76 -32.49
C SER B 490 -11.01 21.59 -31.53
N TYR B 491 -10.30 20.48 -31.72
CA TYR B 491 -9.12 20.22 -30.88
C TYR B 491 -8.05 21.28 -31.08
N GLU B 492 -7.89 21.75 -32.32
CA GLU B 492 -6.87 22.75 -32.61
C GLU B 492 -7.15 24.05 -31.86
N TYR B 493 -8.39 24.51 -31.89
CA TYR B 493 -8.75 25.72 -31.15
C TYR B 493 -8.56 25.54 -29.65
N LEU B 494 -8.94 24.37 -29.12
CA LEU B 494 -8.81 24.13 -27.69
C LEU B 494 -7.36 24.15 -27.25
N VAL B 495 -6.48 23.47 -27.99
CA VAL B 495 -5.07 23.48 -27.61
C VAL B 495 -4.48 24.87 -27.83
N GLY B 496 -5.01 25.63 -28.80
CA GLY B 496 -4.53 26.98 -29.00
C GLY B 496 -4.81 27.88 -27.81
N ILE B 497 -6.04 27.82 -27.29
CA ILE B 497 -6.37 28.72 -26.18
C ILE B 497 -5.83 28.17 -24.85
N LEU B 498 -5.78 26.85 -24.68
CA LEU B 498 -5.36 26.28 -23.40
C LEU B 498 -3.86 26.44 -23.17
N ASN B 499 -3.07 26.54 -24.24
CA ASN B 499 -1.63 26.71 -24.12
C ASN B 499 -1.20 28.18 -24.12
N SER B 500 -2.16 29.11 -24.14
CA SER B 500 -1.83 30.52 -24.14
C SER B 500 -1.34 30.96 -22.76
N SER B 501 -0.58 32.06 -22.75
CA SER B 501 -0.16 32.66 -21.49
C SER B 501 -1.37 33.09 -20.68
N VAL B 502 -2.41 33.58 -21.35
CA VAL B 502 -3.64 34.00 -20.68
C VAL B 502 -4.21 32.85 -19.87
N TYR B 503 -4.37 31.69 -20.50
CA TYR B 503 -4.99 30.56 -19.80
C TYR B 503 -4.02 29.93 -18.80
N ASP B 504 -2.72 30.05 -19.02
CA ASP B 504 -1.77 29.59 -18.01
C ASP B 504 -1.96 30.39 -16.71
N LYS B 505 -1.96 31.72 -16.81
CA LYS B 505 -2.19 32.54 -15.63
C LYS B 505 -3.57 32.29 -15.03
N TYR B 506 -4.59 32.17 -15.89
CA TYR B 506 -5.96 32.00 -15.43
C TYR B 506 -6.12 30.69 -14.66
N PHE B 507 -5.55 29.60 -15.18
CA PHE B 507 -5.61 28.32 -14.46
C PHE B 507 -4.81 28.39 -13.17
N LYS B 508 -3.63 29.03 -13.19
CA LYS B 508 -2.83 29.10 -11.98
C LYS B 508 -3.43 30.04 -10.93
N ILE B 509 -4.46 30.81 -11.28
CA ILE B 509 -5.15 31.62 -10.27
C ILE B 509 -5.69 30.73 -9.15
N THR B 510 -6.26 29.57 -9.50
CA THR B 510 -6.91 28.71 -8.52
C THR B 510 -6.32 27.30 -8.48
N ALA B 511 -5.24 27.04 -9.19
CA ALA B 511 -4.70 25.68 -9.28
C ALA B 511 -4.09 25.26 -7.94
N LYS B 512 -3.97 23.94 -7.76
CA LYS B 512 -3.42 23.36 -6.55
C LYS B 512 -1.90 23.33 -6.66
N LYS B 513 -1.23 24.17 -5.88
CA LYS B 513 0.24 24.25 -5.90
C LYS B 513 0.80 23.11 -5.05
N MET B 514 1.50 22.19 -5.69
CA MET B 514 2.00 20.98 -5.00
C MET B 514 3.39 21.19 -4.41
N SER B 515 4.35 21.53 -5.24
CA SER B 515 5.73 21.76 -4.81
C SER B 515 6.30 22.90 -5.65
N LYS B 516 7.61 23.10 -5.54
CA LYS B 516 8.26 24.17 -6.28
C LYS B 516 8.11 23.93 -7.78
N ASN B 517 7.49 24.89 -8.46
CA ASN B 517 7.27 24.84 -9.91
C ASN B 517 6.41 23.65 -10.34
N ILE B 518 5.51 23.19 -9.48
CA ILE B 518 4.61 22.09 -9.82
C ILE B 518 3.20 22.44 -9.37
N TYR B 519 2.25 22.42 -10.30
CA TYR B 519 0.82 22.46 -10.00
C TYR B 519 0.18 21.14 -10.36
N ASP B 520 -0.96 20.86 -9.75
CA ASP B 520 -1.75 19.70 -10.11
C ASP B 520 -2.65 20.04 -11.30
N TYR B 521 -2.47 19.33 -12.41
CA TYR B 521 -3.38 19.42 -13.55
C TYR B 521 -4.28 18.19 -13.51
N TYR B 522 -5.29 18.25 -12.65
CA TYR B 522 -6.24 17.18 -12.44
C TYR B 522 -7.61 17.59 -12.97
N PRO B 523 -8.44 16.63 -13.37
CA PRO B 523 -9.78 16.97 -13.90
C PRO B 523 -10.63 17.79 -12.94
N ASN B 524 -10.48 17.59 -11.63
CA ASN B 524 -11.33 18.31 -10.67
C ASN B 524 -11.12 19.81 -10.72
N LYS B 525 -10.05 20.27 -11.34
CA LYS B 525 -9.88 21.69 -11.64
C LYS B 525 -9.72 22.00 -13.12
N VAL B 526 -9.10 21.10 -13.90
CA VAL B 526 -8.94 21.34 -15.33
C VAL B 526 -10.28 21.38 -16.03
N MET B 527 -11.20 20.46 -15.68
CA MET B 527 -12.50 20.42 -16.32
C MET B 527 -13.36 21.62 -15.97
N LYS B 528 -12.97 22.42 -14.97
CA LYS B 528 -13.67 23.65 -14.63
C LYS B 528 -13.13 24.87 -15.37
N ILE B 529 -12.09 24.69 -16.20
CA ILE B 529 -11.60 25.79 -17.03
C ILE B 529 -12.69 26.21 -18.00
N ARG B 530 -12.93 27.51 -18.09
CA ARG B 530 -14.03 28.04 -18.88
C ARG B 530 -13.53 28.48 -20.25
N ILE B 531 -14.35 28.21 -21.27
CA ILE B 531 -14.00 28.37 -22.67
C ILE B 531 -14.97 29.35 -23.32
N PHE B 532 -14.46 30.10 -24.29
CA PHE B 532 -15.25 31.09 -25.02
C PHE B 532 -15.26 30.76 -26.51
N ARG B 533 -16.18 31.40 -27.22
CA ARG B 533 -16.27 31.28 -28.67
C ARG B 533 -16.76 32.61 -29.22
N ASP B 534 -15.96 33.23 -30.10
CA ASP B 534 -16.33 34.53 -30.64
C ASP B 534 -15.76 34.64 -32.05
N ASN B 535 -15.70 35.88 -32.57
CA ASN B 535 -15.27 36.15 -33.93
C ASN B 535 -13.79 35.90 -34.15
N ASN B 536 -13.00 35.78 -33.08
CA ASN B 536 -11.58 35.44 -33.21
C ASN B 536 -11.36 33.94 -33.32
N TYR B 537 -12.43 33.13 -33.35
CA TYR B 537 -12.28 31.68 -33.35
C TYR B 537 -11.47 31.20 -34.56
N GLU B 538 -11.80 31.69 -35.75
CA GLU B 538 -11.16 31.18 -36.95
C GLU B 538 -9.67 31.52 -36.98
N GLU B 539 -9.30 32.75 -36.62
CA GLU B 539 -7.90 33.13 -36.64
C GLU B 539 -7.10 32.38 -35.59
N ILE B 540 -7.67 32.20 -34.40
CA ILE B 540 -7.00 31.42 -33.35
C ILE B 540 -6.79 29.98 -33.82
N GLU B 541 -7.82 29.38 -34.42
CA GLU B 541 -7.70 28.02 -34.91
C GLU B 541 -6.64 27.91 -36.01
N ASN B 542 -6.60 28.88 -36.91
CA ASN B 542 -5.61 28.87 -37.97
C ASN B 542 -4.19 29.00 -37.41
N LEU B 543 -4.00 29.87 -36.42
CA LEU B 543 -2.69 30.01 -35.80
C LEU B 543 -2.27 28.72 -35.11
N SER B 544 -3.21 28.07 -34.41
CA SER B 544 -2.88 26.80 -33.75
C SER B 544 -2.52 25.73 -34.77
N LYS B 545 -3.27 25.65 -35.88
CA LYS B 545 -2.94 24.69 -36.93
C LYS B 545 -1.57 24.97 -37.51
N GLN B 546 -1.25 26.24 -37.74
CA GLN B 546 0.07 26.62 -38.27
C GLN B 546 1.19 26.21 -37.32
N ILE B 547 0.99 26.44 -36.02
CA ILE B 547 1.99 26.05 -35.02
C ILE B 547 2.18 24.54 -35.03
N ILE B 548 1.07 23.79 -35.07
CA ILE B 548 1.15 22.33 -35.09
C ILE B 548 1.90 21.86 -36.33
N SER B 549 1.60 22.47 -37.49
CA SER B 549 2.28 22.08 -38.72
C SER B 549 3.77 22.35 -38.62
N ILE B 550 4.16 23.48 -38.03
CA ILE B 550 5.59 23.78 -37.87
C ILE B 550 6.24 22.76 -36.93
N LEU B 551 5.57 22.42 -35.83
CA LEU B 551 6.17 21.53 -34.84
C LEU B 551 6.35 20.11 -35.37
N LEU B 552 5.52 19.70 -36.33
CA LEU B 552 5.64 18.37 -36.91
C LEU B 552 6.56 18.34 -38.12
N ASN B 553 7.09 19.50 -38.54
CA ASN B 553 7.93 19.57 -39.72
C ASN B 553 9.31 18.97 -39.44
N LYS B 554 10.06 18.74 -40.51
CA LYS B 554 11.40 18.14 -40.37
C LYS B 554 12.32 19.03 -39.53
N SER B 555 12.38 20.31 -39.87
CA SER B 555 13.13 21.29 -39.10
C SER B 555 12.18 22.28 -38.45
N ILE B 556 12.42 22.58 -37.18
CA ILE B 556 11.54 23.44 -36.39
C ILE B 556 12.10 24.85 -36.40
N ASP B 557 11.24 25.82 -36.70
CA ASP B 557 11.58 27.24 -36.62
C ASP B 557 10.94 27.78 -35.35
N LYS B 558 11.70 27.72 -34.24
CA LYS B 558 11.16 28.12 -32.95
C LYS B 558 10.78 29.60 -32.92
N GLY B 559 11.49 30.43 -33.67
CA GLY B 559 11.14 31.85 -33.70
C GLY B 559 9.77 32.09 -34.31
N LYS B 560 9.46 31.40 -35.41
CA LYS B 560 8.15 31.54 -36.03
C LYS B 560 7.05 31.03 -35.10
N VAL B 561 7.32 29.94 -34.39
CA VAL B 561 6.37 29.43 -33.41
C VAL B 561 6.13 30.46 -32.32
N GLU B 562 7.20 31.11 -31.85
CA GLU B 562 7.06 32.13 -30.82
C GLU B 562 6.24 33.31 -31.32
N LYS B 563 6.48 33.74 -32.56
CA LYS B 563 5.70 34.85 -33.11
C LYS B 563 4.23 34.49 -33.23
N LEU B 564 3.93 33.29 -33.73
CA LEU B 564 2.54 32.86 -33.84
C LEU B 564 1.89 32.75 -32.47
N GLN B 565 2.63 32.25 -31.48
CA GLN B 565 2.10 32.13 -30.12
C GLN B 565 1.80 33.51 -29.53
N ILE B 566 2.68 34.48 -29.77
CA ILE B 566 2.44 35.84 -29.28
C ILE B 566 1.20 36.43 -29.94
N LYS B 567 1.06 36.23 -31.25
CA LYS B 567 -0.13 36.72 -31.95
C LYS B 567 -1.40 36.10 -31.38
N MET B 568 -1.38 34.79 -31.12
CA MET B 568 -2.54 34.12 -30.54
C MET B 568 -2.83 34.62 -29.14
N ASP B 569 -1.78 34.85 -28.34
CA ASP B 569 -1.97 35.40 -27.00
C ASP B 569 -2.64 36.75 -27.05
N ASN B 570 -2.21 37.61 -27.99
CA ASN B 570 -2.84 38.92 -28.13
C ASN B 570 -4.28 38.80 -28.58
N LEU B 571 -4.57 37.86 -29.48
CA LEU B 571 -5.96 37.64 -29.90
C LEU B 571 -6.82 37.22 -28.73
N ILE B 572 -6.33 36.32 -27.90
CA ILE B 572 -7.10 35.84 -26.76
C ILE B 572 -7.29 36.96 -25.74
N MET B 573 -6.25 37.79 -25.53
CA MET B 573 -6.38 38.93 -24.65
C MET B 573 -7.45 39.91 -25.16
N ASP B 574 -7.48 40.14 -26.48
CA ASP B 574 -8.54 40.97 -27.05
C ASP B 574 -9.91 40.34 -26.81
N SER B 575 -10.02 39.03 -27.00
CA SER B 575 -11.31 38.35 -26.85
C SER B 575 -11.82 38.46 -25.42
N LEU B 576 -10.96 38.27 -24.43
CA LEU B 576 -11.37 38.24 -23.04
C LEU B 576 -11.37 39.63 -22.39
N GLY B 577 -10.97 40.66 -23.11
CA GLY B 577 -10.98 42.01 -22.57
C GLY B 577 -10.02 42.24 -21.43
N ILE B 578 -8.81 41.70 -21.53
CA ILE B 578 -7.81 41.84 -20.47
C ILE B 578 -6.53 42.44 -21.03
N ASP C 8 57.32 -31.54 12.79
CA ASP C 8 56.73 -30.21 12.92
C ASP C 8 55.70 -29.96 11.83
N ASN C 9 54.43 -29.91 12.21
CA ASN C 9 53.35 -29.68 11.27
C ASN C 9 53.34 -28.26 10.70
N PHE C 10 54.14 -27.36 11.27
CA PHE C 10 54.19 -25.97 10.84
C PHE C 10 55.41 -25.66 9.97
N LEU C 11 56.11 -26.69 9.49
CA LEU C 11 57.31 -26.46 8.69
C LEU C 11 56.96 -26.11 7.25
N LEU C 12 56.21 -26.99 6.57
CA LEU C 12 55.86 -26.75 5.19
C LEU C 12 54.97 -25.51 5.04
N SER C 13 54.05 -25.31 6.00
CA SER C 13 53.20 -24.12 5.96
C SER C 13 54.02 -22.84 6.08
N LYS C 14 54.99 -22.82 6.99
CA LYS C 14 55.86 -21.66 7.13
C LYS C 14 56.70 -21.45 5.88
N GLU C 15 57.21 -22.53 5.29
CA GLU C 15 58.00 -22.42 4.07
C GLU C 15 57.17 -21.83 2.93
N TYR C 16 55.93 -22.28 2.79
CA TYR C 16 55.04 -21.69 1.78
C TYR C 16 54.73 -20.24 2.09
N GLU C 17 54.52 -19.91 3.37
CA GLU C 17 54.19 -18.55 3.76
C GLU C 17 55.34 -17.59 3.46
N ASN C 18 56.58 -18.06 3.62
CA ASN C 18 57.73 -17.23 3.26
C ASN C 18 57.89 -17.11 1.75
N SER C 19 57.26 -17.99 0.97
CA SER C 19 57.37 -17.94 -0.48
C SER C 19 56.49 -16.88 -1.12
N LEU C 20 55.54 -16.31 -0.37
CA LEU C 20 54.63 -15.31 -0.90
C LEU C 20 55.09 -13.91 -0.51
N ASP C 21 54.85 -12.95 -1.39
CA ASP C 21 55.23 -11.57 -1.15
C ASP C 21 54.16 -10.87 -0.30
N VAL C 22 54.43 -9.61 0.04
CA VAL C 22 53.55 -8.88 0.95
C VAL C 22 52.21 -8.59 0.31
N ASP C 23 52.22 -8.21 -0.98
CA ASP C 23 50.98 -7.81 -1.65
C ASP C 23 49.99 -8.98 -1.74
N THR C 24 50.48 -10.18 -2.06
CA THR C 24 49.59 -11.33 -2.15
C THR C 24 48.97 -11.66 -0.79
N LYS C 25 49.80 -11.69 0.25
CA LYS C 25 49.30 -12.00 1.59
C LYS C 25 48.34 -10.93 2.09
N LYS C 26 48.55 -9.67 1.71
CA LYS C 26 47.60 -8.63 2.10
C LYS C 26 46.29 -8.76 1.32
N ALA C 27 46.38 -9.07 0.02
CA ALA C 27 45.18 -9.16 -0.80
C ALA C 27 44.30 -10.34 -0.39
N SER C 28 44.91 -11.47 -0.04
CA SER C 28 44.14 -12.65 0.33
C SER C 28 44.16 -12.95 1.83
N GLY C 29 44.77 -12.11 2.65
CA GLY C 29 44.78 -12.30 4.08
C GLY C 29 45.46 -13.59 4.50
N ILE C 30 46.61 -13.89 3.92
CA ILE C 30 47.31 -15.15 4.14
C ILE C 30 48.35 -14.92 5.24
N TYR C 31 47.96 -15.21 6.48
CA TYR C 31 48.86 -15.11 7.63
C TYR C 31 48.53 -16.26 8.58
N TYR C 32 49.45 -17.19 8.73
CA TYR C 32 49.20 -18.43 9.44
C TYR C 32 49.45 -18.28 10.93
N THR C 33 48.66 -19.02 11.72
CA THR C 33 48.58 -18.94 13.17
C THR C 33 49.74 -19.70 13.83
N PRO C 34 50.31 -19.16 14.91
CA PRO C 34 51.36 -19.89 15.63
C PRO C 34 50.81 -21.15 16.30
N LYS C 35 51.74 -22.00 16.72
CA LYS C 35 51.38 -23.32 17.26
C LYS C 35 50.64 -23.21 18.58
N ILE C 36 51.02 -22.24 19.43
CA ILE C 36 50.42 -22.12 20.75
C ILE C 36 48.92 -21.85 20.63
N ILE C 37 48.55 -20.90 19.77
CA ILE C 37 47.15 -20.55 19.60
C ILE C 37 46.38 -21.72 19.00
N VAL C 38 46.97 -22.41 18.01
CA VAL C 38 46.30 -23.52 17.36
C VAL C 38 46.02 -24.63 18.37
N ASP C 39 47.04 -24.97 19.17
CA ASP C 39 46.87 -26.01 20.19
C ASP C 39 45.80 -25.61 21.19
N TYR C 40 45.82 -24.36 21.64
CA TYR C 40 44.82 -23.91 22.61
C TYR C 40 43.41 -24.01 22.02
N ILE C 41 43.24 -23.60 20.77
CA ILE C 41 41.90 -23.58 20.17
C ILE C 41 41.38 -25.01 19.96
N VAL C 42 42.24 -25.90 19.42
CA VAL C 42 41.78 -27.27 19.18
C VAL C 42 41.50 -27.99 20.50
N LYS C 43 42.34 -27.75 21.52
CA LYS C 43 42.10 -28.37 22.81
C LYS C 43 40.81 -27.87 23.44
N LYS C 44 40.54 -26.57 23.33
CA LYS C 44 39.31 -26.02 23.88
C LYS C 44 38.08 -26.60 23.18
N THR C 45 38.13 -26.70 21.84
CA THR C 45 36.94 -27.13 21.12
C THR C 45 36.70 -28.63 21.21
N LEU C 46 37.75 -29.44 21.36
CA LEU C 46 37.60 -30.89 21.38
C LEU C 46 37.84 -31.50 22.76
N LYS C 47 37.77 -30.70 23.82
CA LYS C 47 38.09 -31.20 25.16
C LYS C 47 37.10 -32.25 25.63
N ASN C 48 35.80 -32.01 25.41
CA ASN C 48 34.75 -32.81 26.04
C ASN C 48 33.96 -33.65 25.04
N HIS C 49 34.52 -33.95 23.88
CA HIS C 49 33.80 -34.74 22.88
C HIS C 49 33.81 -36.20 23.28
N ASP C 50 32.62 -36.78 23.43
CA ASP C 50 32.48 -38.21 23.71
C ASP C 50 32.56 -38.96 22.39
N ILE C 51 33.75 -39.49 22.08
CA ILE C 51 33.95 -40.17 20.81
C ILE C 51 33.20 -41.50 20.77
N ILE C 52 32.90 -42.09 21.94
CA ILE C 52 32.09 -43.30 21.96
C ILE C 52 30.65 -43.00 21.56
N LYS C 53 30.09 -41.91 22.11
CA LYS C 53 28.70 -41.56 21.81
C LYS C 53 28.56 -41.13 20.35
N ASN C 54 29.44 -40.25 19.88
CA ASN C 54 29.40 -39.73 18.51
C ASN C 54 30.77 -39.97 17.88
N PRO C 55 30.99 -41.15 17.28
CA PRO C 55 32.26 -41.43 16.61
C PRO C 55 32.43 -40.76 15.26
N TYR C 56 31.51 -39.89 14.86
CA TYR C 56 31.59 -39.19 13.57
C TYR C 56 31.46 -37.69 13.80
N PRO C 57 32.46 -37.06 14.41
CA PRO C 57 32.45 -35.60 14.51
C PRO C 57 32.90 -34.97 13.20
N ARG C 58 32.41 -33.75 12.97
CA ARG C 58 32.75 -33.00 11.76
C ARG C 58 33.40 -31.69 12.18
N ILE C 59 34.70 -31.57 11.90
CA ILE C 59 35.51 -30.43 12.32
C ILE C 59 35.94 -29.70 11.05
N LEU C 60 35.60 -28.41 10.98
CA LEU C 60 35.78 -27.62 9.76
C LEU C 60 36.72 -26.44 10.01
N ASP C 61 37.63 -26.23 9.06
CA ASP C 61 38.44 -25.02 9.00
C ASP C 61 38.07 -24.29 7.71
N ILE C 62 37.33 -23.19 7.84
CA ILE C 62 36.75 -22.51 6.68
C ILE C 62 37.78 -21.68 5.92
N SER C 63 38.95 -21.44 6.51
CA SER C 63 40.05 -20.73 5.85
C SER C 63 41.36 -21.48 6.13
N CYS C 64 41.35 -22.78 5.88
CA CYS C 64 42.38 -23.68 6.39
C CYS C 64 43.78 -23.31 5.92
N GLY C 65 43.92 -22.78 4.72
CA GLY C 65 45.26 -22.53 4.19
C GLY C 65 46.00 -23.84 4.01
N CYS C 66 47.24 -23.88 4.48
CA CYS C 66 48.01 -25.12 4.45
C CYS C 66 47.57 -26.12 5.51
N GLY C 67 46.70 -25.73 6.43
CA GLY C 67 46.14 -26.65 7.39
C GLY C 67 46.84 -26.65 8.73
N ASN C 68 47.11 -25.47 9.29
CA ASN C 68 47.74 -25.39 10.60
C ASN C 68 46.84 -25.97 11.68
N PHE C 69 45.54 -25.68 11.61
CA PHE C 69 44.60 -26.23 12.58
C PHE C 69 44.25 -27.69 12.27
N LEU C 70 44.09 -28.01 10.98
CA LEU C 70 43.57 -29.33 10.61
C LEU C 70 44.56 -30.45 10.90
N LEU C 71 45.87 -30.18 10.80
CA LEU C 71 46.84 -31.22 11.13
C LEU C 71 46.81 -31.56 12.62
N GLU C 72 46.74 -30.55 13.48
CA GLU C 72 46.61 -30.81 14.91
C GLU C 72 45.27 -31.49 15.22
N VAL C 73 44.22 -31.12 14.49
CA VAL C 73 42.94 -31.81 14.63
C VAL C 73 43.10 -33.29 14.29
N TYR C 74 43.83 -33.59 13.21
CA TYR C 74 44.08 -34.97 12.82
C TYR C 74 44.84 -35.72 13.91
N ASP C 75 45.86 -35.09 14.48
CA ASP C 75 46.64 -35.75 15.54
C ASP C 75 45.78 -36.05 16.77
N ILE C 76 45.00 -35.05 17.20
CA ILE C 76 44.16 -35.22 18.39
C ILE C 76 43.11 -36.29 18.15
N LEU C 77 42.49 -36.28 16.96
CA LEU C 77 41.49 -37.29 16.64
C LEU C 77 42.10 -38.67 16.60
N TYR C 78 43.30 -38.81 16.04
CA TYR C 78 43.96 -40.11 16.01
C TYR C 78 44.22 -40.62 17.41
N ASP C 79 44.71 -39.76 18.30
CA ASP C 79 44.94 -40.19 19.68
C ASP C 79 43.65 -40.60 20.35
N LEU C 80 42.56 -39.83 20.15
CA LEU C 80 41.29 -40.16 20.80
C LEU C 80 40.74 -41.49 20.28
N PHE C 81 40.78 -41.68 18.95
CA PHE C 81 40.26 -42.91 18.37
C PHE C 81 41.08 -44.12 18.84
N GLU C 82 42.40 -44.01 18.87
CA GLU C 82 43.19 -45.13 19.33
C GLU C 82 43.04 -45.37 20.83
N GLU C 83 42.67 -44.33 21.59
CA GLU C 83 42.40 -44.53 23.01
C GLU C 83 41.09 -45.28 23.22
N ASN C 84 40.08 -45.01 22.40
CA ASN C 84 38.77 -45.62 22.57
C ASN C 84 38.47 -46.72 21.55
N ILE C 85 39.51 -47.26 20.90
CA ILE C 85 39.31 -48.28 19.87
C ILE C 85 38.64 -49.53 20.43
N TYR C 86 38.97 -49.92 21.66
CA TYR C 86 38.38 -51.13 22.23
C TYR C 86 36.89 -50.97 22.43
N GLU C 87 36.46 -49.84 23.00
CA GLU C 87 35.04 -49.58 23.18
C GLU C 87 34.34 -49.37 21.84
N LEU C 88 35.06 -48.85 20.85
CA LEU C 88 34.48 -48.75 19.51
C LEU C 88 34.21 -50.13 18.92
N LYS C 89 35.14 -51.06 19.10
CA LYS C 89 34.96 -52.42 18.60
C LYS C 89 33.86 -53.14 19.37
N LYS C 90 33.71 -52.87 20.66
CA LYS C 90 32.67 -53.52 21.45
C LYS C 90 31.28 -52.96 21.12
N LYS C 91 31.15 -51.64 21.05
CA LYS C 91 29.83 -51.03 20.90
C LYS C 91 29.31 -51.17 19.47
N TYR C 92 30.19 -51.07 18.48
CA TYR C 92 29.83 -51.11 17.08
C TYR C 92 30.46 -52.35 16.43
N ASP C 93 30.37 -52.40 15.10
CA ASP C 93 30.99 -53.48 14.35
C ASP C 93 32.48 -53.54 14.64
N GLU C 94 32.92 -54.66 15.23
CA GLU C 94 34.32 -54.80 15.61
C GLU C 94 35.23 -54.95 14.39
N ASN C 95 34.70 -55.49 13.29
CA ASN C 95 35.52 -55.69 12.10
C ASN C 95 35.99 -54.37 11.51
N TYR C 96 35.07 -53.39 11.40
CA TYR C 96 35.43 -52.10 10.83
C TYR C 96 36.20 -51.23 11.81
N TRP C 97 35.93 -51.35 13.10
CA TRP C 97 36.53 -50.47 14.11
C TRP C 97 37.82 -51.09 14.62
N THR C 98 38.86 -50.96 13.80
CA THR C 98 40.22 -51.33 14.18
C THR C 98 41.14 -50.15 13.88
N VAL C 99 42.31 -50.16 14.51
CA VAL C 99 43.27 -49.08 14.31
C VAL C 99 43.73 -49.01 12.86
N ASP C 100 43.71 -50.15 12.15
CA ASP C 100 44.24 -50.20 10.80
C ASP C 100 43.51 -49.23 9.87
N ASN C 101 42.21 -49.04 10.08
CA ASN C 101 41.43 -48.12 9.26
C ASN C 101 41.31 -46.74 9.87
N ILE C 102 41.87 -46.53 11.07
CA ILE C 102 41.62 -45.29 11.81
C ILE C 102 42.00 -44.08 10.97
N HIS C 103 43.20 -44.11 10.39
CA HIS C 103 43.64 -43.05 9.48
C HIS C 103 42.57 -42.78 8.42
N ARG C 104 42.19 -43.83 7.68
CA ARG C 104 41.22 -43.67 6.60
C ARG C 104 39.90 -43.12 7.12
N HIS C 105 39.58 -43.37 8.39
CA HIS C 105 38.36 -42.82 8.97
C HIS C 105 38.46 -41.30 9.08
N ILE C 106 39.56 -40.81 9.67
CA ILE C 106 39.63 -39.39 10.03
C ILE C 106 39.53 -38.52 8.80
N LEU C 107 40.22 -38.89 7.73
CA LEU C 107 40.14 -38.13 6.50
C LEU C 107 38.76 -38.22 5.86
N ASN C 108 38.11 -39.39 5.96
CA ASN C 108 36.90 -39.62 5.18
C ASN C 108 35.69 -38.91 5.77
N TYR C 109 35.55 -38.90 7.10
CA TYR C 109 34.31 -38.49 7.74
C TYR C 109 34.44 -37.33 8.71
N CYS C 110 35.66 -36.94 9.11
CA CYS C 110 35.84 -36.00 10.20
C CYS C 110 36.38 -34.65 9.77
N ILE C 111 37.49 -34.63 9.03
CA ILE C 111 38.17 -33.36 8.72
C ILE C 111 37.52 -32.71 7.51
N TYR C 112 37.26 -31.41 7.60
CA TYR C 112 36.78 -30.61 6.48
C TYR C 112 37.56 -29.31 6.44
N GLY C 113 38.04 -28.94 5.26
CA GLY C 113 38.75 -27.69 5.09
C GLY C 113 38.31 -26.99 3.82
N ALA C 114 38.36 -25.66 3.86
CA ALA C 114 37.97 -24.87 2.70
C ALA C 114 38.93 -23.69 2.54
N ASP C 115 39.30 -23.40 1.30
CA ASP C 115 40.15 -22.24 1.03
C ASP C 115 40.08 -21.89 -0.46
N ILE C 116 40.45 -20.66 -0.77
CA ILE C 116 40.53 -20.22 -2.16
C ILE C 116 41.91 -20.46 -2.77
N ASP C 117 42.93 -20.66 -1.95
CA ASP C 117 44.30 -20.85 -2.44
C ASP C 117 44.45 -22.30 -2.90
N GLU C 118 44.52 -22.50 -4.22
CA GLU C 118 44.64 -23.85 -4.75
C GLU C 118 45.96 -24.50 -4.35
N LYS C 119 47.05 -23.72 -4.39
CA LYS C 119 48.36 -24.26 -4.01
C LYS C 119 48.39 -24.67 -2.54
N ALA C 120 47.82 -23.85 -1.66
CA ALA C 120 47.79 -24.18 -0.24
C ALA C 120 46.95 -25.42 0.02
N ILE C 121 45.84 -25.57 -0.69
CA ILE C 121 45.00 -26.75 -0.51
C ILE C 121 45.70 -28.00 -1.04
N SER C 122 46.44 -27.87 -2.15
CA SER C 122 47.25 -28.99 -2.61
C SER C 122 48.31 -29.38 -1.58
N ILE C 123 48.96 -28.39 -0.97
CA ILE C 123 49.94 -28.66 0.07
C ILE C 123 49.29 -29.39 1.24
N LEU C 124 48.10 -28.92 1.66
CA LEU C 124 47.41 -29.55 2.78
C LEU C 124 47.01 -30.99 2.45
N LYS C 125 46.53 -31.22 1.22
CA LYS C 125 46.16 -32.58 0.81
C LYS C 125 47.37 -33.50 0.82
N ASP C 126 48.50 -33.02 0.30
CA ASP C 126 49.71 -33.84 0.30
C ASP C 126 50.19 -34.10 1.73
N SER C 127 50.06 -33.10 2.62
CA SER C 127 50.46 -33.28 4.01
C SER C 127 49.57 -34.29 4.71
N LEU C 128 48.26 -34.25 4.45
CA LEU C 128 47.34 -35.21 5.05
C LEU C 128 47.55 -36.61 4.48
N THR C 129 48.01 -36.71 3.22
CA THR C 129 48.34 -38.01 2.66
C THR C 129 49.46 -38.68 3.43
N ASN C 130 50.44 -37.91 3.88
CA ASN C 130 51.54 -38.43 4.68
C ASN C 130 51.25 -38.29 6.17
N ILE C 142 40.59 -42.59 0.09
CA ILE C 142 39.32 -42.11 0.64
C ILE C 142 39.13 -40.63 0.33
N LYS C 143 37.90 -40.15 0.49
CA LYS C 143 37.61 -38.74 0.25
C LYS C 143 38.32 -37.86 1.29
N ILE C 144 38.89 -36.75 0.82
CA ILE C 144 39.66 -35.87 1.69
C ILE C 144 38.82 -34.70 2.21
N ASN C 145 37.71 -34.36 1.55
CA ASN C 145 36.80 -33.31 2.00
C ASN C 145 37.49 -31.96 2.09
N LEU C 146 38.25 -31.62 1.05
CA LEU C 146 38.87 -30.31 0.91
C LEU C 146 38.19 -29.56 -0.22
N PHE C 147 37.72 -28.35 0.06
CA PHE C 147 36.97 -27.54 -0.88
C PHE C 147 37.80 -26.32 -1.27
N CYS C 148 38.08 -26.20 -2.57
CA CYS C 148 38.77 -25.03 -3.12
C CYS C 148 37.70 -24.12 -3.71
N CYS C 149 37.31 -23.12 -2.94
CA CYS C 149 36.19 -22.25 -3.32
C CYS C 149 36.18 -21.05 -2.38
N ASP C 150 35.34 -20.07 -2.74
CA ASP C 150 35.07 -18.95 -1.86
C ASP C 150 34.15 -19.42 -0.74
N SER C 151 34.68 -19.44 0.49
CA SER C 151 33.91 -19.96 1.62
C SER C 151 32.68 -19.11 1.92
N LEU C 152 32.65 -17.86 1.47
CA LEU C 152 31.48 -17.01 1.65
C LEU C 152 30.43 -17.19 0.58
N LYS C 153 30.75 -17.92 -0.49
CA LYS C 153 29.80 -18.20 -1.56
C LYS C 153 29.41 -19.68 -1.66
N LYS C 154 30.20 -20.58 -1.09
CA LYS C 154 29.95 -22.01 -1.23
C LYS C 154 28.64 -22.39 -0.56
N LYS C 155 27.82 -23.17 -1.27
CA LYS C 155 26.58 -23.68 -0.71
C LYS C 155 26.91 -24.88 0.17
N TRP C 156 26.76 -24.71 1.48
CA TRP C 156 27.11 -25.77 2.43
C TRP C 156 25.94 -26.73 2.55
N ARG C 157 26.21 -28.02 2.28
CA ARG C 157 25.14 -29.02 2.26
C ARG C 157 24.70 -29.45 3.65
N TYR C 158 25.50 -29.21 4.68
CA TYR C 158 25.14 -29.58 6.04
C TYR C 158 25.96 -28.75 7.02
N LYS C 159 25.78 -29.02 8.30
CA LYS C 159 26.43 -28.28 9.37
C LYS C 159 27.58 -29.10 9.96
N PHE C 160 28.34 -28.46 10.85
CA PHE C 160 29.54 -29.05 11.41
C PHE C 160 29.51 -29.01 12.93
N ASP C 161 29.97 -30.09 13.55
CA ASP C 161 30.00 -30.16 15.01
C ASP C 161 30.97 -29.16 15.60
N TYR C 162 32.13 -28.97 14.97
CA TYR C 162 33.13 -28.05 15.46
C TYR C 162 33.71 -27.24 14.31
N ILE C 163 34.00 -25.96 14.59
CA ILE C 163 34.62 -25.07 13.62
C ILE C 163 35.76 -24.33 14.32
N VAL C 164 36.94 -24.37 13.71
CA VAL C 164 38.12 -23.68 14.20
C VAL C 164 38.81 -22.99 13.03
N GLY C 165 39.72 -22.08 13.35
CA GLY C 165 40.57 -21.49 12.34
C GLY C 165 40.80 -20.03 12.59
N ASN C 166 41.34 -19.37 11.57
CA ASN C 166 41.71 -17.95 11.64
C ASN C 166 41.38 -17.33 10.29
N PRO C 167 40.28 -16.58 10.20
CA PRO C 167 39.83 -16.05 8.91
C PRO C 167 40.76 -14.95 8.42
N PRO C 168 40.70 -14.60 7.13
CA PRO C 168 41.48 -13.47 6.65
C PRO C 168 40.88 -12.15 7.08
N TYR C 169 41.75 -11.17 7.33
CA TYR C 169 41.34 -9.82 7.69
C TYR C 169 41.64 -8.89 6.53
N ILE C 170 40.60 -8.31 5.92
CA ILE C 170 40.76 -7.35 4.85
C ILE C 170 39.86 -6.15 5.14
N GLY C 171 40.46 -4.97 5.24
CA GLY C 171 39.71 -3.75 5.50
C GLY C 171 39.11 -3.16 4.24
N HIS C 172 38.41 -2.04 4.42
CA HIS C 172 37.67 -1.42 3.32
C HIS C 172 38.61 -0.87 2.25
N LYS C 173 39.83 -0.47 2.62
CA LYS C 173 40.77 0.08 1.65
C LYS C 173 41.32 -1.01 0.73
N LYS C 174 41.62 -2.18 1.29
CA LYS C 174 42.32 -3.25 0.57
C LYS C 174 41.37 -4.25 -0.06
N LEU C 175 40.07 -3.96 -0.12
CA LEU C 175 39.08 -4.89 -0.61
C LEU C 175 38.55 -4.44 -1.96
N GLU C 176 38.35 -5.41 -2.87
CA GLU C 176 37.84 -5.10 -4.19
C GLU C 176 36.41 -4.58 -4.10
N LYS C 177 36.09 -3.61 -4.96
CA LYS C 177 34.81 -2.93 -4.85
C LYS C 177 33.64 -3.81 -5.29
N LYS C 178 33.84 -4.65 -6.31
CA LYS C 178 32.79 -5.58 -6.70
C LYS C 178 32.52 -6.60 -5.60
N TYR C 179 33.58 -7.12 -4.98
CA TYR C 179 33.41 -8.02 -3.85
C TYR C 179 32.71 -7.32 -2.69
N LYS C 180 33.01 -6.02 -2.49
CA LYS C 180 32.33 -5.27 -1.45
C LYS C 180 30.85 -5.09 -1.77
N LYS C 181 30.51 -4.90 -3.05
CA LYS C 181 29.10 -4.84 -3.42
C LYS C 181 28.40 -6.15 -3.13
N PHE C 182 29.06 -7.28 -3.43
CA PHE C 182 28.50 -8.58 -3.10
C PHE C 182 28.30 -8.73 -1.58
N LEU C 183 29.29 -8.32 -0.80
CA LEU C 183 29.21 -8.44 0.66
C LEU C 183 28.09 -7.57 1.22
N LEU C 184 27.95 -6.35 0.71
CA LEU C 184 26.87 -5.48 1.15
C LEU C 184 25.51 -6.06 0.78
N GLU C 185 25.43 -6.70 -0.38
CA GLU C 185 24.16 -7.31 -0.79
C GLU C 185 23.79 -8.48 0.12
N LYS C 186 24.73 -9.40 0.36
CA LYS C 186 24.40 -10.66 1.01
C LYS C 186 24.64 -10.65 2.51
N TYR C 187 25.78 -10.14 2.96
CA TYR C 187 26.15 -10.17 4.37
C TYR C 187 25.80 -8.87 5.09
N SER C 188 24.70 -8.22 4.71
CA SER C 188 24.34 -6.92 5.27
C SER C 188 24.03 -7.00 6.76
N GLU C 189 23.76 -8.19 7.30
CA GLU C 189 23.45 -8.30 8.72
C GLU C 189 24.64 -7.93 9.60
N VAL C 190 25.85 -8.15 9.11
CA VAL C 190 27.06 -7.83 9.88
C VAL C 190 28.02 -6.93 9.13
N TYR C 191 27.89 -6.75 7.82
CA TYR C 191 28.88 -6.01 7.03
C TYR C 191 28.23 -4.78 6.44
N LYS C 192 28.76 -3.60 6.79
CA LYS C 192 28.36 -2.36 6.15
C LYS C 192 29.40 -1.29 6.46
N ASP C 193 29.41 -0.25 5.63
CA ASP C 193 30.26 0.94 5.83
C ASP C 193 31.71 0.48 5.92
N LYS C 194 32.44 0.76 7.00
CA LYS C 194 33.86 0.46 7.06
C LYS C 194 34.17 -0.87 7.74
N ALA C 195 33.29 -1.86 7.60
CA ALA C 195 33.47 -3.15 8.24
C ALA C 195 34.57 -3.97 7.56
N ASP C 196 34.96 -5.06 8.22
CA ASP C 196 36.02 -5.94 7.75
C ASP C 196 35.43 -7.28 7.29
N LEU C 197 36.23 -8.01 6.51
CA LEU C 197 35.78 -9.29 5.95
C LEU C 197 35.56 -10.34 7.03
N TYR C 198 36.35 -10.30 8.11
CA TYR C 198 36.19 -11.32 9.13
C TYR C 198 34.86 -11.19 9.86
N PHE C 199 34.17 -10.05 9.73
CA PHE C 199 32.78 -9.99 10.19
C PHE C 199 31.92 -10.99 9.42
N CYS C 200 32.04 -10.98 8.10
CA CYS C 200 31.31 -11.93 7.26
C CYS C 200 31.73 -13.36 7.57
N PHE C 201 33.02 -13.57 7.80
CA PHE C 201 33.46 -14.92 8.16
C PHE C 201 32.88 -15.37 9.50
N TYR C 202 32.80 -14.46 10.48
CA TYR C 202 32.12 -14.77 11.73
C TYR C 202 30.68 -15.19 11.49
N LYS C 203 29.97 -14.43 10.66
CA LYS C 203 28.57 -14.76 10.40
C LYS C 203 28.44 -16.13 9.73
N LYS C 204 29.31 -16.41 8.75
CA LYS C 204 29.24 -17.69 8.07
C LYS C 204 29.57 -18.85 9.01
N ILE C 205 30.56 -18.67 9.88
CA ILE C 205 30.90 -19.72 10.84
C ILE C 205 29.75 -19.98 11.79
N ILE C 206 29.11 -18.91 12.27
CA ILE C 206 27.96 -19.08 13.17
C ILE C 206 26.82 -19.80 12.46
N ASP C 207 26.56 -19.43 11.20
CA ASP C 207 25.38 -19.97 10.51
C ASP C 207 25.49 -21.48 10.29
N ILE C 208 26.66 -21.97 9.90
CA ILE C 208 26.80 -23.37 9.52
C ILE C 208 27.27 -24.22 10.69
N LEU C 209 27.23 -23.66 11.89
CA LEU C 209 27.57 -24.43 13.09
C LEU C 209 26.38 -25.29 13.49
N LYS C 210 26.65 -26.58 13.70
CA LYS C 210 25.59 -27.51 14.08
C LYS C 210 25.05 -27.17 15.46
N GLN C 211 23.76 -27.46 15.66
CA GLN C 211 23.13 -27.18 16.93
C GLN C 211 23.79 -27.98 18.04
N GLY C 212 24.22 -27.28 19.09
CA GLY C 212 24.99 -27.89 20.15
C GLY C 212 26.47 -28.00 19.88
N GLY C 213 26.96 -27.45 18.77
CA GLY C 213 28.36 -27.51 18.44
C GLY C 213 29.16 -26.44 19.16
N ILE C 214 30.47 -26.44 18.88
CA ILE C 214 31.41 -25.51 19.51
C ILE C 214 32.25 -24.86 18.42
N GLY C 215 32.46 -23.57 18.54
CA GLY C 215 33.34 -22.84 17.63
C GLY C 215 34.36 -22.03 18.41
N SER C 216 35.56 -21.93 17.85
CA SER C 216 36.64 -21.18 18.49
C SER C 216 37.54 -20.63 17.41
N VAL C 217 37.68 -19.30 17.37
CA VAL C 217 38.47 -18.64 16.34
C VAL C 217 39.36 -17.57 16.97
N ILE C 218 40.36 -17.15 16.22
CA ILE C 218 41.20 -16.00 16.56
C ILE C 218 41.02 -14.95 15.49
N THR C 219 40.67 -13.74 15.89
CA THR C 219 40.37 -12.65 14.97
C THR C 219 41.00 -11.37 15.51
N PRO C 220 40.93 -10.24 14.81
CA PRO C 220 41.28 -8.97 15.45
C PRO C 220 40.33 -8.66 16.60
N ARG C 221 40.86 -8.03 17.64
CA ARG C 221 40.06 -7.65 18.79
C ARG C 221 39.26 -6.36 18.56
N TYR C 222 39.45 -5.70 17.42
CA TYR C 222 38.89 -4.38 17.21
C TYR C 222 37.36 -4.39 17.20
N PHE C 223 36.75 -5.48 16.76
CA PHE C 223 35.29 -5.54 16.70
C PHE C 223 34.64 -5.54 18.08
N LEU C 224 35.42 -5.75 19.15
CA LEU C 224 34.86 -5.73 20.49
C LEU C 224 34.44 -4.32 20.91
N GLU C 225 35.06 -3.29 20.32
CA GLU C 225 34.76 -1.91 20.67
C GLU C 225 34.46 -1.02 19.48
N SER C 226 34.78 -1.43 18.25
CA SER C 226 34.66 -0.56 17.10
C SER C 226 33.21 -0.22 16.80
N LEU C 227 33.01 0.98 16.24
CA LEU C 227 31.68 1.38 15.77
C LEU C 227 31.19 0.46 14.67
N SER C 228 32.08 0.00 13.80
CA SER C 228 31.70 -0.89 12.71
C SER C 228 31.21 -2.25 13.21
N GLY C 229 31.61 -2.65 14.41
CA GLY C 229 31.30 -3.97 14.94
C GLY C 229 30.02 -4.09 15.73
N LYS C 230 29.19 -3.05 15.79
CA LYS C 230 27.96 -3.14 16.58
C LYS C 230 27.04 -4.23 16.05
N ASP C 231 26.85 -4.26 14.72
CA ASP C 231 26.00 -5.30 14.13
C ASP C 231 26.58 -6.69 14.38
N LEU C 232 27.89 -6.84 14.23
CA LEU C 232 28.53 -8.13 14.47
C LEU C 232 28.37 -8.54 15.94
N ARG C 233 28.55 -7.60 16.86
CA ARG C 233 28.39 -7.92 18.28
C ARG C 233 26.97 -8.35 18.59
N GLU C 234 25.97 -7.65 18.04
CA GLU C 234 24.58 -8.05 18.25
C GLU C 234 24.31 -9.43 17.67
N TYR C 235 24.84 -9.70 16.47
CA TYR C 235 24.64 -11.00 15.84
C TYR C 235 25.26 -12.11 16.67
N ILE C 236 26.47 -11.90 17.19
CA ILE C 236 27.11 -12.90 18.03
C ILE C 236 26.32 -13.11 19.31
N LYS C 237 25.88 -12.02 19.94
CA LYS C 237 25.14 -12.13 21.19
C LYS C 237 23.82 -12.88 21.00
N SER C 238 23.15 -12.66 19.87
CA SER C 238 21.81 -13.18 19.68
C SER C 238 21.76 -14.61 19.16
N ASN C 239 22.89 -15.19 18.73
CA ASN C 239 22.86 -16.47 18.05
C ASN C 239 23.71 -17.56 18.69
N VAL C 240 24.73 -17.21 19.49
CA VAL C 240 25.58 -18.21 20.11
C VAL C 240 25.74 -17.87 21.59
N ASN C 241 26.06 -18.90 22.37
CA ASN C 241 26.43 -18.74 23.77
C ASN C 241 27.93 -18.47 23.82
N VAL C 242 28.31 -17.22 24.10
CA VAL C 242 29.72 -16.86 24.17
C VAL C 242 30.31 -17.49 25.42
N GLN C 243 31.28 -18.38 25.23
CA GLN C 243 31.85 -19.13 26.34
C GLN C 243 33.08 -18.45 26.93
N GLU C 244 33.98 -17.96 26.08
CA GLU C 244 35.25 -17.43 26.56
C GLU C 244 35.80 -16.39 25.59
N ILE C 245 36.33 -15.31 26.15
CA ILE C 245 37.01 -14.27 25.39
C ILE C 245 38.41 -14.12 25.97
N VAL C 246 39.42 -14.26 25.10
CA VAL C 246 40.81 -14.03 25.47
C VAL C 246 41.26 -12.79 24.71
N ASP C 247 41.53 -11.71 25.44
CA ASP C 247 41.88 -10.43 24.86
C ASP C 247 43.37 -10.17 25.07
N PHE C 248 44.11 -10.07 23.97
CA PHE C 248 45.54 -9.83 24.03
C PHE C 248 45.91 -8.35 24.03
N LEU C 249 44.93 -7.47 23.86
CA LEU C 249 45.07 -6.03 24.10
C LEU C 249 46.35 -5.45 23.50
N GLY C 250 46.45 -5.54 22.18
CA GLY C 250 47.55 -4.88 21.50
C GLY C 250 48.89 -5.56 21.63
N ALA C 251 48.93 -6.76 22.22
CA ALA C 251 50.15 -7.56 22.16
C ALA C 251 50.34 -8.10 20.74
N ASN C 252 51.53 -8.60 20.46
CA ASN C 252 51.90 -9.06 19.13
C ASN C 252 51.90 -10.59 19.12
N ILE C 253 50.78 -11.16 18.69
CA ILE C 253 50.67 -12.62 18.61
C ILE C 253 51.29 -13.12 17.30
N PHE C 254 51.08 -12.40 16.22
CA PHE C 254 51.65 -12.75 14.92
C PHE C 254 52.93 -11.95 14.72
N LYS C 255 54.05 -12.65 14.52
CA LYS C 255 55.34 -12.00 14.41
C LYS C 255 55.40 -11.07 13.20
N ASN C 256 55.86 -9.85 13.42
CA ASN C 256 56.04 -8.83 12.39
C ASN C 256 54.72 -8.44 11.73
N ILE C 257 53.60 -8.71 12.37
CA ILE C 257 52.28 -8.34 11.85
C ILE C 257 51.68 -7.29 12.77
N GLY C 258 51.29 -6.16 12.19
CA GLY C 258 50.72 -5.07 12.97
C GLY C 258 49.24 -5.23 13.23
N VAL C 259 48.88 -6.31 13.94
CA VAL C 259 47.49 -6.59 14.28
C VAL C 259 47.42 -6.94 15.76
N SER C 260 46.26 -6.67 16.37
CA SER C 260 45.98 -7.03 17.75
C SER C 260 44.85 -8.04 17.74
N SER C 261 45.03 -9.15 18.47
CA SER C 261 44.20 -10.32 18.30
C SER C 261 43.41 -10.64 19.56
N CYS C 262 42.30 -11.35 19.36
CA CYS C 262 41.51 -11.93 20.44
C CYS C 262 41.04 -13.31 20.00
N ILE C 263 40.81 -14.17 20.99
CA ILE C 263 40.33 -15.52 20.78
C ILE C 263 38.92 -15.62 21.34
N LEU C 264 37.98 -16.00 20.49
CA LEU C 264 36.57 -16.10 20.86
C LEU C 264 36.14 -17.56 20.77
N THR C 265 35.59 -18.07 21.87
CA THR C 265 35.07 -19.43 21.95
C THR C 265 33.60 -19.37 22.35
N PHE C 266 32.75 -20.01 21.55
CA PHE C 266 31.31 -19.96 21.72
C PHE C 266 30.72 -21.32 21.39
N ASP C 267 29.42 -21.47 21.66
CA ASP C 267 28.74 -22.72 21.39
C ASP C 267 27.24 -22.46 21.19
N LYS C 268 26.57 -23.45 20.61
CA LYS C 268 25.12 -23.42 20.41
C LYS C 268 24.42 -24.43 21.31
N LYS C 269 24.93 -24.64 22.51
CA LYS C 269 24.35 -25.60 23.44
C LYS C 269 23.16 -24.97 24.15
N LYS C 270 22.51 -25.76 25.00
CA LYS C 270 21.40 -25.26 25.80
C LYS C 270 21.88 -24.18 26.74
N THR C 271 21.25 -23.00 26.65
CA THR C 271 21.70 -21.85 27.44
C THR C 271 21.55 -22.12 28.93
N LYS C 272 22.58 -21.78 29.69
CA LYS C 272 22.60 -21.96 31.13
C LYS C 272 22.98 -20.64 31.79
N GLU C 273 22.98 -20.63 33.13
CA GLU C 273 23.32 -19.44 33.89
C GLU C 273 24.81 -19.13 33.89
N THR C 274 25.61 -19.87 33.12
CA THR C 274 27.05 -19.64 33.10
C THR C 274 27.37 -18.29 32.51
N TYR C 275 28.39 -17.64 33.06
CA TYR C 275 28.86 -16.35 32.57
C TYR C 275 29.97 -16.53 31.53
N ILE C 276 30.21 -15.47 30.78
CA ILE C 276 31.34 -15.41 29.86
C ILE C 276 32.62 -15.19 30.67
N ASP C 277 33.61 -16.05 30.44
CA ASP C 277 34.93 -15.89 31.05
C ASP C 277 35.78 -14.98 30.15
N VAL C 278 36.32 -13.91 30.74
CA VAL C 278 37.11 -12.94 29.99
C VAL C 278 38.50 -12.90 30.59
N PHE C 279 39.50 -13.10 29.74
CA PHE C 279 40.91 -12.97 30.10
C PHE C 279 41.49 -11.78 29.35
N LYS C 280 42.01 -10.82 30.09
CA LYS C 280 42.69 -9.66 29.52
C LYS C 280 44.15 -9.66 29.95
N ILE C 281 45.06 -9.51 29.00
CA ILE C 281 46.48 -9.51 29.31
C ILE C 281 46.80 -8.29 30.16
N LYS C 282 47.71 -8.47 31.12
CA LYS C 282 48.08 -7.36 32.01
C LYS C 282 49.25 -6.54 31.47
N ASN C 283 50.20 -7.18 30.78
CA ASN C 283 51.35 -6.48 30.21
C ASN C 283 51.43 -6.83 28.73
N GLU C 284 51.37 -5.82 27.87
CA GLU C 284 51.37 -6.03 26.43
C GLU C 284 52.73 -6.46 25.89
N ASP C 285 53.80 -6.31 26.66
CA ASP C 285 55.15 -6.64 26.22
C ASP C 285 55.46 -8.13 26.33
N ILE C 286 54.45 -8.98 26.47
CA ILE C 286 54.67 -10.42 26.61
C ILE C 286 54.91 -11.04 25.24
N CYS C 287 56.01 -11.75 25.10
CA CYS C 287 56.29 -12.55 23.90
C CYS C 287 55.79 -13.97 24.17
N ILE C 288 54.60 -14.29 23.68
CA ILE C 288 53.97 -15.57 24.01
C ILE C 288 54.63 -16.74 23.32
N ASN C 289 55.47 -16.51 22.31
CA ASN C 289 56.20 -17.60 21.69
C ASN C 289 57.23 -18.23 22.62
N LYS C 290 57.53 -17.58 23.75
CA LYS C 290 58.50 -18.08 24.72
C LYS C 290 57.84 -18.90 25.83
N PHE C 291 56.61 -19.36 25.63
CA PHE C 291 55.89 -20.12 26.64
C PHE C 291 55.42 -21.44 26.05
N GLU C 292 55.37 -22.47 26.91
CA GLU C 292 55.00 -23.80 26.45
C GLU C 292 53.54 -23.86 26.02
N THR C 293 52.64 -23.26 26.79
CA THR C 293 51.21 -23.32 26.52
C THR C 293 50.59 -21.96 26.81
N LEU C 294 49.40 -21.74 26.22
CA LEU C 294 48.63 -20.55 26.54
C LEU C 294 47.93 -20.66 27.88
N GLU C 295 47.59 -21.89 28.30
CA GLU C 295 47.02 -22.09 29.63
C GLU C 295 47.99 -21.65 30.73
N GLU C 296 49.29 -21.77 30.46
CA GLU C 296 50.29 -21.27 31.41
C GLU C 296 50.13 -19.77 31.63
N LEU C 297 49.91 -19.02 30.56
CA LEU C 297 49.75 -17.57 30.68
C LEU C 297 48.39 -17.21 31.27
N LEU C 298 47.34 -17.92 30.87
CA LEU C 298 45.98 -17.54 31.29
C LEU C 298 45.78 -17.73 32.79
N LYS C 299 46.39 -18.76 33.37
CA LYS C 299 46.24 -19.03 34.81
C LYS C 299 47.44 -18.53 35.61
N SER C 300 48.00 -17.38 35.21
CA SER C 300 49.11 -16.77 35.93
C SER C 300 48.77 -15.32 36.21
N SER C 301 49.73 -14.61 36.80
CA SER C 301 49.57 -13.19 37.09
C SER C 301 49.55 -12.32 35.84
N LYS C 302 49.89 -12.88 34.68
CA LYS C 302 49.99 -12.10 33.46
C LYS C 302 48.64 -11.84 32.80
N PHE C 303 47.58 -12.56 33.20
CA PHE C 303 46.24 -12.36 32.67
C PHE C 303 45.27 -12.15 33.82
N GLU C 304 44.43 -11.11 33.71
CA GLU C 304 43.32 -10.92 34.62
C GLU C 304 42.09 -11.61 34.07
N HIS C 305 41.33 -12.23 34.97
CA HIS C 305 40.12 -12.95 34.60
C HIS C 305 38.91 -12.35 35.32
N PHE C 306 37.79 -12.27 34.60
CA PHE C 306 36.54 -11.89 35.24
C PHE C 306 35.36 -12.41 34.44
N ASN C 307 34.21 -12.43 35.09
CA ASN C 307 32.97 -12.96 34.50
C ASN C 307 32.10 -11.81 33.99
N ILE C 308 31.42 -12.05 32.89
CA ILE C 308 30.48 -11.10 32.30
C ILE C 308 29.19 -11.82 31.98
N ASN C 309 28.07 -11.32 32.48
CA ASN C 309 26.77 -11.90 32.18
C ASN C 309 26.38 -11.52 30.76
N GLN C 310 26.18 -12.53 29.90
CA GLN C 310 25.90 -12.26 28.49
C GLN C 310 24.55 -11.57 28.32
N ARG C 311 23.57 -11.91 29.15
CA ARG C 311 22.27 -11.26 29.07
C ARG C 311 22.33 -9.79 29.42
N LEU C 312 23.35 -9.36 30.16
CA LEU C 312 23.49 -7.96 30.56
C LEU C 312 24.22 -7.11 29.54
N LEU C 313 24.67 -7.70 28.43
CA LEU C 313 25.41 -6.94 27.43
C LEU C 313 24.50 -5.99 26.68
N SER C 314 25.00 -4.77 26.46
CA SER C 314 24.31 -3.77 25.65
C SER C 314 24.79 -3.88 24.21
N ASP C 315 24.47 -2.88 23.38
CA ASP C 315 25.07 -2.82 22.06
C ASP C 315 26.59 -2.63 22.15
N GLU C 316 27.06 -2.03 23.23
CA GLU C 316 28.48 -1.96 23.54
C GLU C 316 28.84 -3.04 24.55
N TRP C 317 29.98 -3.69 24.35
CA TRP C 317 30.48 -4.73 25.25
C TRP C 317 31.51 -4.10 26.17
N ILE C 318 31.09 -3.72 27.37
CA ILE C 318 31.99 -3.14 28.36
C ILE C 318 32.50 -4.31 29.20
N LEU C 319 33.63 -4.88 28.76
CA LEU C 319 34.21 -6.05 29.41
C LEU C 319 35.24 -5.58 30.44
N VAL C 320 34.74 -5.18 31.61
CA VAL C 320 35.57 -4.68 32.70
C VAL C 320 35.15 -5.40 33.97
N ASN C 321 35.99 -5.26 35.01
CA ASN C 321 35.69 -5.87 36.29
C ASN C 321 34.66 -5.06 37.05
N LYS C 322 34.32 -5.52 38.26
CA LYS C 322 33.27 -4.86 39.04
C LYS C 322 33.68 -3.46 39.45
N ASP C 323 34.94 -3.27 39.84
CA ASP C 323 35.40 -1.95 40.27
C ASP C 323 35.36 -0.95 39.13
N ASP C 324 35.87 -1.34 37.96
CA ASP C 324 35.81 -0.45 36.80
C ASP C 324 34.38 -0.19 36.37
N GLU C 325 33.51 -1.20 36.48
CA GLU C 325 32.10 -1.00 36.15
C GLU C 325 31.47 0.03 37.07
N THR C 326 31.73 -0.07 38.37
CA THR C 326 31.19 0.90 39.31
C THR C 326 31.72 2.30 39.04
N PHE C 327 33.02 2.42 38.79
CA PHE C 327 33.64 3.71 38.46
C PHE C 327 32.98 4.33 37.23
N TYR C 328 32.87 3.55 36.16
CA TYR C 328 32.30 4.02 34.90
C TYR C 328 30.85 4.43 35.09
N ASN C 329 30.05 3.61 35.79
CA ASN C 329 28.64 3.93 35.97
C ASN C 329 28.44 5.16 36.85
N LYS C 330 29.29 5.32 37.87
CA LYS C 330 29.21 6.53 38.69
C LYS C 330 29.48 7.77 37.86
N ILE C 331 30.52 7.72 37.01
CA ILE C 331 30.81 8.89 36.18
C ILE C 331 29.68 9.13 35.19
N GLN C 332 29.15 8.07 34.59
CA GLN C 332 28.07 8.22 33.60
C GLN C 332 26.83 8.83 34.24
N GLU C 333 26.47 8.37 35.45
CA GLU C 333 25.26 8.89 36.10
C GLU C 333 25.46 10.32 36.57
N LYS C 334 26.65 10.65 37.09
CA LYS C 334 26.84 11.98 37.67
C LYS C 334 26.80 13.07 36.62
N CYS C 335 27.43 12.85 35.46
CA CYS C 335 27.54 13.88 34.45
C CYS C 335 26.25 14.03 33.66
N LYS C 336 25.87 15.28 33.40
CA LYS C 336 24.63 15.59 32.69
C LYS C 336 24.86 16.06 31.26
N TYR C 337 26.11 16.28 30.85
CA TYR C 337 26.43 16.73 29.51
C TYR C 337 27.42 15.77 28.87
N SER C 338 27.51 15.84 27.55
CA SER C 338 28.55 15.16 26.80
C SER C 338 29.22 16.17 25.88
N LEU C 339 30.43 15.83 25.42
CA LEU C 339 31.14 16.72 24.50
C LEU C 339 30.35 16.94 23.22
N GLU C 340 29.56 15.94 22.80
CA GLU C 340 28.70 16.12 21.64
C GLU C 340 27.66 17.18 21.88
N ASP C 341 27.13 17.26 23.11
CA ASP C 341 26.09 18.23 23.42
C ASP C 341 26.61 19.66 23.33
N ILE C 342 27.83 19.90 23.77
CA ILE C 342 28.33 21.26 23.94
C ILE C 342 29.33 21.70 22.88
N ALA C 343 29.82 20.78 22.06
CA ALA C 343 30.91 21.10 21.14
C ALA C 343 30.59 20.62 19.72
N ILE C 344 31.24 21.27 18.76
CA ILE C 344 31.20 20.90 17.36
C ILE C 344 32.57 20.31 17.02
N SER C 345 32.57 19.09 16.49
CA SER C 345 33.76 18.31 16.26
C SER C 345 34.02 18.15 14.76
N PHE C 346 35.29 18.05 14.39
CA PHE C 346 35.63 17.84 12.99
C PHE C 346 37.01 17.22 12.85
N GLN C 347 37.13 16.39 11.81
CA GLN C 347 38.36 15.80 11.33
C GLN C 347 39.14 16.84 10.53
N GLY C 348 40.45 16.65 10.47
CA GLY C 348 41.35 17.60 9.84
C GLY C 348 41.31 17.54 8.32
N ILE C 349 42.20 18.33 7.71
CA ILE C 349 42.31 18.35 6.26
C ILE C 349 42.77 16.98 5.76
N ILE C 350 42.23 16.56 4.63
CA ILE C 350 42.72 15.38 3.91
C ILE C 350 43.06 15.86 2.51
N THR C 351 44.35 16.07 2.25
CA THR C 351 44.79 16.61 0.97
C THR C 351 44.61 15.61 -0.16
N GLY C 352 44.80 14.32 0.13
CA GLY C 352 44.84 13.28 -0.87
C GLY C 352 46.24 12.93 -1.32
N CYS C 353 47.18 13.88 -1.23
CA CYS C 353 48.59 13.60 -1.45
C CYS C 353 49.38 14.65 -0.66
N ASP C 354 49.84 14.26 0.54
CA ASP C 354 50.49 15.22 1.42
C ASP C 354 51.79 15.75 0.84
N LYS C 355 52.52 14.92 0.09
CA LYS C 355 53.80 15.35 -0.47
C LYS C 355 53.65 16.51 -1.45
N ALA C 356 52.46 16.72 -2.00
CA ALA C 356 52.24 17.78 -2.97
C ALA C 356 51.82 19.10 -2.33
N PHE C 357 51.38 19.09 -1.07
CA PHE C 357 50.84 20.30 -0.44
C PHE C 357 51.55 20.70 0.84
N ILE C 358 52.34 19.81 1.45
CA ILE C 358 52.98 20.08 2.73
C ILE C 358 54.46 20.33 2.49
N LEU C 359 54.97 21.44 3.01
CA LEU C 359 56.37 21.79 2.86
C LEU C 359 56.99 22.04 4.24
N SER C 360 58.29 21.77 4.34
CA SER C 360 59.01 22.12 5.55
C SER C 360 59.05 23.63 5.72
N LYS C 361 59.05 24.07 6.99
CA LYS C 361 59.00 25.50 7.26
C LYS C 361 60.20 26.24 6.68
N ASP C 362 61.32 25.54 6.51
CA ASP C 362 62.53 26.14 5.96
C ASP C 362 62.73 25.82 4.48
N ASP C 363 61.73 25.23 3.83
CA ASP C 363 61.85 24.87 2.42
C ASP C 363 61.97 26.11 1.55
N VAL C 364 62.88 26.06 0.58
CA VAL C 364 63.09 27.21 -0.30
C VAL C 364 61.91 27.42 -1.23
N LYS C 365 61.21 26.36 -1.61
CA LYS C 365 60.11 26.47 -2.54
C LYS C 365 58.96 27.31 -2.00
N LEU C 366 58.91 27.50 -0.68
CA LEU C 366 57.90 28.39 -0.11
C LEU C 366 58.07 29.83 -0.57
N ASN C 367 59.23 30.19 -1.13
CA ASN C 367 59.38 31.51 -1.72
C ASN C 367 58.48 31.70 -2.93
N LEU C 368 57.96 30.61 -3.50
CA LEU C 368 57.07 30.69 -4.65
C LEU C 368 55.60 30.86 -4.25
N VAL C 369 55.28 30.74 -2.96
CA VAL C 369 53.89 30.72 -2.50
C VAL C 369 53.63 31.99 -1.70
N ASP C 370 52.58 32.71 -2.07
CA ASP C 370 52.14 33.86 -1.30
C ASP C 370 51.73 33.43 0.11
N ASP C 371 52.07 34.25 1.10
CA ASP C 371 51.80 33.90 2.50
C ASP C 371 50.32 33.77 2.79
N LYS C 372 49.45 34.36 1.96
CA LYS C 372 48.01 34.22 2.18
C LYS C 372 47.56 32.78 1.98
N PHE C 373 48.20 32.04 1.08
CA PHE C 373 47.85 30.64 0.84
C PHE C 373 48.37 29.71 1.92
N LEU C 374 49.35 30.15 2.70
CA LEU C 374 50.06 29.26 3.62
C LEU C 374 49.37 29.19 4.97
N LYS C 375 49.27 27.97 5.51
CA LYS C 375 48.72 27.72 6.83
C LYS C 375 49.73 26.94 7.66
N CYS C 376 49.66 27.09 8.97
CA CYS C 376 50.48 26.27 9.86
C CYS C 376 49.98 24.82 9.84
N TRP C 377 50.91 23.87 9.90
CA TRP C 377 50.58 22.45 9.77
C TRP C 377 51.25 21.68 10.90
N ILE C 378 50.44 21.06 11.75
CA ILE C 378 50.95 20.29 12.88
C ILE C 378 50.58 18.82 12.67
N LYS C 379 51.26 17.97 13.42
CA LYS C 379 51.05 16.53 13.37
C LYS C 379 50.68 16.01 14.75
N SER C 380 50.37 14.71 14.82
CA SER C 380 49.89 14.11 16.06
C SER C 380 50.94 14.22 17.18
N LYS C 381 52.22 14.15 16.84
CA LYS C 381 53.25 14.24 17.87
C LYS C 381 53.42 15.63 18.44
N ASN C 382 52.85 16.65 17.79
CA ASN C 382 52.97 18.01 18.29
C ASN C 382 51.99 18.32 19.42
N ILE C 383 51.04 17.43 19.68
CA ILE C 383 50.01 17.68 20.70
C ILE C 383 50.51 17.16 22.05
N ASN C 384 50.54 18.03 23.04
CA ASN C 384 50.79 17.67 24.42
C ASN C 384 49.53 17.94 25.25
N LYS C 385 49.62 17.65 26.54
CA LYS C 385 48.58 18.09 27.45
C LYS C 385 48.60 19.60 27.56
N TYR C 386 47.45 20.23 27.27
CA TYR C 386 47.11 21.63 27.43
C TYR C 386 47.72 22.56 26.37
N ILE C 387 48.68 22.12 25.55
CA ILE C 387 49.36 23.02 24.61
C ILE C 387 49.83 22.22 23.40
N VAL C 388 50.17 22.95 22.34
CA VAL C 388 50.61 22.39 21.06
C VAL C 388 52.02 22.89 20.78
N ASP C 389 52.87 21.99 20.28
CA ASP C 389 54.20 22.41 19.84
C ASP C 389 54.12 23.36 18.65
N LYS C 390 55.12 24.22 18.54
CA LYS C 390 55.19 25.12 17.40
C LYS C 390 55.30 24.32 16.11
N SER C 391 54.51 24.72 15.10
CA SER C 391 54.48 23.99 13.85
C SER C 391 55.80 24.11 13.11
N GLU C 392 56.20 23.02 12.45
CA GLU C 392 57.39 23.00 11.62
C GLU C 392 57.07 22.77 10.15
N TYR C 393 55.78 22.78 9.78
CA TYR C 393 55.36 22.54 8.41
C TYR C 393 54.34 23.59 7.98
N ARG C 394 54.26 23.80 6.67
CA ARG C 394 53.31 24.72 6.07
C ARG C 394 52.44 23.97 5.07
N LEU C 395 51.14 24.24 5.12
CA LEU C 395 50.17 23.68 4.19
C LEU C 395 49.82 24.72 3.15
N ILE C 396 49.90 24.33 1.88
CA ILE C 396 49.47 25.16 0.76
C ILE C 396 47.99 24.92 0.58
N TYR C 397 47.16 25.89 1.00
CA TYR C 397 45.71 25.77 0.87
C TYR C 397 45.34 26.15 -0.55
N SER C 398 45.53 25.19 -1.47
CA SER C 398 45.39 25.43 -2.89
C SER C 398 43.96 25.74 -3.32
N ASN C 399 42.97 25.50 -2.46
CA ASN C 399 41.59 25.84 -2.80
C ASN C 399 41.38 27.34 -2.97
N ASP C 400 42.29 28.16 -2.42
CA ASP C 400 42.17 29.62 -2.54
C ASP C 400 42.71 30.15 -3.86
N ILE C 401 43.26 29.29 -4.72
CA ILE C 401 43.68 29.71 -6.06
C ILE C 401 42.46 29.63 -6.97
N ASP C 402 42.12 30.76 -7.59
CA ASP C 402 40.88 30.84 -8.36
C ASP C 402 40.89 29.86 -9.53
N ASN C 403 41.96 29.88 -10.33
CA ASN C 403 42.08 28.98 -11.47
C ASN C 403 43.56 28.73 -11.72
N GLU C 404 43.87 28.11 -12.86
CA GLU C 404 45.25 27.77 -13.20
C GLU C 404 46.01 28.93 -13.82
N ASN C 405 45.35 30.02 -14.18
CA ASN C 405 45.98 31.13 -14.90
C ASN C 405 46.43 32.26 -13.99
N THR C 406 46.29 32.13 -12.67
CA THR C 406 46.67 33.17 -11.73
C THR C 406 48.01 32.92 -11.07
N ASN C 407 48.21 31.72 -10.53
CA ASN C 407 49.42 31.35 -9.79
C ASN C 407 50.03 30.08 -10.37
N LYS C 408 50.23 30.09 -11.69
CA LYS C 408 50.65 28.88 -12.40
C LYS C 408 51.99 28.36 -11.91
N ARG C 409 52.85 29.23 -11.39
CA ARG C 409 54.17 28.78 -10.94
C ARG C 409 54.06 27.82 -9.77
N ILE C 410 53.13 28.09 -8.84
CA ILE C 410 52.91 27.19 -7.71
C ILE C 410 52.49 25.80 -8.20
N LEU C 411 51.56 25.77 -9.15
CA LEU C 411 51.07 24.49 -9.68
C LEU C 411 52.17 23.76 -10.42
N ASP C 412 52.99 24.48 -11.19
CA ASP C 412 54.01 23.82 -12.01
C ASP C 412 55.16 23.30 -11.17
N GLU C 413 55.62 24.08 -10.18
CA GLU C 413 56.85 23.75 -9.49
C GLU C 413 56.66 22.95 -8.21
N ILE C 414 55.46 22.94 -7.63
CA ILE C 414 55.26 22.27 -6.35
C ILE C 414 54.19 21.19 -6.45
N ILE C 415 52.95 21.60 -6.74
CA ILE C 415 51.83 20.66 -6.72
C ILE C 415 51.91 19.70 -7.90
N GLY C 416 52.15 20.24 -9.09
CA GLY C 416 52.09 19.44 -10.32
C GLY C 416 53.07 18.29 -10.35
N LEU C 417 54.08 18.31 -9.48
CA LEU C 417 55.01 17.19 -9.40
C LEU C 417 54.28 15.88 -9.13
N TYR C 418 53.15 15.93 -8.44
CA TYR C 418 52.35 14.74 -8.16
C TYR C 418 51.04 14.73 -8.94
N LYS C 419 50.97 15.50 -10.03
CA LYS C 419 49.71 15.72 -10.75
C LYS C 419 49.04 14.39 -11.10
N THR C 420 49.80 13.45 -11.64
CA THR C 420 49.23 12.16 -12.01
C THR C 420 48.49 11.53 -10.84
N LYS C 421 49.14 11.43 -9.69
CA LYS C 421 48.49 10.87 -8.52
C LYS C 421 47.28 11.72 -8.13
N LEU C 422 47.44 13.04 -8.18
CA LEU C 422 46.33 13.93 -7.86
C LEU C 422 45.16 13.71 -8.81
N GLU C 423 45.44 13.36 -10.07
CA GLU C 423 44.37 13.12 -11.03
C GLU C 423 43.67 11.79 -10.80
N ASN C 424 44.24 10.90 -10.00
CA ASN C 424 43.63 9.60 -9.74
C ASN C 424 42.71 9.62 -8.52
N ARG C 425 42.65 10.73 -7.79
CA ARG C 425 41.71 10.84 -6.67
C ARG C 425 40.28 10.80 -7.18
N ARG C 426 39.38 10.28 -6.34
CA ARG C 426 38.02 9.99 -6.79
C ARG C 426 37.29 11.24 -7.25
N GLU C 427 37.40 12.33 -6.49
CA GLU C 427 36.66 13.54 -6.82
C GLU C 427 37.24 14.25 -8.05
N CYS C 428 38.50 14.01 -8.38
CA CYS C 428 39.05 14.55 -9.63
C CYS C 428 38.56 13.76 -10.83
N LYS C 429 38.48 12.43 -10.70
CA LYS C 429 37.99 11.60 -11.81
C LYS C 429 36.53 11.91 -12.11
N SER C 430 35.73 12.22 -11.09
CA SER C 430 34.33 12.59 -11.30
C SER C 430 34.17 14.03 -11.75
N GLY C 431 35.24 14.83 -11.74
CA GLY C 431 35.19 16.18 -12.27
C GLY C 431 34.68 17.24 -11.34
N ILE C 432 34.38 16.91 -10.08
CA ILE C 432 33.90 17.91 -9.13
C ILE C 432 35.04 18.56 -8.35
N ARG C 433 36.28 18.11 -8.55
CA ARG C 433 37.43 18.68 -7.87
C ARG C 433 38.55 18.85 -8.88
N LYS C 434 39.17 20.03 -8.89
CA LYS C 434 40.30 20.29 -9.77
C LYS C 434 41.53 19.51 -9.29
N TRP C 435 42.43 19.22 -10.23
CA TRP C 435 43.56 18.34 -9.92
C TRP C 435 44.47 18.93 -8.86
N TYR C 436 44.58 20.26 -8.79
CA TYR C 436 45.46 20.89 -7.82
C TYR C 436 44.79 21.22 -6.50
N GLU C 437 43.48 21.05 -6.39
CA GLU C 437 42.77 21.39 -5.17
C GLU C 437 42.92 20.29 -4.12
N LEU C 438 42.78 20.68 -2.86
CA LEU C 438 42.75 19.71 -1.77
C LEU C 438 41.51 18.84 -1.90
N GLN C 439 41.66 17.54 -1.63
CA GLN C 439 40.54 16.61 -1.80
C GLN C 439 39.41 16.92 -0.82
N TRP C 440 39.74 17.08 0.45
CA TRP C 440 38.77 17.49 1.48
C TRP C 440 39.39 18.65 2.25
N GLY C 441 39.15 19.87 1.77
CA GLY C 441 39.70 21.06 2.38
C GLY C 441 38.95 21.58 3.58
N ARG C 442 37.83 20.97 3.93
CA ARG C 442 37.03 21.32 5.12
C ARG C 442 36.63 22.79 5.01
N GLU C 443 36.53 23.46 6.15
CA GLU C 443 36.21 24.88 6.21
C GLU C 443 37.33 25.61 6.95
N LYS C 444 37.86 26.66 6.33
CA LYS C 444 38.94 27.42 6.97
C LYS C 444 38.49 28.04 8.28
N LEU C 445 37.23 28.50 8.34
CA LEU C 445 36.73 29.15 9.54
C LEU C 445 36.68 28.21 10.73
N PHE C 446 36.68 26.90 10.51
CA PHE C 446 36.69 25.96 11.63
C PHE C 446 38.07 25.87 12.27
N PHE C 447 39.13 25.94 11.47
CA PHE C 447 40.50 25.82 11.97
C PHE C 447 41.05 27.14 12.48
N GLU C 448 40.73 28.25 11.81
CA GLU C 448 41.28 29.56 12.16
C GLU C 448 40.42 30.19 13.26
N ARG C 449 40.52 29.59 14.44
CA ARG C 449 39.79 30.03 15.63
C ARG C 449 40.34 29.28 16.82
N LYS C 450 40.04 29.77 18.02
CA LYS C 450 40.40 29.07 19.23
C LYS C 450 39.62 27.76 19.31
N LYS C 451 40.33 26.67 19.59
CA LYS C 451 39.73 25.34 19.55
C LYS C 451 40.59 24.40 20.37
N ILE C 452 40.12 23.16 20.52
CA ILE C 452 40.85 22.10 21.21
C ILE C 452 41.18 21.02 20.20
N MET C 453 42.43 20.55 20.23
CA MET C 453 42.92 19.54 19.33
C MET C 453 43.49 18.37 20.13
N TYR C 454 43.39 17.17 19.55
CA TYR C 454 43.95 15.98 20.18
C TYR C 454 44.39 14.99 19.12
N PRO C 455 45.45 14.23 19.36
CA PRO C 455 45.89 13.24 18.37
C PRO C 455 44.87 12.12 18.23
N TYR C 456 44.80 11.58 17.01
CA TYR C 456 43.83 10.52 16.73
C TYR C 456 44.25 9.18 17.31
N LYS C 457 45.52 9.02 17.64
CA LYS C 457 46.04 7.80 18.26
C LYS C 457 47.10 8.20 19.28
N SER C 458 46.92 7.74 20.51
CA SER C 458 47.83 8.14 21.58
C SER C 458 47.75 7.12 22.70
N ASN C 459 48.74 7.19 23.60
CA ASN C 459 48.79 6.34 24.79
C ASN C 459 47.98 6.90 25.95
N GLU C 460 47.58 8.17 25.89
CA GLU C 460 46.93 8.82 27.01
C GLU C 460 46.11 10.00 26.49
N ASN C 461 45.28 10.55 27.37
CA ASN C 461 44.51 11.74 27.03
C ASN C 461 45.44 12.92 26.86
N ARG C 462 45.42 13.53 25.67
CA ARG C 462 46.24 14.72 25.38
C ARG C 462 45.34 15.68 24.58
N PHE C 463 44.64 16.55 25.31
CA PHE C 463 43.79 17.57 24.73
C PHE C 463 44.42 18.94 24.96
N ALA C 464 44.60 19.70 23.88
CA ALA C 464 45.34 20.95 23.95
C ALA C 464 44.51 22.08 23.35
N ILE C 465 44.69 23.28 23.90
CA ILE C 465 44.10 24.49 23.34
C ILE C 465 45.04 25.02 22.26
N ASP C 466 44.49 25.26 21.08
CA ASP C 466 45.25 25.82 19.96
C ASP C 466 44.98 27.32 19.87
N TYR C 467 46.04 28.12 19.95
CA TYR C 467 45.94 29.57 19.87
C TYR C 467 46.43 30.13 18.55
N ASP C 468 46.98 29.30 17.66
CA ASP C 468 47.73 29.77 16.51
C ASP C 468 47.10 29.38 15.17
N ASN C 469 45.81 29.05 15.16
CA ASN C 469 45.09 28.68 13.94
C ASN C 469 45.82 27.57 13.19
N ASN C 470 46.00 26.45 13.89
CA ASN C 470 46.75 25.32 13.34
C ASN C 470 45.84 24.45 12.48
N PHE C 471 46.31 24.13 11.29
CA PHE C 471 45.70 23.13 10.44
C PHE C 471 46.42 21.80 10.62
N SER C 472 45.71 20.70 10.36
CA SER C 472 46.29 19.38 10.54
C SER C 472 45.62 18.40 9.61
N SER C 473 46.27 17.24 9.44
CA SER C 473 45.68 16.14 8.68
C SER C 473 44.68 15.41 9.58
N ALA C 474 44.23 14.24 9.14
CA ALA C 474 43.28 13.46 9.91
C ALA C 474 43.91 12.76 11.11
N ASP C 475 45.21 12.94 11.33
CA ASP C 475 45.86 12.40 12.52
C ASP C 475 45.64 13.27 13.74
N VAL C 476 44.99 14.42 13.60
CA VAL C 476 44.62 15.28 14.71
C VAL C 476 43.16 15.70 14.53
N TYR C 477 42.36 15.54 15.58
CA TYR C 477 40.96 15.94 15.56
C TYR C 477 40.79 17.22 16.34
N SER C 478 39.76 18.00 15.98
CA SER C 478 39.53 19.29 16.62
C SER C 478 38.06 19.41 17.01
N PHE C 479 37.81 20.26 18.01
CA PHE C 479 36.45 20.67 18.30
C PHE C 479 36.47 22.07 18.92
N PHE C 480 35.32 22.73 18.84
CA PHE C 480 35.16 24.03 19.48
C PHE C 480 33.79 24.08 20.16
N ILE C 481 33.71 24.86 21.23
CA ILE C 481 32.49 24.94 22.02
C ILE C 481 31.43 25.72 21.26
N LYS C 482 30.20 25.23 21.31
CA LYS C 482 29.08 25.92 20.68
C LYS C 482 28.86 27.28 21.34
N GLU C 483 28.28 28.21 20.58
CA GLU C 483 28.00 29.54 21.12
C GLU C 483 27.01 29.47 22.27
N GLU C 484 25.99 28.63 22.15
CA GLU C 484 24.97 28.52 23.19
C GLU C 484 25.48 27.84 24.46
N TYR C 485 26.66 27.23 24.43
CA TYR C 485 27.23 26.57 25.60
C TYR C 485 28.47 27.27 26.13
N LEU C 486 28.91 28.37 25.51
CA LEU C 486 29.99 29.16 26.09
C LEU C 486 29.60 29.77 27.42
N ASP C 487 28.29 29.82 27.71
CA ASP C 487 27.83 30.29 29.01
C ASP C 487 28.33 29.39 30.13
N LYS C 488 28.31 28.08 29.93
CA LYS C 488 28.60 27.13 31.00
C LYS C 488 29.99 26.56 30.96
N PHE C 489 30.63 26.48 29.80
CA PHE C 489 31.91 25.78 29.67
C PHE C 489 32.93 26.66 28.96
N SER C 490 34.18 26.58 29.43
CA SER C 490 35.31 27.25 28.82
C SER C 490 36.32 26.21 28.35
N TYR C 491 37.20 26.63 27.44
CA TYR C 491 38.23 25.73 26.93
C TYR C 491 39.20 25.33 28.02
N GLU C 492 39.56 26.26 28.91
CA GLU C 492 40.50 25.96 29.98
C GLU C 492 39.95 24.89 30.91
N TYR C 493 38.69 25.02 31.31
CA TYR C 493 38.07 24.01 32.16
C TYR C 493 38.01 22.65 31.47
N LEU C 494 37.66 22.65 30.17
CA LEU C 494 37.56 21.41 29.43
C LEU C 494 38.91 20.70 29.35
N VAL C 495 39.98 21.43 29.00
CA VAL C 495 41.28 20.78 28.92
C VAL C 495 41.77 20.38 30.31
N GLY C 496 41.37 21.11 31.35
CA GLY C 496 41.72 20.71 32.69
C GLY C 496 41.12 19.36 33.07
N ILE C 497 39.82 19.18 32.80
CA ILE C 497 39.20 17.93 33.22
C ILE C 497 39.51 16.79 32.26
N LEU C 498 39.74 17.08 30.98
CA LEU C 498 39.97 16.03 30.00
C LEU C 498 41.37 15.44 30.11
N ASN C 499 42.34 16.21 30.60
CA ASN C 499 43.69 15.72 30.80
C ASN C 499 43.93 15.10 32.17
N SER C 500 42.90 15.06 33.02
CA SER C 500 43.04 14.52 34.36
C SER C 500 43.13 12.99 34.31
N SER C 501 43.71 12.43 35.38
CA SER C 501 43.84 10.99 35.49
C SER C 501 42.47 10.32 35.52
N VAL C 502 41.51 10.94 36.20
CA VAL C 502 40.15 10.40 36.27
C VAL C 502 39.59 10.20 34.87
N TYR C 503 39.69 11.23 34.03
CA TYR C 503 39.15 11.12 32.68
C TYR C 503 40.00 10.25 31.77
N ASP C 504 41.31 10.16 32.03
CA ASP C 504 42.12 9.21 31.29
C ASP C 504 41.63 7.78 31.50
N LYS C 505 41.47 7.38 32.76
CA LYS C 505 40.93 6.05 33.06
C LYS C 505 39.51 5.89 32.52
N TYR C 506 38.68 6.93 32.69
CA TYR C 506 37.28 6.86 32.27
C TYR C 506 37.17 6.64 30.77
N PHE C 507 37.96 7.38 29.98
CA PHE C 507 37.94 7.16 28.53
C PHE C 507 38.50 5.79 28.18
N LYS C 508 39.60 5.39 28.81
CA LYS C 508 40.21 4.11 28.46
C LYS C 508 39.35 2.92 28.87
N ILE C 509 38.32 3.11 29.68
CA ILE C 509 37.43 2.00 30.00
C ILE C 509 36.77 1.43 28.74
N THR C 510 36.29 2.30 27.86
CA THR C 510 35.62 1.88 26.63
C THR C 510 36.38 2.25 25.37
N ALA C 511 37.62 2.71 25.50
CA ALA C 511 38.38 3.12 24.33
C ALA C 511 38.76 1.93 23.47
N LYS C 512 39.02 2.20 22.19
CA LYS C 512 39.36 1.18 21.21
C LYS C 512 40.87 0.95 21.22
N LYS C 513 41.30 -0.23 21.70
CA LYS C 513 42.72 -0.54 21.80
C LYS C 513 43.23 -0.98 20.44
N MET C 514 44.18 -0.23 19.88
CA MET C 514 44.67 -0.47 18.53
C MET C 514 45.96 -1.30 18.52
N SER C 515 46.99 -0.81 19.18
CA SER C 515 48.28 -1.50 19.21
C SER C 515 48.92 -1.24 20.57
N LYS C 516 50.16 -1.67 20.73
CA LYS C 516 50.84 -1.54 22.01
C LYS C 516 50.97 -0.08 22.41
N ASN C 517 50.33 0.28 23.52
CA ASN C 517 50.34 1.63 24.08
C ASN C 517 49.71 2.65 23.12
N ILE C 518 48.69 2.24 22.35
CA ILE C 518 48.00 3.14 21.44
C ILE C 518 46.50 2.88 21.52
N TYR C 519 45.73 3.92 21.84
CA TYR C 519 44.28 3.88 21.77
C TYR C 519 43.81 4.80 20.65
N ASP C 520 42.70 4.41 20.03
CA ASP C 520 42.03 5.30 19.08
C ASP C 520 41.37 6.44 19.84
N TYR C 521 41.75 7.67 19.50
CA TYR C 521 41.08 8.87 20.02
C TYR C 521 40.33 9.50 18.85
N TYR C 522 39.12 8.99 18.61
CA TYR C 522 38.28 9.38 17.50
C TYR C 522 36.99 10.02 18.03
N PRO C 523 36.35 10.89 17.25
CA PRO C 523 35.12 11.52 17.72
C PRO C 523 34.03 10.52 18.08
N ASN C 524 33.96 9.38 17.41
CA ASN C 524 32.86 8.44 17.66
C ASN C 524 32.87 7.90 19.08
N LYS C 525 33.99 8.05 19.81
CA LYS C 525 34.03 7.78 21.23
C LYS C 525 34.40 8.98 22.08
N VAL C 526 35.27 9.87 21.58
CA VAL C 526 35.67 11.05 22.36
C VAL C 526 34.48 11.99 22.57
N MET C 527 33.65 12.18 21.54
CA MET C 527 32.50 13.06 21.68
C MET C 527 31.41 12.51 22.60
N LYS C 528 31.51 11.24 22.98
CA LYS C 528 30.59 10.65 23.96
C LYS C 528 31.12 10.76 25.38
N ILE C 529 32.30 11.34 25.58
CA ILE C 529 32.79 11.60 26.94
C ILE C 529 31.85 12.56 27.64
N ARG C 530 31.44 12.20 28.85
CA ARG C 530 30.45 12.98 29.58
C ARG C 530 31.13 13.98 30.50
N ILE C 531 30.53 15.17 30.61
CA ILE C 531 31.11 16.32 31.29
C ILE C 531 30.20 16.74 32.44
N PHE C 532 30.81 17.11 33.57
CA PHE C 532 30.08 17.58 34.73
C PHE C 532 30.33 19.07 34.92
N ARG C 533 29.51 19.69 35.76
CA ARG C 533 29.64 21.10 36.08
C ARG C 533 29.02 21.35 37.45
N ASP C 534 29.83 21.78 38.42
CA ASP C 534 29.33 22.03 39.76
C ASP C 534 30.17 23.14 40.39
N ASN C 535 30.11 23.26 41.71
CA ASN C 535 30.77 24.34 42.44
C ASN C 535 32.30 24.27 42.38
N ASN C 536 32.87 23.14 41.95
CA ASN C 536 34.32 23.05 41.80
C ASN C 536 34.81 23.59 40.46
N TYR C 537 33.91 24.15 39.64
CA TYR C 537 34.28 24.61 38.31
C TYR C 537 35.36 25.70 38.37
N GLU C 538 35.18 26.69 39.25
CA GLU C 538 36.05 27.85 39.24
C GLU C 538 37.50 27.48 39.57
N GLU C 539 37.70 26.68 40.63
CA GLU C 539 39.06 26.34 41.01
C GLU C 539 39.71 25.38 40.02
N ILE C 540 38.92 24.48 39.41
CA ILE C 540 39.46 23.63 38.36
C ILE C 540 39.95 24.47 37.19
N GLU C 541 39.14 25.46 36.78
CA GLU C 541 39.54 26.34 35.68
C GLU C 541 40.79 27.14 36.06
N ASN C 542 40.85 27.63 37.30
CA ASN C 542 42.02 28.39 37.74
C ASN C 542 43.28 27.54 37.72
N LEU C 543 43.18 26.29 38.21
CA LEU C 543 44.33 25.40 38.19
C LEU C 543 44.77 25.10 36.76
N SER C 544 43.81 24.89 35.85
CA SER C 544 44.16 24.66 34.45
C SER C 544 44.87 25.86 33.85
N LYS C 545 44.39 27.08 34.16
CA LYS C 545 45.05 28.28 33.67
C LYS C 545 46.47 28.40 34.22
N GLN C 546 46.66 28.07 35.50
CA GLN C 546 48.00 28.09 36.07
C GLN C 546 48.92 27.08 35.38
N ILE C 547 48.40 25.88 35.11
CA ILE C 547 49.19 24.85 34.43
C ILE C 547 49.60 25.33 33.05
N ILE C 548 48.67 25.94 32.31
CA ILE C 548 48.98 26.45 30.98
C ILE C 548 50.04 27.55 31.07
N SER C 549 49.88 28.46 32.03
CA SER C 549 50.84 29.55 32.18
C SER C 549 52.24 29.01 32.46
N ILE C 550 52.34 28.00 33.33
CA ILE C 550 53.65 27.40 33.59
C ILE C 550 54.19 26.73 32.33
N LEU C 551 53.34 25.99 31.62
CA LEU C 551 53.78 25.28 30.42
C LEU C 551 54.23 26.22 29.31
N LEU C 552 53.80 27.49 29.36
CA LEU C 552 54.15 28.43 28.29
C LEU C 552 55.38 29.29 28.58
N ASN C 553 55.84 29.36 29.83
CA ASN C 553 56.98 30.21 30.14
C ASN C 553 58.29 29.47 29.87
N LYS C 554 59.41 30.19 30.05
CA LYS C 554 60.72 29.62 29.74
C LYS C 554 61.14 28.60 30.79
N SER C 555 61.19 29.01 32.05
CA SER C 555 61.65 28.15 33.15
C SER C 555 60.45 27.36 33.65
N ILE C 556 60.26 26.16 33.10
CA ILE C 556 59.15 25.30 33.45
C ILE C 556 59.56 24.39 34.61
N ASP C 557 58.75 24.39 35.67
CA ASP C 557 58.97 23.51 36.81
C ASP C 557 57.97 22.36 36.72
N LYS C 558 58.48 21.15 36.54
CA LYS C 558 57.61 19.97 36.42
C LYS C 558 56.88 19.70 37.73
N GLY C 559 57.54 19.91 38.87
CA GLY C 559 56.91 19.62 40.15
C GLY C 559 55.71 20.50 40.43
N LYS C 560 55.80 21.79 40.07
CA LYS C 560 54.66 22.68 40.25
C LYS C 560 53.47 22.24 39.41
N VAL C 561 53.72 21.86 38.16
CA VAL C 561 52.65 21.37 37.30
C VAL C 561 52.03 20.11 37.89
N GLU C 562 52.88 19.20 38.40
CA GLU C 562 52.37 17.96 38.98
C GLU C 562 51.50 18.24 40.19
N LYS C 563 51.93 19.15 41.06
CA LYS C 563 51.14 19.48 42.24
C LYS C 563 49.80 20.10 41.86
N LEU C 564 49.81 21.02 40.89
CA LEU C 564 48.56 21.62 40.43
C LEU C 564 47.63 20.56 39.84
N GLN C 565 48.20 19.64 39.04
CA GLN C 565 47.40 18.57 38.44
C GLN C 565 46.80 17.67 39.51
N ILE C 566 47.57 17.36 40.55
CA ILE C 566 47.06 16.51 41.63
C ILE C 566 45.92 17.20 42.36
N LYS C 567 46.06 18.50 42.64
CA LYS C 567 44.97 19.23 43.28
C LYS C 567 43.72 19.23 42.40
N MET C 568 43.90 19.43 41.09
CA MET C 568 42.76 19.39 40.18
C MET C 568 42.11 18.02 40.16
N ASP C 569 42.92 16.95 40.16
CA ASP C 569 42.37 15.60 40.18
C ASP C 569 41.58 15.34 41.46
N ASN C 570 42.09 15.84 42.59
CA ASN C 570 41.35 15.70 43.84
C ASN C 570 40.01 16.42 43.77
N LEU C 571 40.00 17.63 43.19
CA LEU C 571 38.73 18.34 43.02
C LEU C 571 37.77 17.56 42.13
N ILE C 572 38.28 16.98 41.04
CA ILE C 572 37.42 16.23 40.13
C ILE C 572 36.85 14.99 40.81
N MET C 573 37.68 14.30 41.59
CA MET C 573 37.20 13.12 42.33
C MET C 573 36.16 13.52 43.37
N ASP C 574 36.36 14.66 44.03
CA ASP C 574 35.33 15.17 44.94
C ASP C 574 34.03 15.45 44.20
N SER C 575 34.13 16.04 43.00
CA SER C 575 32.95 16.37 42.23
C SER C 575 32.19 15.12 41.81
N LEU C 576 32.90 14.11 41.32
CA LEU C 576 32.26 12.93 40.78
C LEU C 576 32.01 11.85 41.82
N GLY C 577 32.33 12.10 43.09
CA GLY C 577 32.12 11.10 44.11
C GLY C 577 32.98 9.86 43.97
N ILE C 578 34.08 9.95 43.25
CA ILE C 578 34.96 8.81 43.04
C ILE C 578 35.72 8.53 44.33
N SAH J . -42.09 -31.74 -3.70
CA SAH J . -43.27 -31.39 -2.94
CB SAH J . -43.03 -30.15 -2.09
CG SAH J . -42.70 -28.90 -2.91
SD SAH J . -42.53 -27.44 -1.94
C SAH J . -44.43 -31.15 -3.86
O SAH J . -44.19 -30.93 -5.07
OXT SAH J . -45.59 -31.19 -3.38
C5' SAH J . -40.79 -27.28 -1.80
C4' SAH J . -40.22 -27.85 -0.49
O4' SAH J . -38.81 -27.68 -0.48
C3' SAH J . -40.76 -27.12 0.77
O3' SAH J . -41.53 -28.03 1.55
C2' SAH J . -39.49 -26.70 1.54
O2' SAH J . -39.62 -27.08 2.91
C1' SAH J . -38.44 -27.57 0.87
N9 SAH J . -37.10 -26.94 0.96
C8 SAH J . -36.84 -25.63 0.92
N7 SAH J . -35.50 -25.42 1.02
C5 SAH J . -34.94 -26.64 1.14
C6 SAH J . -33.54 -27.11 1.29
N6 SAH J . -32.51 -26.22 1.33
N1 SAH J . -33.31 -28.43 1.38
C2 SAH J . -34.36 -29.24 1.33
N3 SAH J . -35.63 -28.92 1.20
C4 SAH J . -35.95 -27.60 1.10
C1 EDO K . -34.01 -22.15 2.36
O1 EDO K . -34.99 -23.15 2.09
C2 EDO K . -33.04 -22.04 1.19
O2 EDO K . -32.40 -23.31 0.98
N SAH L . 4.34 19.41 17.61
CA SAH L . 5.70 18.90 17.51
CB SAH L . 5.72 17.50 16.93
CG SAH L . 5.26 17.47 15.48
SD SAH L . 5.35 15.86 14.74
C SAH L . 6.53 19.82 16.66
O SAH L . 5.94 20.68 15.96
OXT SAH L . 7.77 19.68 16.68
C5' SAH L . 3.70 15.26 14.95
C4' SAH L . 3.49 14.47 16.23
O4' SAH L . 2.14 14.03 16.33
C3' SAH L . 4.36 13.18 16.29
O3' SAH L . 5.20 13.24 17.45
C2' SAH L . 3.33 12.04 16.47
O2' SAH L . 3.81 11.13 17.46
C1' SAH L . 2.15 12.81 17.01
N9 SAH L . 0.86 12.10 16.74
C8 SAH L . 0.59 11.29 15.71
N7 SAH L . -0.68 10.83 15.81
C5 SAH L . -1.18 11.37 16.95
C6 SAH L . -2.49 11.25 17.63
N6 SAH L . -3.48 10.49 17.10
N1 SAH L . -2.68 11.93 18.78
C2 SAH L . -1.67 12.66 19.23
N3 SAH L . -0.47 12.82 18.70
C4 SAH L . -0.20 12.16 17.54
C1 EDO M . -1.60 7.92 13.39
O1 EDO M . -0.76 8.37 14.45
C2 EDO M . -3.03 7.77 13.93
O2 EDO M . -3.48 9.02 14.45
C1 EDO N . -14.43 17.82 22.97
O1 EDO N . -14.30 17.56 21.57
C2 EDO N . -14.47 16.49 23.73
O2 EDO N . -13.28 15.75 23.46
C1 EDO O . -17.51 40.77 -13.32
O1 EDO O . -18.75 40.11 -13.56
C2 EDO O . -16.73 40.90 -14.62
O2 EDO O . -15.43 41.44 -14.36
C1 EDO P . 8.75 38.14 44.31
O1 EDO P . 8.48 37.82 45.69
C2 EDO P . 10.25 37.98 44.06
O2 EDO P . 10.67 36.69 44.49
N SAH Q . 43.62 -20.91 9.33
CA SAH Q . 45.01 -20.98 8.91
CB SAH Q . 45.24 -20.06 7.69
CG SAH Q . 44.96 -18.60 8.02
SD SAH Q . 45.25 -17.53 6.65
C SAH Q . 45.93 -20.58 10.03
O SAH Q . 45.44 -19.94 10.99
OXT SAH Q . 47.13 -20.92 9.97
C5' SAH Q . 43.64 -17.34 5.97
C4' SAH Q . 43.41 -18.17 4.70
O4' SAH Q . 42.10 -17.92 4.20
C3' SAH Q . 44.39 -17.82 3.57
O3' SAH Q . 45.03 -19.02 3.11
C2' SAH Q . 43.49 -17.25 2.45
O2' SAH Q . 43.95 -17.73 1.19
C1' SAH Q . 42.17 -17.90 2.79
N9 SAH Q . 41.03 -17.12 2.23
C8 SAH Q . 41.04 -15.81 1.92
N7 SAH Q . 39.83 -15.45 1.44
C5 SAH Q . 39.07 -16.56 1.47
C6 SAH Q . 37.65 -16.84 1.08
N6 SAH Q . 36.86 -15.85 0.59
N1 SAH Q . 37.18 -18.10 1.23
C2 SAH Q . 38.01 -19.01 1.72
N3 SAH Q . 39.27 -18.85 2.09
C4 SAH Q . 39.83 -17.61 1.97
C1 EDO R . 39.54 -12.21 -0.35
O1 EDO R . 40.09 -13.53 -0.41
C2 EDO R . 38.06 -12.25 -0.74
O2 EDO R . 37.35 -13.12 0.14
C1 EDO S . -26.11 3.22 -19.53
O1 EDO S . -25.47 2.86 -20.76
C2 EDO S . -25.83 4.68 -19.20
O2 EDO S . -26.56 5.08 -18.03
C1 EDO T . 9.09 19.74 -15.69
O1 EDO T . 7.74 19.71 -15.21
C2 EDO T . 9.85 18.52 -15.18
O2 EDO T . 9.34 17.34 -15.82
C1 EDO U . 49.10 6.31 8.31
O1 EDO U . 50.37 5.71 8.57
C2 EDO U . 48.16 5.27 7.70
O2 EDO U . 47.87 4.27 8.67
#